data_5F6J
#
_entry.id   5F6J
#
_cell.length_a   162.902
_cell.length_b   162.902
_cell.length_c   229.854
_cell.angle_alpha   90.000
_cell.angle_beta   90.000
_cell.angle_gamma   120.000
#
_symmetry.space_group_name_H-M   'P 64'
#
loop_
_entity.id
_entity.type
_entity.pdbx_description
1 polymer 'ENVELOPE GLYCOPROTEIN GP120 of HIV-1 clade C'
2 polymer 'DH427 Antibody Light Chain'
3 polymer 'DH427 Antibody Heavy Chain'
#
loop_
_entity_poly.entity_id
_entity_poly.type
_entity_poly.pdbx_seq_one_letter_code
_entity_poly.pdbx_strand_id
1 'polypeptide(L)'
;VWKEAKTTLFCASDAKAYEREVHNVWATHACVPTDPNPQEMALGNVTENFNMWKNDMVDQMHEDIISLWDQSLKPCVKLT
GGSTVTQACPKVSFDPIPIHYCAPAGYAILKCNNETFEGTGPCNNVSTVQCTHGIKPVVSTQLLLNGSLAKEEIVIRSEN
LTDNAKTIIVHLKESVEIVCTRPGNGGSGSGGDTRQAHCNISEEKWNKTLQKVSKILQEHFPNKAIKFEPHSGGDLEITT
HSFNCRGEFFYCNTTKLFNGTYNSTANSTGSVSNTTITLPCRIKQIVNMWQGVGRAMYAPPIKGNITCKSIITGLLLTRD
KDSNTETFRPGGGDMRDNWRSELYKYKVVEIK
;
G,E
2 'polypeptide(L)'
;QSALTQPPSVSKSLGQSVTISCTGTSSDIGAYTGVSWYQQHSGTAPRLLIYDVSKRPSGVSDRFSGSKSGNTASLTISGL
QTDDEADYYCCSYRTGATYIFGTGTRVTVLGQPKGAPSVTLFPPSSEELQANKATLVCLISDFYPGAVTVAWKADSSPVK
AGVETTTPSKQSNNKYAASSYLSLTPEQWKSHRSYSCQVTHEGSTVEKTVAPTECS
;
A,F
3 'polypeptide(L)'
;EVQLVESGGGLVQPGGSLRLSCAASGFTFSNSGMIWVRQAPGKGLEWVSYISLSGANTYYADSVKGRFTISRDNSQNTLS
LQMNSLRVEDTAMYYCAKEGWSYFDFWGQGVLVTVSGASTKGPSVFPLAPSSKSTSGGTAALGCLVKDYFPEPVTVSWNS
GALTSGVHTFPAVLQSSGLYSLSSVVTVPSSSLGTQTYICNVNHKPSNTKVDKRVEPKSCDKHHHHHH
;
B,H
#
# COMPACT_ATOMS: atom_id res chain seq x y z
N VAL A 1 -25.81 -12.02 -23.03
CA VAL A 1 -26.29 -12.96 -21.97
C VAL A 1 -25.09 -13.73 -21.37
N TRP A 2 -24.35 -13.09 -20.46
CA TRP A 2 -23.20 -13.73 -19.81
C TRP A 2 -23.61 -14.86 -18.85
N LYS A 3 -23.44 -16.10 -19.31
CA LYS A 3 -23.68 -17.29 -18.50
C LYS A 3 -22.86 -18.49 -18.97
N GLU A 4 -21.64 -18.58 -18.45
CA GLU A 4 -20.66 -19.62 -18.80
C GLU A 4 -21.06 -20.97 -18.18
N ALA A 5 -20.66 -22.08 -18.83
CA ALA A 5 -21.00 -23.45 -18.36
C ALA A 5 -20.10 -24.59 -18.87
N LYS A 6 -20.46 -25.81 -18.45
CA LYS A 6 -19.90 -27.07 -18.92
C LYS A 6 -20.95 -27.78 -19.81
N THR A 7 -20.49 -28.26 -20.96
CA THR A 7 -21.27 -29.10 -21.88
C THR A 7 -20.37 -30.17 -22.53
N THR A 8 -20.96 -31.09 -23.29
CA THR A 8 -20.18 -32.00 -24.15
C THR A 8 -20.33 -31.59 -25.61
N LEU A 9 -19.23 -31.07 -26.16
CA LEU A 9 -19.19 -30.48 -27.50
C LEU A 9 -19.15 -31.54 -28.59
N PHE A 10 -19.35 -31.11 -29.83
CA PHE A 10 -19.25 -31.97 -31.00
C PHE A 10 -18.52 -31.35 -32.19
N CYS A 11 -17.82 -32.20 -32.93
CA CYS A 11 -16.99 -31.85 -34.07
C CYS A 11 -17.81 -31.55 -35.34
N ALA A 12 -17.12 -31.01 -36.36
CA ALA A 12 -17.64 -30.83 -37.72
C ALA A 12 -16.47 -30.66 -38.71
N SER A 13 -16.58 -31.25 -39.90
CA SER A 13 -15.52 -31.22 -40.93
C SER A 13 -16.01 -31.53 -42.34
N ASP A 14 -15.10 -31.43 -43.31
CA ASP A 14 -15.35 -31.89 -44.66
C ASP A 14 -14.60 -33.21 -44.93
N ALA A 15 -15.09 -34.26 -44.28
CA ALA A 15 -14.57 -35.62 -44.44
C ALA A 15 -14.99 -36.21 -45.79
N LYS A 16 -14.21 -37.17 -46.28
CA LYS A 16 -14.48 -37.83 -47.57
C LYS A 16 -14.71 -39.33 -47.41
N ALA A 17 -15.74 -39.84 -48.09
CA ALA A 17 -16.25 -41.22 -47.93
C ALA A 17 -15.36 -42.30 -48.52
N TYR A 18 -14.77 -42.02 -49.69
CA TYR A 18 -13.91 -42.95 -50.42
C TYR A 18 -12.57 -43.22 -49.72
N GLU A 19 -12.18 -42.29 -48.85
CA GLU A 19 -10.80 -42.13 -48.38
C GLU A 19 -10.35 -43.16 -47.34
N ARG A 20 -9.05 -43.45 -47.32
CA ARG A 20 -8.43 -44.48 -46.47
C ARG A 20 -7.54 -43.95 -45.33
N GLU A 21 -6.98 -42.76 -45.49
CA GLU A 21 -6.10 -42.15 -44.49
C GLU A 21 -6.87 -41.67 -43.24
N VAL A 22 -6.11 -41.45 -42.17
CA VAL A 22 -6.62 -41.41 -40.80
C VAL A 22 -7.64 -40.31 -40.44
N HIS A 23 -7.23 -39.04 -40.55
CA HIS A 23 -7.99 -37.94 -39.97
C HIS A 23 -9.47 -37.99 -40.32
N ASN A 24 -9.75 -37.99 -41.61
CA ASN A 24 -11.08 -38.01 -42.19
C ASN A 24 -11.88 -39.28 -41.91
N VAL A 25 -11.17 -40.39 -41.73
CA VAL A 25 -11.77 -41.67 -41.35
C VAL A 25 -12.29 -41.60 -39.90
N TRP A 26 -11.57 -40.88 -39.04
CA TRP A 26 -12.06 -40.58 -37.70
C TRP A 26 -13.26 -39.65 -37.76
N ALA A 27 -13.20 -38.67 -38.66
CA ALA A 27 -14.22 -37.64 -38.81
C ALA A 27 -15.55 -38.15 -39.36
N THR A 28 -15.50 -39.18 -40.21
CA THR A 28 -16.70 -39.70 -40.90
C THR A 28 -17.76 -40.29 -39.96
N HIS A 29 -17.31 -40.78 -38.80
CA HIS A 29 -18.22 -41.32 -37.79
C HIS A 29 -18.28 -40.46 -36.53
N ALA A 30 -17.19 -39.79 -36.18
CA ALA A 30 -17.13 -38.94 -34.99
C ALA A 30 -17.89 -37.62 -35.12
N CYS A 31 -18.13 -37.17 -36.37
CA CYS A 31 -18.84 -35.91 -36.63
C CYS A 31 -19.63 -35.81 -37.95
N VAL A 32 -19.73 -34.58 -38.48
CA VAL A 32 -20.75 -34.16 -39.46
C VAL A 32 -20.15 -33.34 -40.63
N PRO A 33 -20.78 -33.36 -41.84
CA PRO A 33 -20.40 -32.43 -42.91
C PRO A 33 -20.69 -30.97 -42.59
N THR A 34 -19.81 -30.10 -43.09
CA THR A 34 -19.91 -28.64 -42.94
C THR A 34 -21.22 -28.13 -43.54
N ASP A 35 -21.89 -27.23 -42.81
CA ASP A 35 -22.97 -26.43 -43.37
C ASP A 35 -22.35 -25.25 -44.13
N PRO A 36 -22.49 -25.21 -45.48
CA PRO A 36 -21.90 -24.19 -46.36
C PRO A 36 -22.35 -22.74 -46.10
N ASN A 37 -23.26 -22.54 -45.14
CA ASN A 37 -23.69 -21.19 -44.73
C ASN A 37 -23.57 -20.98 -43.21
N PRO A 38 -22.35 -20.69 -42.70
CA PRO A 38 -22.17 -20.31 -41.29
C PRO A 38 -22.45 -18.83 -41.08
N GLN A 39 -23.43 -18.55 -40.23
CA GLN A 39 -23.90 -17.17 -40.00
C GLN A 39 -23.32 -16.56 -38.72
N GLU A 40 -23.34 -15.23 -38.67
CA GLU A 40 -22.80 -14.45 -37.57
C GLU A 40 -23.79 -13.38 -37.12
N MET A 41 -23.98 -13.26 -35.80
CA MET A 41 -24.87 -12.25 -35.20
C MET A 41 -24.13 -11.25 -34.31
N ALA A 42 -23.86 -10.07 -34.87
CA ALA A 42 -23.18 -8.99 -34.15
C ALA A 42 -24.02 -8.47 -32.99
N LEU A 43 -23.36 -8.23 -31.85
CA LEU A 43 -24.02 -7.70 -30.68
C LEU A 43 -23.57 -6.28 -30.38
N GLY A 44 -24.44 -5.34 -30.72
CA GLY A 44 -24.17 -3.91 -30.58
C GLY A 44 -24.18 -3.46 -29.14
N ASN A 45 -23.20 -2.61 -28.82
CA ASN A 45 -23.08 -1.95 -27.52
C ASN A 45 -22.99 -2.93 -26.31
N VAL A 46 -22.29 -4.05 -26.51
CA VAL A 46 -22.01 -5.01 -25.42
C VAL A 46 -20.53 -5.38 -25.32
N THR A 47 -19.97 -5.20 -24.12
CA THR A 47 -18.61 -5.62 -23.79
C THR A 47 -18.70 -6.65 -22.65
N GLU A 48 -17.76 -7.61 -22.63
CA GLU A 48 -17.81 -8.74 -21.70
C GLU A 48 -16.43 -9.35 -21.44
N ASN A 49 -16.23 -9.74 -20.18
CA ASN A 49 -14.96 -10.28 -19.72
C ASN A 49 -14.71 -11.72 -20.15
N PHE A 50 -13.43 -12.05 -20.31
CA PHE A 50 -12.98 -13.43 -20.43
C PHE A 50 -11.55 -13.71 -19.93
N ASN A 51 -11.37 -14.92 -19.39
CA ASN A 51 -10.06 -15.48 -19.00
C ASN A 51 -9.62 -16.61 -19.95
N MET A 52 -8.61 -16.32 -20.76
CA MET A 52 -8.29 -17.08 -21.98
C MET A 52 -7.30 -18.25 -21.81
N TRP A 53 -7.38 -18.94 -20.67
CA TRP A 53 -6.51 -20.10 -20.40
C TRP A 53 -7.27 -21.20 -19.65
N LYS A 54 -8.29 -20.80 -18.90
CA LYS A 54 -9.13 -21.71 -18.11
C LYS A 54 -10.39 -22.07 -18.90
N ASN A 55 -10.28 -23.11 -19.73
CA ASN A 55 -11.35 -23.48 -20.67
C ASN A 55 -11.54 -24.98 -20.92
N ASP A 56 -12.76 -25.45 -20.66
CA ASP A 56 -13.16 -26.84 -20.90
C ASP A 56 -13.16 -27.18 -22.39
N MET A 57 -13.48 -26.19 -23.21
CA MET A 57 -13.48 -26.29 -24.67
C MET A 57 -12.16 -26.80 -25.25
N VAL A 58 -11.06 -26.36 -24.64
CA VAL A 58 -9.71 -26.80 -24.99
C VAL A 58 -9.55 -28.29 -24.62
N ASP A 59 -9.96 -28.64 -23.40
CA ASP A 59 -9.83 -30.00 -22.84
C ASP A 59 -10.56 -31.04 -23.67
N GLN A 60 -11.71 -30.64 -24.22
CA GLN A 60 -12.51 -31.51 -25.07
C GLN A 60 -11.82 -31.77 -26.40
N MET A 61 -11.27 -30.72 -27.00
CA MET A 61 -10.43 -30.87 -28.18
C MET A 61 -9.22 -31.74 -27.87
N HIS A 62 -8.55 -31.45 -26.76
CA HIS A 62 -7.41 -32.24 -26.26
C HIS A 62 -7.78 -33.72 -26.19
N GLU A 63 -8.86 -34.04 -25.46
CA GLU A 63 -9.32 -35.42 -25.30
C GLU A 63 -9.72 -36.10 -26.62
N ASP A 64 -10.20 -35.31 -27.58
CA ASP A 64 -10.63 -35.79 -28.90
C ASP A 64 -9.46 -36.31 -29.72
N ILE A 65 -8.36 -35.55 -29.74
CA ILE A 65 -7.16 -35.88 -30.51
C ILE A 65 -6.42 -37.07 -29.89
N ILE A 66 -6.45 -37.15 -28.56
CA ILE A 66 -5.93 -38.30 -27.81
C ILE A 66 -6.66 -39.54 -28.32
N SER A 67 -7.99 -39.52 -28.14
CA SER A 67 -8.87 -40.59 -28.59
C SER A 67 -8.89 -40.76 -30.11
N LEU A 68 -8.26 -39.83 -30.82
CA LEU A 68 -8.00 -39.97 -32.24
C LEU A 68 -6.67 -40.67 -32.49
N TRP A 69 -5.62 -40.16 -31.83
CA TRP A 69 -4.24 -40.58 -32.08
C TRP A 69 -3.95 -42.01 -31.63
N ASP A 70 -4.57 -42.40 -30.52
CA ASP A 70 -4.35 -43.70 -29.88
C ASP A 70 -4.78 -44.91 -30.73
N GLN A 71 -5.86 -44.74 -31.49
CA GLN A 71 -6.53 -45.85 -32.18
C GLN A 71 -6.10 -45.98 -33.64
N SER A 72 -5.58 -44.90 -34.22
CA SER A 72 -5.39 -44.81 -35.66
C SER A 72 -3.94 -45.02 -36.09
N LEU A 73 -3.02 -44.24 -35.52
CA LEU A 73 -1.60 -44.53 -35.66
C LEU A 73 -1.21 -45.52 -34.59
N LYS A 74 -1.48 -46.80 -34.88
CA LYS A 74 -1.16 -47.89 -33.97
C LYS A 74 0.31 -48.25 -34.12
N PRO A 75 1.09 -48.04 -33.04
CA PRO A 75 2.52 -48.31 -32.97
C PRO A 75 2.85 -49.81 -32.95
N CYS A 76 4.14 -50.11 -33.06
CA CYS A 76 4.66 -51.47 -32.89
C CYS A 76 4.76 -51.80 -31.40
N VAL A 77 5.27 -50.87 -30.60
CA VAL A 77 5.49 -51.07 -29.16
C VAL A 77 5.10 -49.85 -28.28
N LYS A 78 4.65 -50.11 -27.04
CA LYS A 78 4.27 -49.10 -26.04
C LYS A 78 4.80 -49.48 -24.65
N LEU A 79 5.28 -48.50 -23.85
CA LEU A 79 5.80 -48.77 -22.48
C LEU A 79 5.74 -47.58 -21.50
N THR A 80 5.30 -47.86 -20.26
CA THR A 80 5.43 -46.96 -19.09
C THR A 80 5.18 -47.71 -17.75
N GLY A 81 5.90 -47.30 -16.72
CA GLY A 81 5.79 -47.88 -15.40
C GLY A 81 5.05 -49.21 -15.35
N GLY A 82 5.80 -50.28 -15.14
CA GLY A 82 5.27 -51.62 -15.05
C GLY A 82 4.21 -51.84 -16.10
N SER A 83 4.63 -51.90 -17.36
CA SER A 83 3.66 -52.08 -18.43
C SER A 83 4.31 -52.02 -19.81
N THR A 84 4.11 -53.06 -20.62
CA THR A 84 4.69 -53.07 -21.99
C THR A 84 3.67 -53.64 -23.01
N VAL A 85 3.56 -53.05 -24.22
CA VAL A 85 2.61 -53.55 -25.27
C VAL A 85 3.17 -53.57 -26.72
N THR A 86 2.81 -54.62 -27.49
CA THR A 86 3.15 -54.71 -28.94
C THR A 86 2.01 -55.25 -29.83
N GLN A 87 1.54 -54.42 -30.76
CA GLN A 87 0.54 -54.83 -31.77
C GLN A 87 1.06 -54.66 -33.21
N ALA A 88 0.20 -54.97 -34.19
CA ALA A 88 0.51 -54.77 -35.62
C ALA A 88 0.61 -53.27 -35.93
N CYS A 89 1.65 -52.90 -36.69
CA CYS A 89 1.95 -51.50 -36.97
C CYS A 89 2.14 -51.22 -38.46
N PRO A 90 1.05 -51.08 -39.21
CA PRO A 90 1.19 -50.71 -40.60
C PRO A 90 1.49 -49.23 -40.74
N LYS A 91 2.22 -48.89 -41.81
CA LYS A 91 2.41 -47.52 -42.24
C LYS A 91 1.08 -47.05 -42.82
N VAL A 92 0.67 -45.84 -42.48
CA VAL A 92 -0.60 -45.27 -42.96
C VAL A 92 -0.38 -43.97 -43.76
N SER A 93 -1.29 -43.70 -44.70
CA SER A 93 -1.38 -42.39 -45.36
C SER A 93 -2.02 -41.39 -44.38
N PHE A 94 -1.68 -40.10 -44.50
CA PHE A 94 -2.11 -39.08 -43.52
C PHE A 94 -1.91 -37.61 -43.92
N ASP A 95 -2.77 -36.74 -43.37
CA ASP A 95 -2.68 -35.28 -43.56
C ASP A 95 -3.54 -34.51 -42.53
N PRO A 96 -3.27 -33.20 -42.31
CA PRO A 96 -4.16 -32.40 -41.48
C PRO A 96 -5.34 -31.77 -42.26
N ILE A 97 -6.54 -31.90 -41.71
CA ILE A 97 -7.80 -31.34 -42.28
C ILE A 97 -8.49 -30.38 -41.28
N PRO A 98 -8.90 -29.17 -41.75
CA PRO A 98 -9.65 -28.19 -40.96
C PRO A 98 -10.92 -28.70 -40.28
N ILE A 99 -11.08 -28.31 -39.01
CA ILE A 99 -12.19 -28.75 -38.16
C ILE A 99 -12.91 -27.55 -37.55
N HIS A 100 -14.22 -27.67 -37.43
CA HIS A 100 -15.04 -26.76 -36.64
C HIS A 100 -15.67 -27.55 -35.48
N TYR A 101 -15.63 -27.02 -34.26
CA TYR A 101 -16.47 -27.53 -33.18
C TYR A 101 -17.76 -26.71 -33.12
N CYS A 102 -18.84 -27.33 -32.65
CA CYS A 102 -20.16 -26.71 -32.69
C CYS A 102 -20.97 -26.88 -31.41
N ALA A 103 -22.01 -26.04 -31.28
CA ALA A 103 -22.79 -25.90 -30.05
C ALA A 103 -24.13 -26.66 -30.04
N PRO A 104 -24.39 -27.45 -28.96
CA PRO A 104 -25.72 -28.07 -28.75
C PRO A 104 -26.82 -27.07 -28.38
N ALA A 105 -28.06 -27.55 -28.31
CA ALA A 105 -29.25 -26.72 -28.10
C ALA A 105 -29.27 -25.94 -26.78
N GLY A 106 -30.10 -24.88 -26.76
CA GLY A 106 -30.28 -23.99 -25.60
C GLY A 106 -28.98 -23.33 -25.15
N TYR A 107 -28.16 -22.99 -26.14
CA TYR A 107 -26.74 -22.72 -25.96
C TYR A 107 -26.11 -22.37 -27.31
N ALA A 108 -25.16 -21.43 -27.32
CA ALA A 108 -24.42 -21.00 -28.52
C ALA A 108 -23.00 -20.49 -28.20
N ILE A 109 -22.18 -20.25 -29.23
CA ILE A 109 -20.82 -19.73 -29.06
C ILE A 109 -20.66 -18.29 -29.59
N LEU A 110 -19.66 -17.58 -29.07
CA LEU A 110 -19.42 -16.18 -29.44
C LEU A 110 -18.04 -15.94 -30.06
N LYS A 111 -17.84 -14.75 -30.63
CA LYS A 111 -16.59 -14.34 -31.27
C LYS A 111 -16.11 -12.99 -30.75
N CYS A 112 -14.97 -12.99 -30.06
CA CYS A 112 -14.28 -11.76 -29.68
C CYS A 112 -13.53 -11.22 -30.90
N ASN A 113 -14.19 -10.34 -31.65
CA ASN A 113 -13.58 -9.78 -32.87
C ASN A 113 -12.58 -8.62 -32.65
N ASN A 114 -12.20 -8.41 -31.38
CA ASN A 114 -11.08 -7.53 -31.01
C ASN A 114 -9.79 -8.15 -31.53
N GLU A 115 -9.33 -7.66 -32.68
CA GLU A 115 -8.07 -8.10 -33.26
C GLU A 115 -6.89 -7.56 -32.45
N THR A 116 -7.18 -6.59 -31.57
CA THR A 116 -6.24 -6.09 -30.56
C THR A 116 -6.69 -6.60 -29.18
N PHE A 117 -6.96 -7.90 -29.10
CA PHE A 117 -7.24 -8.58 -27.85
C PHE A 117 -6.11 -9.53 -27.47
N GLU A 118 -5.69 -9.41 -26.22
CA GLU A 118 -4.52 -10.10 -25.69
C GLU A 118 -4.86 -11.39 -24.95
N GLY A 119 -5.97 -11.37 -24.21
CA GLY A 119 -6.38 -12.48 -23.36
C GLY A 119 -7.12 -12.05 -22.11
N THR A 120 -6.49 -11.15 -21.35
CA THR A 120 -7.04 -10.69 -20.07
C THR A 120 -8.22 -9.73 -20.26
N GLY A 121 -9.26 -9.94 -19.46
CA GLY A 121 -10.37 -8.98 -19.32
C GLY A 121 -11.38 -8.86 -20.46
N PRO A 122 -11.83 -7.61 -20.74
CA PRO A 122 -12.98 -7.34 -21.61
C PRO A 122 -12.71 -7.33 -23.11
N CYS A 123 -13.55 -8.05 -23.84
CA CYS A 123 -13.65 -7.95 -25.29
C CYS A 123 -14.61 -6.80 -25.60
N ASN A 124 -14.14 -5.83 -26.37
CA ASN A 124 -14.96 -4.66 -26.74
C ASN A 124 -16.10 -4.96 -27.73
N ASN A 125 -15.76 -5.16 -29.01
CA ASN A 125 -16.75 -5.51 -30.04
C ASN A 125 -16.91 -7.03 -30.14
N VAL A 126 -18.13 -7.51 -29.98
CA VAL A 126 -18.43 -8.96 -30.00
C VAL A 126 -19.64 -9.37 -30.83
N SER A 127 -19.58 -10.60 -31.35
CA SER A 127 -20.65 -11.22 -32.13
C SER A 127 -20.88 -12.67 -31.66
N THR A 128 -21.97 -13.29 -32.13
CA THR A 128 -22.25 -14.71 -31.84
C THR A 128 -22.20 -15.56 -33.10
N VAL A 129 -21.88 -16.84 -32.94
CA VAL A 129 -21.59 -17.74 -34.05
C VAL A 129 -22.10 -19.16 -33.76
N GLN A 130 -22.43 -19.90 -34.82
CA GLN A 130 -22.80 -21.30 -34.70
C GLN A 130 -21.58 -22.20 -34.48
N CYS A 131 -20.57 -22.07 -35.35
CA CYS A 131 -19.34 -22.87 -35.28
C CYS A 131 -18.12 -22.06 -35.68
N THR A 132 -17.00 -22.34 -35.01
CA THR A 132 -15.69 -21.74 -35.33
C THR A 132 -15.24 -21.98 -36.77
N HIS A 133 -14.27 -21.20 -37.23
CA HIS A 133 -13.65 -21.44 -38.53
C HIS A 133 -12.72 -22.66 -38.49
N GLY A 134 -12.44 -23.22 -39.67
CA GLY A 134 -11.66 -24.44 -39.82
C GLY A 134 -10.26 -24.41 -39.24
N ILE A 135 -9.96 -25.40 -38.41
CA ILE A 135 -8.61 -25.60 -37.88
C ILE A 135 -8.15 -27.06 -38.00
N LYS A 136 -7.06 -27.25 -38.72
CA LYS A 136 -6.36 -28.53 -38.75
C LYS A 136 -5.45 -28.67 -37.51
N PRO A 137 -5.56 -29.81 -36.79
CA PRO A 137 -4.87 -29.97 -35.51
C PRO A 137 -3.37 -30.24 -35.67
N VAL A 138 -2.57 -29.25 -35.26
CA VAL A 138 -1.11 -29.30 -35.44
C VAL A 138 -0.43 -29.84 -34.17
N VAL A 139 0.20 -31.02 -34.29
CA VAL A 139 0.98 -31.64 -33.20
C VAL A 139 2.46 -31.28 -33.38
N SER A 140 2.87 -30.21 -32.69
CA SER A 140 4.20 -29.62 -32.86
C SER A 140 4.76 -29.02 -31.57
N THR A 141 6.08 -29.12 -31.41
CA THR A 141 6.79 -28.48 -30.30
C THR A 141 7.47 -27.20 -30.76
N GLN A 142 7.54 -26.23 -29.86
CA GLN A 142 8.13 -24.89 -30.09
C GLN A 142 7.30 -24.04 -31.06
N LEU A 143 7.20 -24.45 -32.32
CA LEU A 143 6.53 -23.67 -33.38
C LEU A 143 5.07 -24.07 -33.62
N LEU A 144 4.28 -23.13 -34.15
CA LEU A 144 2.87 -23.38 -34.48
C LEU A 144 2.64 -23.28 -35.98
N LEU A 145 2.24 -24.40 -36.59
CA LEU A 145 2.05 -24.45 -38.05
C LEU A 145 0.58 -24.41 -38.46
N ASN A 146 0.37 -23.96 -39.71
CA ASN A 146 -0.89 -24.07 -40.45
C ASN A 146 -2.18 -23.53 -39.77
N GLY A 147 -2.02 -22.96 -38.58
CA GLY A 147 -3.12 -22.43 -37.77
C GLY A 147 -3.68 -21.10 -38.24
N SER A 148 -4.14 -20.30 -37.27
CA SER A 148 -4.76 -19.00 -37.55
C SER A 148 -3.77 -17.85 -37.37
N LEU A 149 -3.69 -17.00 -38.40
CA LEU A 149 -2.80 -15.83 -38.41
C LEU A 149 -3.47 -14.56 -37.89
N ALA A 150 -2.65 -13.60 -37.48
CA ALA A 150 -3.10 -12.25 -37.09
C ALA A 150 -3.47 -11.40 -38.31
N LYS A 151 -4.37 -10.43 -38.09
CA LYS A 151 -4.89 -9.58 -39.17
C LYS A 151 -4.40 -8.13 -39.12
N GLU A 152 -4.29 -7.58 -37.90
CA GLU A 152 -3.83 -6.19 -37.70
C GLU A 152 -2.33 -6.11 -37.45
N GLU A 153 -1.91 -6.57 -36.26
CA GLU A 153 -0.51 -6.60 -35.85
C GLU A 153 -0.20 -7.90 -35.13
N ILE A 154 1.09 -8.22 -35.04
CA ILE A 154 1.60 -9.36 -34.29
C ILE A 154 1.40 -9.07 -32.81
N VAL A 155 0.58 -9.89 -32.14
CA VAL A 155 0.38 -9.72 -30.70
C VAL A 155 0.79 -10.97 -29.91
N ILE A 156 1.10 -10.74 -28.64
CA ILE A 156 1.61 -11.77 -27.73
C ILE A 156 0.55 -12.11 -26.68
N ARG A 157 0.51 -13.38 -26.28
CA ARG A 157 -0.46 -13.90 -25.31
C ARG A 157 0.15 -14.87 -24.29
N SER A 158 0.17 -14.46 -23.01
CA SER A 158 0.57 -15.31 -21.88
C SER A 158 -0.23 -14.92 -20.66
N GLU A 159 -0.37 -15.85 -19.72
CA GLU A 159 -1.12 -15.64 -18.48
C GLU A 159 -0.74 -14.32 -17.81
N ASN A 160 0.54 -14.21 -17.45
CA ASN A 160 1.18 -13.01 -16.93
C ASN A 160 2.66 -13.31 -16.79
N LEU A 161 3.50 -12.39 -17.29
CA LEU A 161 4.95 -12.58 -17.24
C LEU A 161 5.51 -12.53 -15.80
N THR A 162 4.74 -11.90 -14.90
CA THR A 162 5.01 -11.92 -13.45
C THR A 162 4.99 -13.32 -12.85
N ASP A 163 4.25 -14.22 -13.50
CA ASP A 163 4.26 -15.64 -13.14
C ASP A 163 5.02 -16.47 -14.20
N ASN A 164 6.10 -15.87 -14.73
CA ASN A 164 7.09 -16.45 -15.69
C ASN A 164 6.95 -17.90 -16.20
N ALA A 165 6.79 -18.83 -15.27
CA ALA A 165 6.58 -20.28 -15.54
C ALA A 165 5.39 -20.54 -16.47
N LYS A 166 4.44 -19.59 -16.49
CA LYS A 166 3.34 -19.59 -17.46
C LYS A 166 3.93 -19.40 -18.84
N THR A 167 3.82 -20.45 -19.66
CA THR A 167 4.37 -20.46 -21.01
C THR A 167 3.77 -19.34 -21.85
N ILE A 168 4.66 -18.59 -22.49
CA ILE A 168 4.29 -17.45 -23.31
C ILE A 168 4.12 -17.93 -24.76
N ILE A 169 3.08 -17.42 -25.44
CA ILE A 169 2.78 -17.84 -26.83
C ILE A 169 2.64 -16.66 -27.82
N VAL A 170 2.98 -16.92 -29.08
CA VAL A 170 3.00 -15.89 -30.13
C VAL A 170 2.19 -16.33 -31.33
N HIS A 171 1.60 -15.36 -32.01
CA HIS A 171 1.00 -15.54 -33.34
C HIS A 171 1.35 -14.35 -34.23
N LEU A 172 1.53 -14.63 -35.52
CA LEU A 172 2.18 -13.70 -36.47
C LEU A 172 1.23 -13.05 -37.47
N LYS A 173 1.66 -11.90 -38.02
CA LYS A 173 0.95 -11.17 -39.07
C LYS A 173 1.21 -11.76 -40.46
N GLU A 174 2.44 -12.25 -40.69
CA GLU A 174 2.82 -12.88 -41.97
C GLU A 174 3.38 -14.29 -41.76
N SER A 175 3.16 -15.16 -42.76
CA SER A 175 3.49 -16.58 -42.64
C SER A 175 4.83 -16.97 -43.25
N VAL A 176 5.58 -17.80 -42.53
CA VAL A 176 6.86 -18.31 -43.00
C VAL A 176 6.64 -19.64 -43.73
N GLU A 177 7.07 -19.66 -44.99
CA GLU A 177 6.92 -20.82 -45.87
C GLU A 177 8.08 -21.81 -45.68
N ILE A 178 7.79 -22.99 -45.12
CA ILE A 178 8.80 -24.04 -44.86
C ILE A 178 8.56 -25.32 -45.65
N VAL A 179 9.66 -25.95 -46.08
CA VAL A 179 9.62 -27.24 -46.76
C VAL A 179 10.65 -28.15 -46.08
N CYS A 180 10.22 -29.35 -45.70
CA CYS A 180 11.10 -30.36 -45.10
C CYS A 180 11.24 -31.59 -45.99
N THR A 181 12.43 -32.21 -45.98
CA THR A 181 12.76 -33.28 -46.95
C THR A 181 13.58 -34.42 -46.33
N ARG A 182 13.18 -35.65 -46.68
CA ARG A 182 14.02 -36.84 -46.52
C ARG A 182 14.04 -37.65 -47.84
N PRO A 183 15.23 -37.76 -48.48
CA PRO A 183 15.42 -38.43 -49.79
C PRO A 183 15.36 -39.96 -49.78
N GLY A 184 15.23 -40.55 -50.98
CA GLY A 184 15.19 -41.99 -51.17
C GLY A 184 16.38 -42.50 -51.95
N ASP A 193 22.74 -42.65 -45.20
CA ASP A 193 22.02 -42.46 -43.94
C ASP A 193 20.55 -42.14 -44.23
N THR A 194 19.67 -43.12 -43.99
CA THR A 194 18.21 -43.00 -44.21
C THR A 194 17.46 -42.44 -43.00
N ARG A 195 18.22 -42.08 -41.96
CA ARG A 195 17.70 -41.62 -40.67
C ARG A 195 17.78 -40.09 -40.55
N GLN A 196 18.94 -39.55 -40.91
CA GLN A 196 19.22 -38.12 -40.89
C GLN A 196 18.33 -37.39 -41.91
N ALA A 197 17.69 -36.31 -41.45
CA ALA A 197 16.83 -35.48 -42.28
C ALA A 197 17.28 -34.01 -42.23
N HIS A 198 16.53 -33.12 -42.89
CA HIS A 198 16.84 -31.68 -42.92
C HIS A 198 15.64 -30.79 -43.29
N CYS A 199 15.71 -29.52 -42.90
CA CYS A 199 14.64 -28.55 -43.17
C CYS A 199 15.19 -27.19 -43.66
N ASN A 200 14.35 -26.46 -44.40
CA ASN A 200 14.79 -25.26 -45.15
C ASN A 200 13.91 -24.02 -45.04
N ILE A 201 14.56 -22.89 -44.79
CA ILE A 201 13.93 -21.56 -44.70
C ILE A 201 14.89 -20.53 -45.29
N SER A 202 14.35 -19.58 -46.04
CA SER A 202 15.15 -18.51 -46.60
C SER A 202 15.26 -17.34 -45.59
N GLU A 203 16.51 -17.06 -45.20
CA GLU A 203 16.90 -16.11 -44.12
C GLU A 203 16.02 -14.88 -43.89
N GLU A 204 15.79 -14.11 -44.95
CA GLU A 204 15.15 -12.78 -44.88
C GLU A 204 13.76 -12.75 -44.22
N LYS A 205 12.99 -13.83 -44.40
CA LYS A 205 11.68 -13.98 -43.76
C LYS A 205 11.86 -14.12 -42.26
N TRP A 206 12.74 -15.04 -41.86
CA TRP A 206 13.03 -15.32 -40.46
C TRP A 206 13.67 -14.15 -39.69
N ASN A 207 14.60 -13.44 -40.33
CA ASN A 207 15.33 -12.34 -39.69
C ASN A 207 14.42 -11.16 -39.33
N LYS A 208 13.54 -10.77 -40.25
CA LYS A 208 12.64 -9.61 -40.06
C LYS A 208 11.50 -9.90 -39.08
N THR A 209 11.01 -11.14 -39.08
CA THR A 209 9.98 -11.55 -38.13
C THR A 209 10.48 -11.34 -36.72
N LEU A 210 11.64 -11.89 -36.40
CA LEU A 210 12.25 -11.77 -35.08
C LEU A 210 12.64 -10.34 -34.73
N GLN A 211 12.91 -9.53 -35.76
CA GLN A 211 13.09 -8.09 -35.59
C GLN A 211 11.78 -7.43 -35.15
N LYS A 212 10.69 -7.67 -35.89
CA LYS A 212 9.38 -7.15 -35.52
C LYS A 212 8.84 -7.77 -34.21
N VAL A 213 9.31 -8.98 -33.89
CA VAL A 213 9.02 -9.66 -32.63
C VAL A 213 9.72 -8.93 -31.48
N SER A 214 11.04 -8.75 -31.61
CA SER A 214 11.84 -8.04 -30.60
C SER A 214 11.30 -6.63 -30.32
N LYS A 215 10.83 -5.96 -31.38
CA LYS A 215 10.22 -4.63 -31.31
C LYS A 215 8.91 -4.59 -30.50
N ILE A 216 8.07 -5.62 -30.62
CA ILE A 216 6.85 -5.71 -29.80
C ILE A 216 7.14 -6.21 -28.38
N LEU A 217 8.31 -6.82 -28.20
CA LEU A 217 8.73 -7.33 -26.91
C LEU A 217 9.24 -6.25 -25.97
N GLN A 218 10.12 -5.39 -26.48
CA GLN A 218 10.67 -4.26 -25.71
C GLN A 218 9.58 -3.34 -25.16
N GLU A 219 8.37 -3.52 -25.67
CA GLU A 219 7.19 -2.80 -25.22
C GLU A 219 6.45 -3.56 -24.13
N HIS A 220 6.12 -4.84 -24.40
CA HIS A 220 5.35 -5.67 -23.46
C HIS A 220 6.05 -5.73 -22.10
N PHE A 221 7.32 -6.15 -22.12
CA PHE A 221 8.22 -6.06 -20.98
C PHE A 221 8.77 -4.66 -21.16
N PRO A 222 8.42 -3.73 -20.24
CA PRO A 222 8.94 -2.37 -20.38
C PRO A 222 10.45 -2.40 -20.27
N ASN A 223 11.16 -1.60 -21.07
CA ASN A 223 12.68 -1.57 -21.18
C ASN A 223 13.52 -2.89 -21.37
N LYS A 224 14.53 -2.90 -22.29
CA LYS A 224 15.43 -4.07 -22.55
C LYS A 224 16.44 -4.16 -23.78
N ALA A 225 17.02 -5.37 -24.00
CA ALA A 225 17.98 -5.79 -25.02
C ALA A 225 17.76 -7.25 -25.45
N ILE A 226 16.73 -7.45 -26.26
CA ILE A 226 16.16 -8.77 -26.56
C ILE A 226 17.17 -9.75 -27.13
N LYS A 227 17.36 -10.86 -26.41
CA LYS A 227 18.29 -11.91 -26.79
C LYS A 227 17.55 -13.23 -26.94
N PHE A 228 17.87 -13.97 -28.00
CA PHE A 228 17.26 -15.27 -28.25
C PHE A 228 18.28 -16.41 -28.15
N GLU A 229 17.96 -17.38 -27.30
CA GLU A 229 18.79 -18.56 -27.08
C GLU A 229 17.95 -19.84 -27.04
N PRO A 230 18.53 -21.00 -27.43
CA PRO A 230 17.78 -22.25 -27.50
C PRO A 230 17.43 -22.87 -26.14
N HIS A 231 16.93 -24.10 -26.18
CA HIS A 231 16.56 -24.90 -25.01
C HIS A 231 17.78 -25.24 -24.15
N SER A 232 17.52 -25.60 -22.89
CA SER A 232 18.58 -25.82 -21.90
C SER A 232 18.67 -27.25 -21.34
N GLY A 233 17.74 -28.12 -21.72
CA GLY A 233 17.75 -29.51 -21.26
C GLY A 233 16.38 -30.18 -21.11
N GLY A 234 16.38 -31.35 -20.47
CA GLY A 234 15.19 -32.20 -20.41
C GLY A 234 15.15 -33.09 -21.63
N ASP A 235 13.99 -33.69 -21.89
CA ASP A 235 13.83 -34.67 -22.98
C ASP A 235 13.85 -34.07 -24.41
N LEU A 236 13.74 -34.94 -25.41
CA LEU A 236 13.90 -34.60 -26.83
C LEU A 236 12.89 -33.60 -27.40
N GLU A 237 11.63 -34.02 -27.48
CA GLU A 237 10.54 -33.31 -28.17
C GLU A 237 10.55 -31.80 -27.98
N ILE A 238 10.68 -31.37 -26.73
CA ILE A 238 10.66 -29.94 -26.36
C ILE A 238 11.93 -29.21 -26.75
N THR A 239 13.07 -29.89 -26.58
CA THR A 239 14.39 -29.34 -26.93
C THR A 239 14.55 -29.16 -28.45
N THR A 240 13.83 -29.98 -29.20
CA THR A 240 13.81 -29.93 -30.66
C THR A 240 12.50 -29.33 -31.17
N HIS A 241 12.40 -29.21 -32.49
CA HIS A 241 11.11 -29.06 -33.13
C HIS A 241 10.67 -30.41 -33.67
N SER A 242 9.79 -31.06 -32.91
CA SER A 242 9.27 -32.39 -33.23
C SER A 242 7.84 -32.31 -33.75
N PHE A 243 7.57 -33.09 -34.80
CA PHE A 243 6.31 -33.03 -35.54
C PHE A 243 6.09 -34.24 -36.47
N ASN A 244 4.87 -34.34 -37.01
CA ASN A 244 4.50 -35.37 -37.99
C ASN A 244 4.21 -34.79 -39.37
N CYS A 245 4.65 -35.51 -40.40
CA CYS A 245 4.44 -35.15 -41.79
C CYS A 245 4.15 -36.42 -42.61
N ARG A 246 2.93 -36.94 -42.45
CA ARG A 246 2.34 -38.02 -43.28
C ARG A 246 2.52 -39.47 -42.78
N GLY A 247 3.60 -39.79 -42.04
CA GLY A 247 3.79 -41.16 -41.51
C GLY A 247 5.08 -41.48 -40.77
N GLU A 248 5.52 -40.54 -39.94
CA GLU A 248 6.82 -40.57 -39.25
C GLU A 248 6.80 -39.59 -38.07
N PHE A 249 7.97 -39.32 -37.48
CA PHE A 249 8.12 -38.27 -36.45
C PHE A 249 9.46 -37.52 -36.61
N PHE A 250 9.36 -36.28 -37.08
CA PHE A 250 10.51 -35.40 -37.31
C PHE A 250 11.08 -34.86 -36.01
N TYR A 251 12.41 -34.74 -35.96
CA TYR A 251 13.13 -34.17 -34.83
C TYR A 251 14.28 -33.35 -35.37
N CYS A 252 14.14 -32.02 -35.30
CA CYS A 252 15.11 -31.13 -35.95
C CYS A 252 15.83 -30.15 -35.06
N ASN A 253 17.14 -30.07 -35.26
CA ASN A 253 18.02 -29.09 -34.61
C ASN A 253 17.43 -27.69 -34.76
N THR A 254 17.38 -26.96 -33.65
CA THR A 254 16.79 -25.61 -33.60
C THR A 254 17.82 -24.60 -33.05
N THR A 255 19.08 -25.02 -33.05
CA THR A 255 20.19 -24.26 -32.44
C THR A 255 20.43 -22.90 -33.12
N LYS A 256 20.35 -22.86 -34.46
CA LYS A 256 20.68 -21.66 -35.24
C LYS A 256 19.63 -20.54 -35.18
N LEU A 257 18.36 -20.93 -35.13
CA LEU A 257 17.24 -19.99 -35.29
C LEU A 257 17.00 -19.03 -34.12
N PHE A 258 17.41 -19.43 -32.92
CA PHE A 258 17.53 -18.52 -31.79
C PHE A 258 18.95 -17.99 -31.75
N ASN A 259 19.16 -16.78 -32.29
CA ASN A 259 20.52 -16.23 -32.47
C ASN A 259 20.70 -14.79 -31.95
N GLY A 260 20.82 -14.67 -30.63
CA GLY A 260 21.18 -13.42 -29.94
C GLY A 260 20.26 -12.23 -30.15
N THR A 261 20.88 -11.07 -30.39
CA THR A 261 20.17 -9.80 -30.62
C THR A 261 19.80 -9.63 -32.10
N TYR A 262 18.55 -9.27 -32.35
CA TYR A 262 18.09 -8.91 -33.70
C TYR A 262 17.80 -7.41 -33.75
N ASN A 263 18.54 -6.73 -34.63
CA ASN A 263 18.68 -5.28 -34.63
C ASN A 263 18.13 -4.61 -35.90
N SER A 264 17.46 -3.47 -35.74
CA SER A 264 16.89 -2.71 -36.87
C SER A 264 17.92 -1.75 -37.48
N SER A 273 19.29 -18.44 -54.60
CA SER A 273 20.03 -17.18 -54.75
C SER A 273 19.68 -16.16 -53.66
N ASN A 274 18.72 -16.51 -52.81
CA ASN A 274 18.25 -15.65 -51.73
C ASN A 274 18.73 -16.08 -50.32
N THR A 275 19.71 -17.00 -50.29
CA THR A 275 20.27 -17.67 -49.07
C THR A 275 19.26 -18.39 -48.18
N THR A 276 19.60 -19.64 -47.84
CA THR A 276 18.73 -20.49 -47.05
C THR A 276 19.47 -21.05 -45.82
N ILE A 277 18.86 -20.87 -44.65
CA ILE A 277 19.30 -21.52 -43.43
C ILE A 277 18.79 -22.96 -43.45
N THR A 278 19.69 -23.90 -43.20
CA THR A 278 19.39 -25.33 -43.31
C THR A 278 19.66 -26.03 -41.98
N LEU A 279 18.64 -26.74 -41.49
CA LEU A 279 18.65 -27.34 -40.17
C LEU A 279 18.76 -28.86 -40.22
N PRO A 280 19.78 -29.43 -39.54
CA PRO A 280 19.97 -30.89 -39.54
C PRO A 280 18.96 -31.61 -38.65
N CYS A 281 17.97 -32.21 -39.31
CA CYS A 281 16.97 -33.00 -38.61
C CYS A 281 17.38 -34.46 -38.57
N ARG A 282 16.56 -35.25 -37.89
CA ARG A 282 16.64 -36.70 -37.92
C ARG A 282 15.27 -37.24 -37.59
N ILE A 283 15.00 -38.45 -38.04
CA ILE A 283 13.75 -39.12 -37.67
C ILE A 283 14.02 -40.09 -36.52
N LYS A 284 12.94 -40.48 -35.84
CA LYS A 284 13.04 -41.39 -34.73
C LYS A 284 12.02 -42.50 -34.88
N GLN A 285 12.46 -43.74 -34.64
CA GLN A 285 11.53 -44.82 -34.41
C GLN A 285 10.95 -44.67 -33.01
N ILE A 286 11.63 -43.90 -32.16
CA ILE A 286 11.28 -43.75 -30.74
C ILE A 286 10.92 -42.32 -30.28
N VAL A 287 9.72 -42.21 -29.68
CA VAL A 287 9.04 -40.94 -29.39
C VAL A 287 8.49 -40.92 -27.94
N ASN A 288 8.68 -39.81 -27.23
CA ASN A 288 8.12 -39.63 -25.89
C ASN A 288 6.68 -39.13 -25.95
N MET A 289 5.77 -39.94 -25.39
CA MET A 289 4.31 -39.71 -25.40
C MET A 289 3.98 -38.29 -24.96
N TRP A 290 3.13 -37.65 -25.76
CA TRP A 290 2.71 -36.27 -25.48
C TRP A 290 1.40 -36.19 -24.68
N GLN A 291 0.64 -37.29 -24.64
CA GLN A 291 -0.58 -37.37 -23.83
C GLN A 291 -0.22 -37.47 -22.35
N GLY A 292 0.48 -38.54 -22.00
CA GLY A 292 1.01 -38.73 -20.67
C GLY A 292 2.48 -39.13 -20.72
N VAL A 293 3.01 -39.55 -19.58
CA VAL A 293 4.36 -40.14 -19.52
C VAL A 293 4.34 -41.48 -20.28
N GLY A 294 5.40 -41.70 -21.05
CA GLY A 294 5.50 -42.90 -21.88
C GLY A 294 6.43 -42.69 -23.04
N ARG A 295 7.02 -43.79 -23.51
CA ARG A 295 7.93 -43.80 -24.65
C ARG A 295 7.43 -44.84 -25.69
N ALA A 296 7.55 -44.53 -26.98
CA ALA A 296 6.80 -45.20 -28.06
C ALA A 296 7.62 -45.67 -29.28
N MET A 297 7.26 -46.83 -29.84
CA MET A 297 7.96 -47.42 -31.02
C MET A 297 7.04 -47.69 -32.22
N TYR A 298 7.41 -47.13 -33.37
CA TYR A 298 6.59 -47.17 -34.59
C TYR A 298 7.27 -47.85 -35.78
N ALA A 299 6.47 -48.09 -36.83
CA ALA A 299 6.92 -48.70 -38.07
C ALA A 299 8.04 -47.88 -38.73
N PRO A 300 9.13 -48.55 -39.18
CA PRO A 300 10.21 -47.92 -39.94
C PRO A 300 9.68 -47.22 -41.20
N PRO A 301 10.47 -46.29 -41.78
CA PRO A 301 9.94 -45.48 -42.86
C PRO A 301 9.75 -46.24 -44.18
N ILE A 302 9.02 -45.62 -45.10
CA ILE A 302 8.91 -46.11 -46.47
C ILE A 302 9.80 -45.27 -47.41
N LYS A 303 10.13 -45.85 -48.55
CA LYS A 303 11.03 -45.29 -49.57
C LYS A 303 10.58 -43.93 -50.13
N GLY A 304 11.52 -43.20 -50.72
CA GLY A 304 11.23 -42.07 -51.62
C GLY A 304 11.29 -40.68 -51.04
N ASN A 305 10.89 -39.70 -51.86
CA ASN A 305 10.84 -38.30 -51.48
C ASN A 305 9.71 -38.01 -50.50
N ILE A 306 10.10 -37.61 -49.30
CA ILE A 306 9.18 -37.30 -48.21
C ILE A 306 9.20 -35.79 -47.97
N THR A 307 8.13 -35.13 -48.38
CA THR A 307 8.04 -33.67 -48.40
C THR A 307 6.69 -33.10 -47.93
N CYS A 308 6.75 -32.00 -47.19
CA CYS A 308 5.58 -31.16 -46.92
C CYS A 308 5.91 -29.69 -46.81
N LYS A 309 5.28 -28.93 -47.70
CA LYS A 309 5.16 -27.50 -47.51
C LYS A 309 4.01 -27.25 -46.52
N SER A 310 4.37 -26.60 -45.41
CA SER A 310 3.43 -26.12 -44.39
C SER A 310 3.93 -24.75 -43.88
N ILE A 311 3.04 -23.94 -43.30
CA ILE A 311 3.38 -22.55 -42.88
C ILE A 311 3.32 -22.33 -41.38
N ILE A 312 4.27 -21.57 -40.85
CA ILE A 312 4.29 -21.21 -39.42
C ILE A 312 3.32 -20.06 -39.14
N THR A 313 2.49 -20.26 -38.12
CA THR A 313 1.45 -19.30 -37.71
C THR A 313 1.72 -18.67 -36.34
N GLY A 314 2.57 -19.31 -35.53
CA GLY A 314 2.99 -18.76 -34.23
C GLY A 314 4.11 -19.52 -33.57
N LEU A 315 4.37 -19.19 -32.30
CA LEU A 315 5.47 -19.79 -31.53
C LEU A 315 5.23 -19.80 -30.02
N LEU A 316 5.77 -20.82 -29.35
CA LEU A 316 5.75 -20.93 -27.88
C LEU A 316 7.16 -20.73 -27.30
N LEU A 317 7.24 -19.91 -26.27
CA LEU A 317 8.48 -19.73 -25.52
C LEU A 317 8.24 -19.74 -24.03
N THR A 318 9.33 -19.68 -23.27
CA THR A 318 9.29 -19.45 -21.84
C THR A 318 10.29 -18.36 -21.52
N ARG A 319 9.90 -17.44 -20.64
CA ARG A 319 10.81 -16.47 -20.05
C ARG A 319 11.87 -17.25 -19.26
N ASP A 320 13.14 -17.10 -19.66
CA ASP A 320 14.26 -17.72 -18.94
C ASP A 320 14.46 -16.99 -17.63
N LYS A 321 14.30 -17.73 -16.54
CA LYS A 321 14.36 -17.18 -15.18
C LYS A 321 15.80 -16.93 -14.74
N ASP A 322 16.62 -16.40 -15.65
CA ASP A 322 18.06 -16.22 -15.44
C ASP A 322 18.59 -14.99 -16.16
N SER A 323 19.43 -14.24 -15.44
CA SER A 323 20.17 -13.06 -15.92
C SER A 323 19.34 -11.79 -16.08
N ASN A 324 19.93 -10.67 -15.65
CA ASN A 324 19.39 -9.32 -15.89
C ASN A 324 19.47 -8.93 -17.35
N THR A 325 19.27 -9.92 -18.21
CA THR A 325 19.27 -9.77 -19.64
C THR A 325 17.85 -10.12 -20.09
N GLU A 326 17.70 -10.59 -21.33
CA GLU A 326 16.39 -10.70 -21.97
C GLU A 326 16.25 -12.01 -22.72
N THR A 327 16.76 -13.07 -22.09
CA THR A 327 16.86 -14.40 -22.67
C THR A 327 15.48 -15.03 -22.85
N PHE A 328 15.11 -15.28 -24.10
CA PHE A 328 13.90 -16.02 -24.42
C PHE A 328 14.20 -17.33 -25.12
N ARG A 329 13.69 -18.40 -24.51
CA ARG A 329 13.99 -19.76 -24.92
C ARG A 329 12.72 -20.53 -25.27
N PRO A 330 12.80 -21.43 -26.27
CA PRO A 330 11.66 -22.20 -26.80
C PRO A 330 10.83 -22.91 -25.74
N GLY A 331 9.52 -22.95 -25.97
CA GLY A 331 8.58 -23.62 -25.08
C GLY A 331 8.13 -24.94 -25.65
N GLY A 332 6.94 -25.38 -25.23
CA GLY A 332 6.38 -26.65 -25.66
C GLY A 332 6.15 -27.61 -24.51
N GLY A 333 5.86 -28.85 -24.88
CA GLY A 333 5.58 -29.92 -23.92
C GLY A 333 4.10 -30.19 -23.88
N ASP A 334 3.37 -29.22 -23.33
CA ASP A 334 1.92 -29.24 -23.32
C ASP A 334 1.39 -29.07 -24.75
N MET A 335 0.21 -29.61 -25.01
CA MET A 335 -0.47 -29.42 -26.29
C MET A 335 -1.76 -28.63 -26.15
N ARG A 336 -2.21 -28.46 -24.91
CA ARG A 336 -3.35 -27.58 -24.58
C ARG A 336 -3.05 -26.14 -25.02
N ASP A 337 -1.80 -25.73 -24.83
CA ASP A 337 -1.29 -24.45 -25.35
C ASP A 337 -1.31 -24.39 -26.87
N ASN A 338 -1.02 -25.52 -27.51
CA ASN A 338 -1.03 -25.66 -28.98
C ASN A 338 -2.43 -25.41 -29.54
N TRP A 339 -3.44 -25.73 -28.73
CA TRP A 339 -4.83 -25.53 -29.13
C TRP A 339 -5.27 -24.10 -28.88
N ARG A 340 -4.61 -23.44 -27.92
CA ARG A 340 -4.97 -22.10 -27.48
C ARG A 340 -4.87 -21.00 -28.56
N SER A 341 -3.95 -21.17 -29.52
CA SER A 341 -3.57 -20.12 -30.50
C SER A 341 -4.60 -19.72 -31.56
N GLU A 342 -5.60 -20.57 -31.77
CA GLU A 342 -6.55 -20.41 -32.86
C GLU A 342 -7.99 -20.31 -32.37
N LEU A 343 -8.32 -21.08 -31.32
CA LEU A 343 -9.64 -21.08 -30.68
C LEU A 343 -9.82 -19.90 -29.73
N TYR A 344 -8.76 -19.10 -29.62
CA TYR A 344 -8.64 -18.00 -28.65
C TYR A 344 -9.90 -17.19 -28.51
N LYS A 345 -10.42 -16.67 -29.62
CA LYS A 345 -11.51 -15.71 -29.58
C LYS A 345 -12.87 -16.33 -29.92
N TYR A 346 -13.15 -17.49 -29.33
CA TYR A 346 -14.41 -18.23 -29.51
C TYR A 346 -14.86 -18.79 -28.16
N LYS A 347 -16.07 -18.44 -27.70
CA LYS A 347 -16.46 -18.66 -26.28
C LYS A 347 -17.69 -19.53 -25.97
N VAL A 348 -18.01 -19.64 -24.68
CA VAL A 348 -19.07 -20.51 -24.13
C VAL A 348 -20.11 -19.68 -23.35
N VAL A 349 -21.41 -19.84 -23.69
CA VAL A 349 -22.53 -19.07 -23.08
C VAL A 349 -23.93 -19.72 -23.15
N GLU A 350 -24.75 -19.48 -22.13
CA GLU A 350 -26.19 -19.86 -22.14
C GLU A 350 -27.07 -18.76 -22.69
N ILE A 351 -28.08 -19.15 -23.47
CA ILE A 351 -29.21 -18.30 -23.76
C ILE A 351 -30.10 -18.42 -22.51
N LYS A 352 -30.30 -17.30 -21.81
CA LYS A 352 -31.21 -17.24 -20.65
C LYS A 352 -31.87 -15.87 -20.49
N VAL B 1 -6.16 -35.05 0.68
CA VAL B 1 -6.25 -35.05 -0.82
C VAL B 1 -7.20 -33.92 -1.27
N TRP B 2 -6.67 -32.70 -1.31
CA TRP B 2 -7.45 -31.53 -1.75
C TRP B 2 -7.79 -31.58 -3.24
N LYS B 3 -9.03 -31.95 -3.55
CA LYS B 3 -9.56 -31.93 -4.92
C LYS B 3 -11.08 -31.77 -4.98
N GLU B 4 -11.50 -30.51 -4.96
CA GLU B 4 -12.92 -30.11 -4.95
C GLU B 4 -13.57 -30.37 -6.33
N ALA B 5 -14.88 -30.63 -6.33
CA ALA B 5 -15.64 -30.93 -7.56
C ALA B 5 -17.18 -30.73 -7.51
N LYS B 6 -17.82 -31.03 -8.65
CA LYS B 6 -19.28 -31.10 -8.82
C LYS B 6 -19.71 -32.57 -8.93
N THR B 7 -20.75 -32.94 -8.17
CA THR B 7 -21.41 -34.25 -8.26
C THR B 7 -22.93 -34.10 -8.07
N THR B 8 -23.69 -35.19 -8.22
CA THR B 8 -25.10 -35.21 -7.85
C THR B 8 -25.26 -36.04 -6.57
N LEU B 9 -25.58 -35.35 -5.48
CA LEU B 9 -25.65 -35.93 -4.14
C LEU B 9 -26.94 -36.71 -3.92
N PHE B 10 -26.98 -37.46 -2.82
CA PHE B 10 -28.17 -38.20 -2.42
C PHE B 10 -28.46 -38.12 -0.92
N CYS B 11 -29.75 -38.12 -0.61
CA CYS B 11 -30.28 -38.00 0.75
C CYS B 11 -30.15 -39.30 1.56
N ALA B 12 -30.44 -39.21 2.87
CA ALA B 12 -30.59 -40.36 3.79
C ALA B 12 -31.38 -39.92 5.02
N SER B 13 -32.25 -40.80 5.53
CA SER B 13 -33.11 -40.50 6.69
C SER B 13 -33.67 -41.74 7.39
N ASP B 14 -34.40 -41.52 8.49
CA ASP B 14 -35.17 -42.58 9.14
C ASP B 14 -36.65 -42.38 8.86
N ALA B 15 -37.01 -42.62 7.59
CA ALA B 15 -38.39 -42.56 7.13
C ALA B 15 -39.19 -43.76 7.64
N LYS B 16 -40.50 -43.60 7.75
CA LYS B 16 -41.40 -44.66 8.24
C LYS B 16 -42.43 -45.06 7.17
N ALA B 17 -42.61 -46.38 7.02
CA ALA B 17 -43.42 -46.97 5.94
C ALA B 17 -44.93 -46.80 6.08
N TYR B 18 -45.41 -46.89 7.32
CA TYR B 18 -46.85 -46.78 7.65
C TYR B 18 -47.43 -45.37 7.47
N GLU B 19 -46.54 -44.39 7.50
CA GLU B 19 -46.87 -42.99 7.74
C GLU B 19 -47.51 -42.25 6.55
N ARG B 20 -48.35 -41.24 6.84
CA ARG B 20 -49.12 -40.48 5.84
C ARG B 20 -48.67 -39.02 5.60
N GLU B 21 -48.02 -38.42 6.60
CA GLU B 21 -47.55 -37.03 6.52
C GLU B 21 -46.35 -36.86 5.58
N VAL B 22 -46.12 -35.61 5.17
CA VAL B 22 -45.32 -35.26 4.00
C VAL B 22 -43.83 -35.68 4.01
N HIS B 23 -43.05 -35.16 4.96
CA HIS B 23 -41.59 -35.23 4.89
C HIS B 23 -41.07 -36.62 4.59
N ASN B 24 -41.45 -37.56 5.45
CA ASN B 24 -41.07 -38.97 5.38
C ASN B 24 -41.61 -39.71 4.16
N VAL B 25 -42.74 -39.26 3.65
CA VAL B 25 -43.34 -39.79 2.42
C VAL B 25 -42.49 -39.41 1.19
N TRP B 26 -41.91 -38.20 1.23
CA TRP B 26 -40.92 -37.80 0.22
C TRP B 26 -39.64 -38.63 0.37
N ALA B 27 -39.24 -38.88 1.61
CA ALA B 27 -38.01 -39.59 1.94
C ALA B 27 -38.00 -41.08 1.58
N THR B 28 -39.17 -41.73 1.66
CA THR B 28 -39.30 -43.17 1.43
C THR B 28 -38.92 -43.62 0.02
N HIS B 29 -39.06 -42.72 -0.96
CA HIS B 29 -38.69 -42.99 -2.34
C HIS B 29 -37.48 -42.17 -2.83
N ALA B 30 -37.33 -40.95 -2.30
CA ALA B 30 -36.22 -40.07 -2.68
C ALA B 30 -34.87 -40.47 -2.08
N CYS B 31 -34.89 -41.26 -1.00
CA CYS B 31 -33.66 -41.73 -0.32
C CYS B 31 -33.73 -43.08 0.42
N VAL B 32 -32.93 -43.21 1.48
CA VAL B 32 -32.49 -44.50 2.08
C VAL B 32 -32.57 -44.48 3.63
N PRO B 33 -32.77 -45.66 4.29
CA PRO B 33 -32.62 -45.75 5.75
C PRO B 33 -31.19 -45.51 6.26
N THR B 34 -31.10 -44.89 7.44
CA THR B 34 -29.83 -44.59 8.11
C THR B 34 -29.05 -45.87 8.38
N ASP B 35 -27.74 -45.83 8.11
CA ASP B 35 -26.83 -46.86 8.58
C ASP B 35 -26.45 -46.53 10.04
N PRO B 36 -26.87 -47.38 11.00
CA PRO B 36 -26.66 -47.18 12.44
C PRO B 36 -25.20 -47.13 12.92
N ASN B 37 -24.25 -47.28 12.00
CA ASN B 37 -22.83 -47.14 12.30
C ASN B 37 -22.11 -46.15 11.34
N PRO B 38 -22.26 -44.82 11.58
CA PRO B 38 -21.49 -43.82 10.81
C PRO B 38 -20.09 -43.62 11.38
N GLN B 39 -19.08 -43.88 10.56
CA GLN B 39 -17.68 -43.86 10.99
C GLN B 39 -16.97 -42.57 10.60
N GLU B 40 -15.87 -42.30 11.30
CA GLU B 40 -15.06 -41.09 11.14
C GLU B 40 -13.57 -41.44 11.05
N MET B 41 -12.89 -40.84 10.08
CA MET B 41 -11.45 -41.03 9.87
C MET B 41 -10.64 -39.74 10.05
N ALA B 42 -10.05 -39.59 11.23
CA ALA B 42 -9.22 -38.44 11.56
C ALA B 42 -7.97 -38.39 10.68
N LEU B 43 -7.65 -37.19 10.20
CA LEU B 43 -6.46 -36.97 9.39
C LEU B 43 -5.42 -36.15 10.14
N GLY B 44 -4.40 -36.84 10.64
CA GLY B 44 -3.35 -36.24 11.44
C GLY B 44 -2.42 -35.35 10.64
N ASN B 45 -2.07 -34.20 11.24
CA ASN B 45 -1.11 -33.25 10.68
C ASN B 45 -1.45 -32.70 9.28
N VAL B 46 -2.75 -32.49 9.01
CA VAL B 46 -3.20 -31.87 7.75
C VAL B 46 -4.16 -30.68 8.00
N THR B 47 -3.81 -29.54 7.42
CA THR B 47 -4.64 -28.34 7.41
C THR B 47 -4.99 -28.01 5.96
N GLU B 48 -6.18 -27.44 5.77
CA GLU B 48 -6.71 -27.21 4.42
C GLU B 48 -7.72 -26.08 4.37
N ASN B 49 -7.63 -25.29 3.30
CA ASN B 49 -8.47 -24.12 3.10
C ASN B 49 -9.89 -24.46 2.69
N PHE B 50 -10.82 -23.57 3.08
CA PHE B 50 -12.18 -23.57 2.53
C PHE B 50 -12.88 -22.20 2.53
N ASN B 51 -13.72 -22.00 1.51
CA ASN B 51 -14.62 -20.84 1.37
C ASN B 51 -16.10 -21.23 1.59
N MET B 52 -16.65 -20.79 2.73
CA MET B 52 -17.88 -21.35 3.31
C MET B 52 -19.20 -20.68 2.87
N TRP B 53 -19.28 -20.26 1.61
CA TRP B 53 -20.49 -19.63 1.05
C TRP B 53 -20.72 -20.06 -0.39
N LYS B 54 -19.64 -20.40 -1.10
CA LYS B 54 -19.69 -20.82 -2.50
C LYS B 54 -19.70 -22.35 -2.57
N ASN B 55 -20.90 -22.93 -2.50
CA ASN B 55 -21.05 -24.40 -2.41
C ASN B 55 -22.25 -24.98 -3.14
N ASP B 56 -21.97 -25.93 -4.03
CA ASP B 56 -22.98 -26.66 -4.80
C ASP B 56 -23.82 -27.56 -3.89
N MET B 57 -23.20 -28.06 -2.83
CA MET B 57 -23.84 -28.88 -1.81
C MET B 57 -25.09 -28.24 -1.20
N VAL B 58 -25.01 -26.92 -1.00
CA VAL B 58 -26.13 -26.10 -0.51
C VAL B 58 -27.25 -26.08 -1.56
N ASP B 59 -26.87 -25.81 -2.82
CA ASP B 59 -27.79 -25.69 -3.95
C ASP B 59 -28.60 -26.96 -4.20
N GLN B 60 -27.97 -28.11 -3.98
CA GLN B 60 -28.61 -29.41 -4.13
C GLN B 60 -29.66 -29.64 -3.05
N MET B 61 -29.31 -29.30 -1.81
CA MET B 61 -30.28 -29.30 -0.72
C MET B 61 -31.42 -28.33 -1.02
N HIS B 62 -31.08 -27.11 -1.42
CA HIS B 62 -32.02 -26.07 -1.84
C HIS B 62 -33.01 -26.64 -2.86
N GLU B 63 -32.49 -27.18 -3.98
CA GLU B 63 -33.32 -27.75 -5.05
C GLU B 63 -34.18 -28.93 -4.59
N ASP B 64 -33.67 -29.68 -3.61
CA ASP B 64 -34.37 -30.86 -3.06
C ASP B 64 -35.64 -30.46 -2.32
N ILE B 65 -35.54 -29.43 -1.49
CA ILE B 65 -36.66 -28.95 -0.68
C ILE B 65 -37.70 -28.24 -1.54
N ILE B 66 -37.23 -27.55 -2.57
CA ILE B 66 -38.10 -26.95 -3.60
C ILE B 66 -38.94 -28.07 -4.19
N SER B 67 -38.26 -29.05 -4.78
CA SER B 67 -38.87 -30.23 -5.37
C SER B 67 -39.60 -31.11 -4.35
N LEU B 68 -39.43 -30.79 -3.06
CA LEU B 68 -40.22 -31.40 -2.00
C LEU B 68 -41.50 -30.60 -1.73
N TRP B 69 -41.33 -29.29 -1.55
CA TRP B 69 -42.38 -28.40 -1.11
C TRP B 69 -43.49 -28.20 -2.15
N ASP B 70 -43.09 -28.17 -3.42
CA ASP B 70 -43.98 -27.91 -4.54
C ASP B 70 -45.07 -28.97 -4.75
N GLN B 71 -44.72 -30.23 -4.48
CA GLN B 71 -45.56 -31.38 -4.85
C GLN B 71 -46.43 -31.86 -3.69
N SER B 72 -46.02 -31.53 -2.47
CA SER B 72 -46.59 -32.15 -1.28
C SER B 72 -47.60 -31.26 -0.55
N LEU B 73 -47.17 -30.03 -0.22
CA LEU B 73 -48.12 -29.03 0.24
C LEU B 73 -48.68 -28.31 -0.97
N LYS B 74 -49.69 -28.94 -1.58
CA LYS B 74 -50.34 -28.40 -2.76
C LYS B 74 -51.39 -27.36 -2.32
N PRO B 75 -51.15 -26.10 -2.72
CA PRO B 75 -52.00 -24.96 -2.42
C PRO B 75 -53.34 -24.98 -3.15
N CYS B 76 -54.23 -24.08 -2.77
CA CYS B 76 -55.49 -23.84 -3.49
C CYS B 76 -55.22 -23.02 -4.74
N VAL B 77 -54.39 -21.99 -4.62
CA VAL B 77 -54.09 -21.05 -5.73
C VAL B 77 -52.60 -20.64 -5.82
N LYS B 78 -52.13 -20.37 -7.05
CA LYS B 78 -50.75 -19.91 -7.37
C LYS B 78 -50.78 -18.79 -8.43
N LEU B 79 -49.93 -17.76 -8.30
CA LEU B 79 -49.85 -16.63 -9.28
C LEU B 79 -48.51 -15.89 -9.34
N THR B 80 -48.03 -15.62 -10.57
CA THR B 80 -46.92 -14.69 -10.87
C THR B 80 -46.91 -14.30 -12.35
N GLY B 81 -46.57 -13.06 -12.65
CA GLY B 81 -46.56 -12.65 -14.04
C GLY B 81 -47.71 -13.36 -14.75
N GLY B 82 -48.71 -12.59 -15.13
CA GLY B 82 -49.88 -13.14 -15.81
C GLY B 82 -50.35 -14.45 -15.21
N SER B 83 -49.67 -15.52 -15.55
CA SER B 83 -50.00 -16.88 -15.06
C SER B 83 -50.72 -16.99 -13.70
N THR B 84 -51.76 -17.85 -13.65
CA THR B 84 -52.58 -18.15 -12.44
C THR B 84 -52.96 -19.64 -12.37
N VAL B 85 -52.88 -20.28 -11.19
CA VAL B 85 -53.24 -21.74 -11.04
C VAL B 85 -54.10 -22.08 -9.78
N THR B 86 -55.08 -22.99 -9.93
CA THR B 86 -55.85 -23.54 -8.78
C THR B 86 -56.11 -25.05 -8.84
N GLN B 87 -55.59 -25.78 -7.85
CA GLN B 87 -55.84 -27.22 -7.69
C GLN B 87 -56.53 -27.58 -6.34
N ALA B 88 -56.77 -28.87 -6.11
CA ALA B 88 -57.29 -29.37 -4.84
C ALA B 88 -56.27 -29.18 -3.71
N CYS B 89 -56.74 -28.66 -2.58
CA CYS B 89 -55.86 -28.28 -1.47
C CYS B 89 -56.29 -28.88 -0.12
N PRO B 90 -55.96 -30.16 0.10
CA PRO B 90 -56.27 -30.74 1.40
C PRO B 90 -55.29 -30.27 2.46
N LYS B 91 -55.77 -30.21 3.70
CA LYS B 91 -54.93 -30.02 4.87
C LYS B 91 -54.16 -31.32 5.09
N VAL B 92 -52.86 -31.21 5.36
CA VAL B 92 -52.00 -32.38 5.59
C VAL B 92 -51.37 -32.37 6.99
N SER B 93 -51.10 -33.57 7.53
CA SER B 93 -50.28 -33.73 8.73
C SER B 93 -48.81 -33.50 8.35
N PHE B 94 -47.99 -33.03 9.29
CA PHE B 94 -46.60 -32.63 8.99
C PHE B 94 -45.68 -32.39 10.20
N ASP B 95 -44.37 -32.61 9.99
CA ASP B 95 -43.31 -32.34 10.97
C ASP B 95 -41.92 -32.32 10.32
N PRO B 96 -40.91 -31.72 11.00
CA PRO B 96 -39.53 -31.82 10.51
C PRO B 96 -38.79 -33.07 11.03
N ILE B 97 -38.13 -33.79 10.11
CA ILE B 97 -37.31 -34.99 10.41
C ILE B 97 -35.84 -34.79 9.98
N PRO B 98 -34.87 -35.12 10.87
CA PRO B 98 -33.43 -35.08 10.57
C PRO B 98 -32.98 -35.85 9.30
N ILE B 99 -32.09 -35.22 8.53
CA ILE B 99 -31.59 -35.75 7.24
C ILE B 99 -30.06 -35.76 7.20
N HIS B 100 -29.51 -36.80 6.58
CA HIS B 100 -28.11 -36.85 6.20
C HIS B 100 -28.02 -36.87 4.68
N TYR B 101 -27.14 -36.05 4.09
CA TYR B 101 -26.76 -36.25 2.69
C TYR B 101 -25.50 -37.09 2.67
N CYS B 102 -25.30 -37.83 1.58
CA CYS B 102 -24.21 -38.81 1.49
C CYS B 102 -23.47 -38.80 0.15
N ALA B 103 -22.26 -39.36 0.17
CA ALA B 103 -21.30 -39.29 -0.95
C ALA B 103 -21.30 -40.52 -1.87
N PRO B 104 -21.39 -40.31 -3.20
CA PRO B 104 -21.19 -41.38 -4.19
C PRO B 104 -19.74 -41.87 -4.29
N ALA B 105 -19.54 -42.93 -5.07
CA ALA B 105 -18.25 -43.63 -5.20
C ALA B 105 -17.09 -42.76 -5.72
N GLY B 106 -15.86 -43.20 -5.44
CA GLY B 106 -14.62 -42.52 -5.86
C GLY B 106 -14.51 -41.09 -5.35
N TYR B 107 -15.00 -40.90 -4.13
CA TYR B 107 -15.38 -39.60 -3.59
C TYR B 107 -15.92 -39.77 -2.15
N ALA B 108 -15.60 -38.81 -1.28
CA ALA B 108 -16.06 -38.79 0.13
C ALA B 108 -16.19 -37.36 0.69
N ILE B 109 -16.77 -37.22 1.88
CA ILE B 109 -16.91 -35.90 2.53
C ILE B 109 -16.05 -35.77 3.78
N LEU B 110 -15.74 -34.53 4.17
CA LEU B 110 -14.88 -34.26 5.33
C LEU B 110 -15.57 -33.43 6.42
N LYS B 111 -14.92 -33.33 7.58
CA LYS B 111 -15.42 -32.59 8.74
C LYS B 111 -14.36 -31.65 9.32
N CYS B 112 -14.62 -30.35 9.23
CA CYS B 112 -13.80 -29.35 9.89
C CYS B 112 -14.19 -29.30 11.37
N ASN B 113 -13.50 -30.08 12.19
CA ASN B 113 -13.80 -30.13 13.63
C ASN B 113 -13.24 -28.96 14.46
N ASN B 114 -12.78 -27.91 13.78
CA ASN B 114 -12.45 -26.62 14.39
C ASN B 114 -13.74 -26.00 14.88
N GLU B 115 -14.00 -26.15 16.18
CA GLU B 115 -15.17 -25.55 16.83
C GLU B 115 -14.97 -24.03 16.95
N THR B 116 -13.72 -23.60 16.76
CA THR B 116 -13.36 -22.18 16.62
C THR B 116 -13.02 -21.88 15.15
N PHE B 117 -13.91 -22.33 14.27
CA PHE B 117 -13.82 -21.99 12.85
C PHE B 117 -14.96 -21.06 12.45
N GLU B 118 -14.57 -20.01 11.74
CA GLU B 118 -15.45 -18.91 11.38
C GLU B 118 -16.03 -19.03 9.97
N GLY B 119 -15.22 -19.53 9.04
CA GLY B 119 -15.59 -19.61 7.63
C GLY B 119 -14.41 -19.43 6.70
N THR B 120 -13.70 -18.33 6.87
CA THR B 120 -12.57 -17.97 6.00
C THR B 120 -11.34 -18.83 6.26
N GLY B 121 -10.71 -19.27 5.18
CA GLY B 121 -9.39 -19.89 5.22
C GLY B 121 -9.26 -21.30 5.77
N PRO B 122 -8.15 -21.57 6.51
CA PRO B 122 -7.74 -22.93 6.87
C PRO B 122 -8.45 -23.54 8.07
N CYS B 123 -8.92 -24.77 7.90
CA CYS B 123 -9.35 -25.63 8.99
C CYS B 123 -8.12 -26.34 9.54
N ASN B 124 -7.88 -26.19 10.84
CA ASN B 124 -6.71 -26.82 11.49
C ASN B 124 -6.82 -28.36 11.63
N ASN B 125 -7.64 -28.83 12.58
CA ASN B 125 -7.87 -30.26 12.81
C ASN B 125 -9.05 -30.76 11.97
N VAL B 126 -8.80 -31.76 11.11
CA VAL B 126 -9.83 -32.29 10.20
C VAL B 126 -9.91 -33.82 10.14
N SER B 127 -11.11 -34.31 9.85
CA SER B 127 -11.41 -35.73 9.70
C SER B 127 -12.26 -35.96 8.44
N THR B 128 -12.41 -37.22 8.02
CA THR B 128 -13.30 -37.58 6.90
C THR B 128 -14.50 -38.41 7.37
N VAL B 129 -15.60 -38.30 6.64
CA VAL B 129 -16.89 -38.87 7.06
C VAL B 129 -17.67 -39.40 5.86
N GLN B 130 -18.51 -40.40 6.11
CA GLN B 130 -19.42 -40.92 5.09
C GLN B 130 -20.61 -39.98 4.86
N CYS B 131 -21.31 -39.62 5.94
CA CYS B 131 -22.50 -38.75 5.88
C CYS B 131 -22.58 -37.82 7.09
N THR B 132 -23.06 -36.61 6.84
CA THR B 132 -23.30 -35.60 7.87
C THR B 132 -24.26 -36.07 8.97
N HIS B 133 -24.26 -35.37 10.10
CA HIS B 133 -25.24 -35.62 11.15
C HIS B 133 -26.62 -35.10 10.76
N GLY B 134 -27.65 -35.64 11.41
CA GLY B 134 -29.05 -35.36 11.13
C GLY B 134 -29.45 -33.89 11.24
N ILE B 135 -30.06 -33.40 10.18
CA ILE B 135 -30.65 -32.07 10.16
C ILE B 135 -32.06 -32.05 9.57
N LYS B 136 -33.01 -31.58 10.39
CA LYS B 136 -34.36 -31.30 9.92
C LYS B 136 -34.43 -29.92 9.25
N PRO B 137 -35.01 -29.84 8.03
CA PRO B 137 -34.96 -28.61 7.24
C PRO B 137 -35.95 -27.55 7.72
N VAL B 138 -35.39 -26.48 8.28
CA VAL B 138 -36.17 -25.42 8.90
C VAL B 138 -36.41 -24.28 7.91
N VAL B 139 -37.69 -24.08 7.56
CA VAL B 139 -38.11 -22.97 6.69
C VAL B 139 -38.58 -21.80 7.57
N SER B 140 -37.65 -20.87 7.83
CA SER B 140 -37.88 -19.76 8.78
C SER B 140 -37.17 -18.48 8.37
N THR B 141 -37.80 -17.35 8.69
CA THR B 141 -37.18 -16.04 8.47
C THR B 141 -36.65 -15.46 9.77
N GLN B 142 -35.55 -14.72 9.65
CA GLN B 142 -34.84 -14.09 10.78
C GLN B 142 -34.14 -15.13 11.68
N LEU B 143 -34.92 -15.98 12.34
CA LEU B 143 -34.40 -16.93 13.34
C LEU B 143 -34.13 -18.33 12.77
N LEU B 144 -33.22 -19.07 13.40
CA LEU B 144 -32.88 -20.45 13.01
C LEU B 144 -33.27 -21.44 14.08
N LEU B 145 -34.22 -22.32 13.78
CA LEU B 145 -34.74 -23.29 14.75
C LEU B 145 -34.19 -24.70 14.57
N ASN B 146 -34.21 -25.46 15.66
CA ASN B 146 -34.00 -26.92 15.70
C ASN B 146 -32.72 -27.48 15.04
N GLY B 147 -31.87 -26.58 14.55
CA GLY B 147 -30.63 -26.93 13.85
C GLY B 147 -29.48 -27.37 14.75
N SER B 148 -28.26 -27.04 14.33
CA SER B 148 -27.04 -27.44 15.04
C SER B 148 -26.51 -26.30 15.93
N LEU B 149 -26.26 -26.63 17.20
CA LEU B 149 -25.75 -25.67 18.18
C LEU B 149 -24.24 -25.65 18.27
N ALA B 150 -23.69 -24.55 18.79
CA ALA B 150 -22.27 -24.42 19.10
C ALA B 150 -21.90 -25.22 20.34
N LYS B 151 -20.63 -25.64 20.42
CA LYS B 151 -20.13 -26.48 21.50
C LYS B 151 -19.18 -25.76 22.47
N GLU B 152 -18.29 -24.92 21.92
CA GLU B 152 -17.32 -24.15 22.71
C GLU B 152 -17.86 -22.78 23.12
N GLU B 153 -17.95 -21.89 22.13
CA GLU B 153 -18.47 -20.53 22.31
C GLU B 153 -19.38 -20.15 21.14
N ILE B 154 -20.21 -19.13 21.36
CA ILE B 154 -21.08 -18.57 20.34
C ILE B 154 -20.18 -17.85 19.33
N VAL B 155 -20.21 -18.30 18.07
CA VAL B 155 -19.42 -17.62 17.02
C VAL B 155 -20.29 -17.10 15.88
N ILE B 156 -19.76 -16.08 15.19
CA ILE B 156 -20.45 -15.39 14.10
C ILE B 156 -19.82 -15.74 12.76
N ARG B 157 -20.66 -15.80 11.73
CA ARG B 157 -20.24 -16.17 10.37
C ARG B 157 -20.91 -15.30 9.28
N SER B 158 -20.09 -14.51 8.59
CA SER B 158 -20.50 -13.72 7.42
C SER B 158 -19.34 -13.63 6.44
N GLU B 159 -19.66 -13.43 5.17
CA GLU B 159 -18.66 -13.31 4.10
C GLU B 159 -17.53 -12.35 4.50
N ASN B 160 -17.91 -11.11 4.76
CA ASN B 160 -17.04 -10.06 5.28
C ASN B 160 -17.92 -8.86 5.54
N LEU B 161 -17.79 -8.26 6.73
CA LEU B 161 -18.58 -7.09 7.12
C LEU B 161 -18.25 -5.85 6.27
N THR B 162 -17.05 -5.85 5.68
CA THR B 162 -16.62 -4.84 4.68
C THR B 162 -17.50 -4.82 3.43
N ASP B 163 -18.13 -5.95 3.14
CA ASP B 163 -19.12 -6.04 2.07
C ASP B 163 -20.55 -6.16 2.67
N ASN B 164 -20.77 -5.46 3.78
CA ASN B 164 -22.05 -5.29 4.53
C ASN B 164 -23.34 -5.96 4.04
N ALA B 165 -23.65 -5.76 2.75
CA ALA B 165 -24.79 -6.38 2.05
C ALA B 165 -24.80 -7.90 2.15
N LYS B 166 -23.62 -8.49 2.38
CA LYS B 166 -23.49 -9.91 2.70
C LYS B 166 -24.14 -10.15 4.06
N THR B 167 -25.23 -10.91 4.03
CA THR B 167 -26.02 -11.22 5.22
C THR B 167 -25.19 -11.94 6.25
N ILE B 168 -25.24 -11.42 7.47
CA ILE B 168 -24.49 -11.95 8.60
C ILE B 168 -25.34 -12.98 9.34
N ILE B 169 -24.72 -14.08 9.76
CA ILE B 169 -25.46 -15.17 10.44
C ILE B 169 -24.82 -15.60 11.79
N VAL B 170 -25.66 -16.08 12.69
CA VAL B 170 -25.26 -16.43 14.07
C VAL B 170 -25.70 -17.84 14.43
N HIS B 171 -24.93 -18.50 15.30
CA HIS B 171 -25.33 -19.75 15.95
C HIS B 171 -24.89 -19.73 17.41
N LEU B 172 -25.71 -20.33 18.26
CA LEU B 172 -25.63 -20.14 19.72
C LEU B 172 -25.06 -21.32 20.47
N LYS B 173 -24.54 -21.04 21.66
CA LYS B 173 -24.04 -22.05 22.60
C LYS B 173 -25.19 -22.71 23.39
N GLU B 174 -26.22 -21.93 23.71
CA GLU B 174 -27.38 -22.44 24.44
C GLU B 174 -28.69 -22.15 23.69
N SER B 175 -29.67 -23.04 23.88
CA SER B 175 -30.92 -23.02 23.10
C SER B 175 -32.08 -22.36 23.82
N VAL B 176 -32.82 -21.55 23.09
CA VAL B 176 -34.00 -20.87 23.61
C VAL B 176 -35.22 -21.73 23.33
N GLU B 177 -35.92 -22.10 24.40
CA GLU B 177 -37.11 -22.94 24.33
C GLU B 177 -38.36 -22.08 24.05
N ILE B 178 -38.93 -22.25 22.86
CA ILE B 178 -40.16 -21.51 22.43
C ILE B 178 -41.38 -22.40 22.19
N VAL B 179 -42.54 -21.87 22.55
CA VAL B 179 -43.84 -22.53 22.32
C VAL B 179 -44.78 -21.52 21.67
N CYS B 180 -45.38 -21.90 20.54
CA CYS B 180 -46.37 -21.05 19.84
C CYS B 180 -47.75 -21.67 19.87
N THR B 181 -48.78 -20.83 19.94
CA THR B 181 -50.16 -21.31 20.17
C THR B 181 -51.23 -20.55 19.37
N ARG B 182 -52.16 -21.30 18.78
CA ARG B 182 -53.43 -20.78 18.28
C ARG B 182 -54.60 -21.64 18.80
N PRO B 183 -55.49 -21.05 19.65
CA PRO B 183 -56.61 -21.76 20.31
C PRO B 183 -57.79 -22.13 19.41
N GLY B 184 -58.68 -22.99 19.92
CA GLY B 184 -59.89 -23.43 19.24
C GLY B 184 -61.15 -22.99 19.97
N ASP B 193 -61.59 -14.17 17.09
CA ASP B 193 -60.61 -14.02 16.01
C ASP B 193 -59.78 -15.30 15.87
N THR B 194 -60.07 -16.07 14.82
CA THR B 194 -59.38 -17.35 14.53
C THR B 194 -58.11 -17.19 13.68
N ARG B 195 -57.77 -15.93 13.41
CA ARG B 195 -56.65 -15.55 12.52
C ARG B 195 -55.44 -15.10 13.33
N GLN B 196 -55.68 -14.23 14.31
CA GLN B 196 -54.66 -13.70 15.22
C GLN B 196 -54.06 -14.82 16.07
N ALA B 197 -52.72 -14.86 16.11
CA ALA B 197 -51.99 -15.84 16.89
C ALA B 197 -51.01 -15.16 17.87
N HIS B 198 -50.21 -15.96 18.58
CA HIS B 198 -49.24 -15.44 19.55
C HIS B 198 -48.12 -16.44 19.88
N CYS B 199 -46.99 -15.91 20.36
CA CYS B 199 -45.82 -16.72 20.73
C CYS B 199 -45.17 -16.25 22.05
N ASN B 200 -44.50 -17.19 22.75
CA ASN B 200 -44.03 -16.99 24.13
C ASN B 200 -42.59 -17.39 24.44
N ILE B 201 -41.88 -16.49 25.13
CA ILE B 201 -40.49 -16.71 25.58
C ILE B 201 -40.35 -16.06 26.95
N SER B 202 -39.65 -16.74 27.85
CA SER B 202 -39.37 -16.19 29.15
C SER B 202 -38.10 -15.30 29.11
N GLU B 203 -38.30 -14.01 29.41
CA GLU B 203 -37.32 -12.91 29.30
C GLU B 203 -35.83 -13.23 29.50
N GLU B 204 -35.51 -13.85 30.64
CA GLU B 204 -34.12 -14.05 31.12
C GLU B 204 -33.21 -14.80 30.15
N LYS B 205 -33.77 -15.76 29.41
CA LYS B 205 -33.05 -16.50 28.40
C LYS B 205 -32.67 -15.55 27.26
N TRP B 206 -33.66 -14.81 26.76
CA TRP B 206 -33.48 -13.86 25.66
C TRP B 206 -32.55 -12.69 25.99
N ASN B 207 -32.66 -12.15 27.20
CA ASN B 207 -31.87 -10.99 27.63
C ASN B 207 -30.36 -11.27 27.71
N LYS B 208 -30.00 -12.43 28.27
CA LYS B 208 -28.59 -12.81 28.46
C LYS B 208 -27.90 -13.23 27.16
N THR B 209 -28.66 -13.88 26.27
CA THR B 209 -28.14 -14.27 24.97
C THR B 209 -27.64 -13.04 24.22
N LEU B 210 -28.50 -12.04 24.08
CA LEU B 210 -28.16 -10.81 23.38
C LEU B 210 -27.06 -10.00 24.06
N GLN B 211 -26.97 -10.16 25.38
CA GLN B 211 -25.84 -9.64 26.15
C GLN B 211 -24.54 -10.31 25.72
N LYS B 212 -24.52 -11.65 25.75
CA LYS B 212 -23.34 -12.41 25.32
C LYS B 212 -23.08 -12.25 23.81
N VAL B 213 -24.15 -11.97 23.05
CA VAL B 213 -24.07 -11.66 21.63
C VAL B 213 -23.37 -10.32 21.47
N SER B 214 -23.91 -9.28 22.13
CA SER B 214 -23.32 -7.94 22.09
C SER B 214 -21.84 -7.95 22.49
N LYS B 215 -21.51 -8.79 23.47
CA LYS B 215 -20.14 -8.95 23.96
C LYS B 215 -19.18 -9.56 22.92
N ILE B 216 -19.66 -10.51 22.11
CA ILE B 216 -18.83 -11.07 21.03
C ILE B 216 -18.79 -10.17 19.80
N LEU B 217 -19.73 -9.24 19.74
CA LEU B 217 -19.85 -8.28 18.64
C LEU B 217 -18.86 -7.13 18.72
N GLN B 218 -18.75 -6.52 19.91
CA GLN B 218 -17.81 -5.41 20.16
C GLN B 218 -16.36 -5.80 19.86
N GLU B 219 -16.14 -7.10 19.70
CA GLU B 219 -14.84 -7.67 19.34
C GLU B 219 -14.69 -7.81 17.83
N HIS B 220 -15.64 -8.49 17.19
CA HIS B 220 -15.60 -8.74 15.74
C HIS B 220 -15.45 -7.44 14.94
N PHE B 221 -16.38 -6.51 15.18
CA PHE B 221 -16.29 -5.14 14.72
C PHE B 221 -15.50 -4.50 15.85
N PRO B 222 -14.28 -4.06 15.58
CA PRO B 222 -13.51 -3.40 16.62
C PRO B 222 -14.39 -2.36 17.32
N ASN B 223 -14.28 -2.28 18.63
CA ASN B 223 -15.06 -1.33 19.42
C ASN B 223 -16.55 -1.28 19.10
N LYS B 224 -17.27 -0.38 19.76
CA LYS B 224 -18.75 -0.21 19.56
C LYS B 224 -19.81 -0.17 20.76
N ALA B 225 -20.99 0.45 20.53
CA ALA B 225 -22.18 0.59 21.39
C ALA B 225 -23.40 -0.12 20.78
N ILE B 226 -23.41 -1.44 20.90
CA ILE B 226 -24.31 -2.33 20.16
C ILE B 226 -25.80 -2.03 20.40
N LYS B 227 -26.47 -1.72 19.29
CA LYS B 227 -27.90 -1.40 19.30
C LYS B 227 -28.66 -2.36 18.39
N PHE B 228 -29.80 -2.82 18.88
CA PHE B 228 -30.66 -3.72 18.11
C PHE B 228 -32.00 -3.08 17.77
N GLU B 229 -32.29 -3.05 16.47
CA GLU B 229 -33.53 -2.49 15.94
C GLU B 229 -34.13 -3.42 14.89
N PRO B 230 -35.49 -3.39 14.73
CA PRO B 230 -36.16 -4.29 13.80
C PRO B 230 -35.96 -3.96 12.31
N HIS B 231 -36.74 -4.63 11.47
CA HIS B 231 -36.74 -4.45 10.02
C HIS B 231 -37.25 -3.05 9.63
N SER B 232 -36.92 -2.65 8.41
CA SER B 232 -37.21 -1.29 7.93
C SER B 232 -38.19 -1.21 6.75
N GLY B 233 -38.60 -2.36 6.19
CA GLY B 233 -39.55 -2.39 5.08
C GLY B 233 -39.39 -3.54 4.11
N GLY B 234 -40.06 -3.43 2.96
CA GLY B 234 -40.16 -4.54 2.01
C GLY B 234 -41.32 -5.44 2.41
N ASP B 235 -41.39 -6.63 1.82
CA ASP B 235 -42.52 -7.54 2.02
C ASP B 235 -42.60 -8.18 3.42
N LEU B 236 -43.65 -9.00 3.62
CA LEU B 236 -44.00 -9.56 4.92
C LEU B 236 -42.96 -10.48 5.56
N GLU B 237 -42.74 -11.63 4.92
CA GLU B 237 -41.94 -12.75 5.45
C GLU B 237 -40.66 -12.32 6.17
N ILE B 238 -39.89 -11.46 5.53
CA ILE B 238 -38.60 -10.99 6.05
C ILE B 238 -38.76 -10.02 7.22
N THR B 239 -39.76 -9.15 7.12
CA THR B 239 -40.07 -8.17 8.15
C THR B 239 -40.59 -8.84 9.41
N THR B 240 -41.19 -10.02 9.24
CA THR B 240 -41.70 -10.81 10.35
C THR B 240 -40.81 -12.04 10.62
N HIS B 241 -41.17 -12.82 11.62
CA HIS B 241 -40.70 -14.18 11.72
C HIS B 241 -41.78 -15.12 11.21
N SER B 242 -41.61 -15.55 9.96
CA SER B 242 -42.55 -16.41 9.27
C SER B 242 -42.04 -17.82 9.19
N PHE B 243 -42.94 -18.78 9.40
CA PHE B 243 -42.60 -20.20 9.53
C PHE B 243 -43.82 -21.12 9.46
N ASN B 244 -43.55 -22.44 9.38
CA ASN B 244 -44.58 -23.47 9.39
C ASN B 244 -44.52 -24.35 10.63
N CYS B 245 -45.69 -24.71 11.13
CA CYS B 245 -45.84 -25.58 12.30
C CYS B 245 -47.03 -26.52 12.07
N ARG B 246 -46.80 -27.53 11.23
CA ARG B 246 -47.72 -28.69 11.02
C ARG B 246 -48.76 -28.57 9.87
N GLY B 247 -49.23 -27.35 9.55
CA GLY B 247 -50.21 -27.17 8.45
C GLY B 247 -50.78 -25.78 8.19
N GLU B 248 -49.90 -24.78 8.26
CA GLU B 248 -50.27 -23.35 8.20
C GLU B 248 -49.02 -22.52 7.88
N PHE B 249 -49.13 -21.20 8.00
CA PHE B 249 -47.97 -20.30 7.89
C PHE B 249 -48.04 -19.16 8.92
N PHE B 250 -47.18 -19.25 9.93
CA PHE B 250 -47.12 -18.27 11.00
C PHE B 250 -46.46 -16.98 10.55
N TYR B 251 -46.95 -15.87 11.07
CA TYR B 251 -46.41 -14.54 10.82
C TYR B 251 -46.50 -13.72 12.10
N CYS B 252 -45.35 -13.51 12.76
CA CYS B 252 -45.33 -12.92 14.09
C CYS B 252 -44.53 -11.64 14.25
N ASN B 253 -45.14 -10.67 14.93
CA ASN B 253 -44.50 -9.40 15.32
C ASN B 253 -43.18 -9.68 16.02
N THR B 254 -42.15 -8.95 15.61
CA THR B 254 -40.79 -9.13 16.13
C THR B 254 -40.25 -7.80 16.66
N THR B 255 -41.16 -6.84 16.85
CA THR B 255 -40.82 -5.46 17.21
C THR B 255 -40.11 -5.36 18.58
N LYS B 256 -40.54 -6.16 19.55
CA LYS B 256 -40.04 -6.09 20.94
C LYS B 256 -38.65 -6.67 21.15
N LEU B 257 -38.36 -7.76 20.44
CA LEU B 257 -37.16 -8.55 20.69
C LEU B 257 -35.83 -7.90 20.28
N PHE B 258 -35.88 -7.00 19.31
CA PHE B 258 -34.76 -6.08 19.03
C PHE B 258 -34.99 -4.80 19.82
N ASN B 259 -34.34 -4.68 20.97
CA ASN B 259 -34.59 -3.58 21.91
C ASN B 259 -33.33 -2.85 22.41
N GLY B 260 -32.76 -2.01 21.53
CA GLY B 260 -31.66 -1.10 21.87
C GLY B 260 -30.36 -1.70 22.38
N THR B 261 -29.83 -1.11 23.45
CA THR B 261 -28.57 -1.53 24.09
C THR B 261 -28.83 -2.60 25.15
N TYR B 262 -28.06 -3.70 25.08
CA TYR B 262 -28.08 -4.74 26.11
C TYR B 262 -26.77 -4.69 26.91
N ASN B 263 -26.92 -4.42 28.20
CA ASN B 263 -25.82 -4.01 29.07
C ASN B 263 -25.52 -5.03 30.18
N SER B 264 -24.24 -5.27 30.45
CA SER B 264 -23.81 -6.19 31.52
C SER B 264 -23.78 -5.51 32.88
N SER B 273 -44.36 -17.14 36.59
CA SER B 273 -43.73 -16.39 37.68
C SER B 273 -42.33 -15.88 37.32
N ASN B 274 -41.84 -16.29 36.16
CA ASN B 274 -40.52 -15.91 35.67
C ASN B 274 -40.54 -14.84 34.55
N THR B 275 -41.71 -14.20 34.36
CA THR B 275 -42.03 -13.23 33.27
C THR B 275 -41.79 -13.70 31.84
N THR B 276 -42.81 -13.49 31.00
CA THR B 276 -42.78 -13.94 29.62
C THR B 276 -43.09 -12.78 28.68
N ILE B 277 -42.21 -12.61 27.69
CA ILE B 277 -42.46 -11.70 26.57
C ILE B 277 -43.37 -12.43 25.59
N THR B 278 -44.44 -11.75 25.19
CA THR B 278 -45.49 -12.33 24.36
C THR B 278 -45.66 -11.53 23.07
N LEU B 279 -45.55 -12.23 21.94
CA LEU B 279 -45.53 -11.60 20.62
C LEU B 279 -46.83 -11.84 19.84
N PRO B 280 -47.50 -10.76 19.38
CA PRO B 280 -48.75 -10.91 18.63
C PRO B 280 -48.53 -11.38 17.20
N CYS B 281 -48.81 -12.66 16.98
CA CYS B 281 -48.70 -13.24 15.66
C CYS B 281 -50.04 -13.17 14.95
N ARG B 282 -50.03 -13.64 13.71
CA ARG B 282 -51.23 -13.89 12.94
C ARG B 282 -50.90 -14.93 11.90
N ILE B 283 -51.91 -15.64 11.43
CA ILE B 283 -51.72 -16.58 10.35
C ILE B 283 -52.14 -15.92 9.04
N LYS B 284 -51.69 -16.50 7.94
CA LYS B 284 -52.03 -16.01 6.62
C LYS B 284 -52.50 -17.14 5.73
N GLN B 285 -53.60 -16.89 5.01
CA GLN B 285 -53.97 -17.74 3.88
C GLN B 285 -53.02 -17.43 2.73
N ILE B 286 -52.40 -16.26 2.78
CA ILE B 286 -51.57 -15.73 1.69
C ILE B 286 -50.09 -15.48 2.04
N VAL B 287 -49.22 -16.08 1.21
CA VAL B 287 -47.76 -16.22 1.47
C VAL B 287 -46.94 -15.88 0.22
N ASN B 288 -45.88 -15.08 0.39
CA ASN B 288 -44.95 -14.77 -0.71
C ASN B 288 -43.90 -15.87 -0.91
N MET B 289 -43.92 -16.48 -2.10
CA MET B 289 -43.06 -17.61 -2.49
C MET B 289 -41.61 -17.34 -2.12
N TRP B 290 -41.01 -18.33 -1.48
CA TRP B 290 -39.62 -18.23 -1.04
C TRP B 290 -38.64 -18.84 -2.05
N GLN B 291 -39.15 -19.67 -2.96
CA GLN B 291 -38.32 -20.24 -4.04
C GLN B 291 -38.00 -19.15 -5.07
N GLY B 292 -39.06 -18.60 -5.66
CA GLY B 292 -38.96 -17.48 -6.57
C GLY B 292 -39.98 -16.41 -6.24
N VAL B 293 -40.12 -15.43 -7.15
CA VAL B 293 -41.18 -14.42 -7.07
C VAL B 293 -42.52 -15.11 -7.27
N GLY B 294 -43.49 -14.74 -6.44
CA GLY B 294 -44.80 -15.36 -6.47
C GLY B 294 -45.50 -15.20 -5.15
N ARG B 295 -46.83 -15.21 -5.21
CA ARG B 295 -47.69 -15.11 -4.03
C ARG B 295 -48.69 -16.31 -4.05
N ALA B 296 -48.99 -16.87 -2.87
CA ALA B 296 -49.60 -18.22 -2.73
C ALA B 296 -50.81 -18.32 -1.79
N MET B 297 -51.80 -19.15 -2.17
CA MET B 297 -53.04 -19.34 -1.38
C MET B 297 -53.30 -20.79 -0.98
N TYR B 298 -53.49 -21.00 0.31
CA TYR B 298 -53.62 -22.33 0.90
C TYR B 298 -54.94 -22.56 1.64
N ALA B 299 -55.18 -23.83 1.99
CA ALA B 299 -56.35 -24.27 2.74
C ALA B 299 -56.46 -23.55 4.08
N PRO B 300 -57.67 -23.05 4.41
CA PRO B 300 -57.96 -22.46 5.74
C PRO B 300 -57.64 -23.45 6.87
N PRO B 301 -57.50 -22.93 8.12
CA PRO B 301 -57.02 -23.82 9.19
C PRO B 301 -58.06 -24.83 9.68
N ILE B 302 -57.59 -25.82 10.43
CA ILE B 302 -58.47 -26.76 11.13
C ILE B 302 -58.57 -26.38 12.62
N LYS B 303 -59.63 -26.87 13.26
CA LYS B 303 -60.00 -26.58 14.65
C LYS B 303 -58.92 -26.97 15.69
N GLY B 304 -59.00 -26.39 16.89
CA GLY B 304 -58.29 -26.89 18.07
C GLY B 304 -56.98 -26.22 18.45
N ASN B 305 -56.33 -26.79 19.48
CA ASN B 305 -55.04 -26.35 19.99
C ASN B 305 -53.91 -26.67 19.02
N ILE B 306 -53.30 -25.60 18.50
CA ILE B 306 -52.21 -25.70 17.53
C ILE B 306 -50.93 -25.25 18.23
N THR B 307 -50.06 -26.21 18.52
CA THR B 307 -48.85 -25.98 19.33
C THR B 307 -47.61 -26.69 18.81
N CYS B 308 -46.46 -26.02 18.92
CA CYS B 308 -45.15 -26.66 18.77
C CYS B 308 -44.09 -26.05 19.66
N LYS B 309 -43.53 -26.89 20.51
CA LYS B 309 -42.27 -26.60 21.14
C LYS B 309 -41.14 -26.92 20.14
N SER B 310 -40.37 -25.88 19.82
CA SER B 310 -39.15 -25.97 19.00
C SER B 310 -38.09 -25.01 19.58
N ILE B 311 -36.81 -25.27 19.30
CA ILE B 311 -35.70 -24.49 19.91
C ILE B 311 -34.92 -23.67 18.90
N ILE B 312 -34.54 -22.44 19.30
CA ILE B 312 -33.72 -21.57 18.45
C ILE B 312 -32.24 -21.97 18.54
N THR B 313 -31.62 -22.11 17.37
CA THR B 313 -30.22 -22.52 17.24
C THR B 313 -29.31 -21.42 16.68
N GLY B 314 -29.90 -20.44 16.00
CA GLY B 314 -29.17 -19.26 15.50
C GLY B 314 -30.04 -18.14 14.97
N LEU B 315 -29.41 -17.17 14.30
CA LEU B 315 -30.09 -15.98 13.78
C LEU B 315 -29.38 -15.33 12.57
N LEU B 316 -30.19 -14.75 11.68
CA LEU B 316 -29.69 -13.98 10.52
C LEU B 316 -29.97 -12.50 10.71
N LEU B 317 -28.95 -11.69 10.44
CA LEU B 317 -29.09 -10.23 10.44
C LEU B 317 -28.41 -9.60 9.23
N THR B 318 -28.58 -8.28 9.11
CA THR B 318 -27.83 -7.48 8.17
C THR B 318 -27.30 -6.27 8.94
N ARG B 319 -26.05 -5.93 8.65
CA ARG B 319 -25.47 -4.67 9.09
C ARG B 319 -26.28 -3.55 8.44
N ASP B 320 -26.89 -2.70 9.27
CA ASP B 320 -27.63 -1.53 8.78
C ASP B 320 -26.63 -0.48 8.30
N LYS B 321 -26.75 -0.15 7.02
CA LYS B 321 -25.81 0.75 6.33
C LYS B 321 -26.10 2.22 6.67
N ASP B 322 -26.40 2.48 7.95
CA ASP B 322 -26.83 3.80 8.41
C ASP B 322 -26.37 4.10 9.84
N SER B 323 -25.90 5.33 10.04
CA SER B 323 -25.49 5.90 11.35
C SER B 323 -24.16 5.40 11.89
N ASN B 324 -23.35 6.33 12.42
CA ASN B 324 -22.12 6.03 13.19
C ASN B 324 -22.43 5.38 14.53
N THR B 325 -23.46 4.55 14.50
CA THR B 325 -23.92 3.79 15.64
C THR B 325 -23.72 2.32 15.25
N GLU B 326 -24.48 1.41 15.86
CA GLU B 326 -24.19 -0.02 15.79
C GLU B 326 -25.46 -0.83 15.53
N THR B 327 -26.29 -0.28 14.66
CA THR B 327 -27.63 -0.79 14.37
C THR B 327 -27.56 -2.13 13.65
N PHE B 328 -28.10 -3.17 14.30
CA PHE B 328 -28.23 -4.47 13.67
C PHE B 328 -29.69 -4.87 13.57
N ARG B 329 -30.07 -5.17 12.33
CA ARG B 329 -31.45 -5.42 11.97
C ARG B 329 -31.61 -6.79 11.31
N PRO B 330 -32.75 -7.47 11.56
CA PRO B 330 -33.03 -8.83 11.10
C PRO B 330 -32.81 -9.07 9.61
N GLY B 331 -32.32 -10.26 9.30
CA GLY B 331 -32.07 -10.67 7.93
C GLY B 331 -33.14 -11.61 7.42
N GLY B 332 -32.77 -12.43 6.46
CA GLY B 332 -33.69 -13.39 5.84
C GLY B 332 -33.90 -13.13 4.37
N GLY B 333 -34.89 -13.84 3.81
CA GLY B 333 -35.24 -13.75 2.39
C GLY B 333 -34.76 -14.99 1.67
N ASP B 334 -33.45 -15.08 1.52
CA ASP B 334 -32.79 -16.25 1.00
C ASP B 334 -32.94 -17.42 1.96
N MET B 335 -32.95 -18.64 1.42
CA MET B 335 -32.98 -19.85 2.24
C MET B 335 -31.70 -20.66 2.13
N ARG B 336 -30.87 -20.30 1.15
CA ARG B 336 -29.53 -20.87 1.00
C ARG B 336 -28.69 -20.57 2.25
N ASP B 337 -28.88 -19.37 2.81
CA ASP B 337 -28.29 -18.98 4.09
C ASP B 337 -28.82 -19.82 5.26
N ASN B 338 -30.11 -20.19 5.19
CA ASN B 338 -30.76 -21.04 6.21
C ASN B 338 -30.13 -22.42 6.26
N TRP B 339 -29.61 -22.87 5.12
CA TRP B 339 -28.96 -24.17 5.04
C TRP B 339 -27.51 -24.11 5.53
N ARG B 340 -26.91 -22.92 5.43
CA ARG B 340 -25.51 -22.71 5.74
C ARG B 340 -25.10 -22.99 7.20
N SER B 341 -26.02 -22.80 8.14
CA SER B 341 -25.74 -22.82 9.59
C SER B 341 -25.36 -24.16 10.22
N GLU B 342 -25.66 -25.25 9.53
CA GLU B 342 -25.52 -26.60 10.08
C GLU B 342 -24.57 -27.47 9.25
N LEU B 343 -24.65 -27.33 7.92
CA LEU B 343 -23.79 -28.05 6.98
C LEU B 343 -22.40 -27.42 6.87
N TYR B 344 -22.21 -26.33 7.63
CA TYR B 344 -21.03 -25.48 7.58
C TYR B 344 -19.72 -26.27 7.49
N LYS B 345 -19.51 -27.19 8.42
CA LYS B 345 -18.23 -27.88 8.56
C LYS B 345 -18.21 -29.29 7.96
N TYR B 346 -18.78 -29.42 6.75
CA TYR B 346 -18.86 -30.69 6.02
C TYR B 346 -18.57 -30.43 4.53
N LYS B 347 -17.55 -31.09 3.97
CA LYS B 347 -16.99 -30.65 2.66
C LYS B 347 -17.00 -31.65 1.49
N VAL B 348 -16.44 -31.23 0.35
CA VAL B 348 -16.43 -31.96 -0.92
C VAL B 348 -14.99 -32.20 -1.40
N VAL B 349 -14.64 -33.47 -1.71
CA VAL B 349 -13.26 -33.88 -2.13
C VAL B 349 -13.17 -35.17 -2.95
N GLU B 350 -12.20 -35.23 -3.89
CA GLU B 350 -11.84 -36.48 -4.60
C GLU B 350 -10.77 -37.27 -3.88
N ILE B 351 -10.93 -38.59 -3.90
CA ILE B 351 -9.82 -39.50 -3.61
C ILE B 351 -9.04 -39.57 -4.93
N LYS B 352 -7.78 -39.13 -4.89
CA LYS B 352 -6.88 -39.22 -6.05
C LYS B 352 -5.41 -39.39 -5.63
N SER C 2 30.47 8.27 -21.69
CA SER C 2 30.40 6.91 -21.10
C SER C 2 29.70 6.89 -19.72
N ALA C 3 29.51 8.06 -19.12
CA ALA C 3 28.91 8.21 -17.78
C ALA C 3 27.61 9.03 -17.76
N LEU C 4 26.76 8.75 -16.77
CA LEU C 4 25.48 9.45 -16.61
C LEU C 4 25.67 10.76 -15.85
N THR C 5 25.28 11.85 -16.50
CA THR C 5 25.57 13.20 -16.00
C THR C 5 24.54 13.72 -15.00
N GLN C 6 25.02 13.99 -13.79
CA GLN C 6 24.22 14.63 -12.75
C GLN C 6 24.83 15.99 -12.42
N PRO C 7 24.00 16.96 -11.96
CA PRO C 7 24.56 18.13 -11.28
C PRO C 7 25.32 17.67 -10.03
N PRO C 8 26.51 18.24 -9.77
CA PRO C 8 27.32 17.81 -8.63
C PRO C 8 26.68 18.13 -7.28
N SER C 9 25.98 19.27 -7.20
CA SER C 9 25.30 19.72 -5.98
C SER C 9 24.07 20.59 -6.27
N VAL C 10 23.01 20.35 -5.50
CA VAL C 10 21.82 21.21 -5.46
C VAL C 10 21.51 21.61 -4.00
N SER C 11 20.78 22.72 -3.82
CA SER C 11 20.50 23.26 -2.48
C SER C 11 19.14 24.00 -2.38
N LYS C 12 18.27 23.53 -1.47
CA LYS C 12 16.98 24.16 -1.14
C LYS C 12 16.73 24.16 0.40
N SER C 13 15.58 24.69 0.83
CA SER C 13 15.22 24.80 2.27
C SER C 13 14.26 23.68 2.76
N LEU C 14 14.04 23.61 4.08
CA LEU C 14 13.12 22.64 4.72
C LEU C 14 11.67 22.86 4.30
N GLY C 15 11.05 21.80 3.75
CA GLY C 15 9.68 21.86 3.27
C GLY C 15 9.54 22.03 1.76
N GLN C 16 10.50 22.72 1.16
CA GLN C 16 10.55 22.93 -0.30
C GLN C 16 10.83 21.64 -1.07
N SER C 17 10.59 21.69 -2.38
CA SER C 17 10.87 20.56 -3.26
C SER C 17 12.14 20.80 -4.06
N VAL C 18 12.86 19.70 -4.34
CA VAL C 18 14.12 19.74 -5.12
C VAL C 18 14.12 18.71 -6.29
N THR C 19 14.71 19.11 -7.41
CA THR C 19 14.76 18.30 -8.63
C THR C 19 16.18 18.00 -9.09
N ILE C 20 16.48 16.72 -9.18
CA ILE C 20 17.76 16.23 -9.67
C ILE C 20 17.57 15.65 -11.07
N SER C 21 18.35 16.17 -12.02
CA SER C 21 18.37 15.68 -13.41
C SER C 21 19.43 14.59 -13.59
N CYS C 22 19.13 13.63 -14.48
CA CYS C 22 20.01 12.48 -14.75
C CYS C 22 20.05 12.14 -16.25
N THR C 23 21.18 12.44 -16.90
CA THR C 23 21.31 12.41 -18.37
C THR C 23 22.28 11.35 -18.92
N GLY C 24 21.77 10.52 -19.83
CA GLY C 24 22.55 9.47 -20.50
C GLY C 24 22.46 9.51 -22.02
N THR C 25 22.49 8.33 -22.66
CA THR C 25 22.44 8.18 -24.13
C THR C 25 21.18 7.45 -24.64
N SER C 26 21.04 7.33 -25.96
CA SER C 26 19.94 6.60 -26.60
C SER C 26 20.07 5.07 -26.49
N SER C 27 21.17 4.62 -25.87
CA SER C 27 21.46 3.19 -25.66
C SER C 27 21.16 2.71 -24.23
N ASP C 28 20.74 3.63 -23.35
CA ASP C 28 20.40 3.31 -21.94
C ASP C 28 19.07 3.90 -21.43
N ILE C 29 19.03 5.20 -21.14
CA ILE C 29 17.83 5.85 -20.60
C ILE C 29 16.69 6.00 -21.63
N GLY C 30 17.06 6.43 -22.85
CA GLY C 30 16.12 6.63 -23.95
C GLY C 30 15.31 5.40 -24.36
N ALA C 31 15.95 4.24 -24.27
CA ALA C 31 15.36 2.97 -24.64
C ALA C 31 14.71 2.22 -23.48
N TYR C 32 15.30 2.35 -22.29
CA TYR C 32 14.90 1.53 -21.13
C TYR C 32 14.15 2.29 -20.00
N THR C 33 13.44 1.53 -19.17
CA THR C 33 12.77 1.97 -17.93
C THR C 33 13.18 1.07 -16.75
N GLY C 34 14.36 0.45 -16.85
CA GLY C 34 14.94 -0.34 -15.76
C GLY C 34 15.72 0.60 -14.86
N VAL C 35 15.16 1.78 -14.64
CA VAL C 35 15.82 2.90 -13.98
C VAL C 35 15.56 2.86 -12.49
N SER C 36 16.62 3.07 -11.70
CA SER C 36 16.54 3.01 -10.24
C SER C 36 17.36 4.10 -9.53
N TRP C 37 16.75 4.74 -8.53
CA TRP C 37 17.38 5.80 -7.74
C TRP C 37 17.78 5.31 -6.36
N TYR C 38 18.87 5.88 -5.83
CA TYR C 38 19.48 5.41 -4.59
C TYR C 38 20.00 6.54 -3.70
N GLN C 39 19.86 6.33 -2.39
CA GLN C 39 20.30 7.26 -1.34
C GLN C 39 21.58 6.73 -0.67
N GLN C 40 22.58 7.61 -0.49
CA GLN C 40 23.79 7.28 0.30
C GLN C 40 24.24 8.40 1.25
N HIS C 41 23.95 8.20 2.55
CA HIS C 41 24.56 8.96 3.64
C HIS C 41 26.05 8.60 3.68
N SER C 42 26.91 9.54 4.09
CA SER C 42 28.36 9.32 4.12
C SER C 42 28.75 8.17 5.06
N GLY C 43 29.34 7.12 4.47
CA GLY C 43 29.88 5.97 5.23
C GLY C 43 28.97 4.80 5.54
N THR C 44 27.73 4.83 5.04
CA THR C 44 26.79 3.71 5.21
C THR C 44 26.57 2.98 3.88
N ALA C 45 25.81 1.88 3.94
CA ALA C 45 25.36 1.16 2.75
C ALA C 45 24.23 1.92 2.04
N PRO C 46 24.27 2.00 0.69
CA PRO C 46 23.16 2.58 -0.10
C PRO C 46 21.81 1.86 0.07
N ARG C 47 20.73 2.62 -0.10
CA ARG C 47 19.35 2.15 0.12
C ARG C 47 18.53 2.44 -1.14
N LEU C 48 17.74 1.45 -1.56
CA LEU C 48 16.89 1.57 -2.75
C LEU C 48 15.74 2.56 -2.53
N LEU C 49 15.54 3.43 -3.52
CA LEU C 49 14.54 4.51 -3.47
C LEU C 49 13.43 4.38 -4.51
N ILE C 50 13.82 4.53 -5.77
CA ILE C 50 12.90 4.40 -6.91
C ILE C 50 13.43 3.27 -7.79
N TYR C 51 12.51 2.53 -8.39
CA TYR C 51 12.84 1.56 -9.44
C TYR C 51 11.81 1.62 -10.56
N ASP C 52 12.18 1.09 -11.72
CA ASP C 52 11.36 1.11 -12.94
C ASP C 52 10.70 2.49 -13.21
N VAL C 53 11.57 3.51 -13.31
CA VAL C 53 11.20 4.92 -13.55
C VAL C 53 10.53 5.62 -12.37
N SER C 54 9.46 5.03 -11.83
CA SER C 54 8.57 5.74 -10.89
C SER C 54 8.13 4.96 -9.65
N LYS C 55 8.29 3.63 -9.69
CA LYS C 55 7.78 2.73 -8.64
C LYS C 55 8.56 2.82 -7.32
N ARG C 56 7.85 2.64 -6.21
CA ARG C 56 8.46 2.63 -4.87
C ARG C 56 8.33 1.27 -4.19
N PRO C 57 9.43 0.78 -3.57
CA PRO C 57 9.34 -0.42 -2.75
C PRO C 57 8.79 -0.09 -1.37
N SER C 58 8.43 -1.11 -0.61
CA SER C 58 7.94 -0.94 0.75
C SER C 58 9.10 -0.58 1.69
N GLY C 59 8.95 0.54 2.38
CA GLY C 59 9.96 1.07 3.30
C GLY C 59 10.46 2.46 2.94
N VAL C 60 9.89 3.05 1.89
CA VAL C 60 10.31 4.33 1.34
C VAL C 60 9.17 5.36 1.41
N SER C 61 9.46 6.53 1.97
CA SER C 61 8.52 7.65 2.07
C SER C 61 8.05 8.13 0.70
N ASP C 62 6.79 8.53 0.62
CA ASP C 62 6.12 8.94 -0.63
C ASP C 62 6.61 10.28 -1.20
N ARG C 63 7.26 11.06 -0.33
CA ARG C 63 7.84 12.38 -0.65
C ARG C 63 8.78 12.32 -1.86
N PHE C 64 9.30 11.13 -2.12
CA PHE C 64 10.16 10.81 -3.25
C PHE C 64 9.32 10.31 -4.45
N SER C 65 9.67 10.79 -5.65
CA SER C 65 8.98 10.44 -6.90
C SER C 65 9.90 10.54 -8.12
N GLY C 66 9.71 9.62 -9.07
CA GLY C 66 10.58 9.53 -10.27
C GLY C 66 9.88 9.64 -11.62
N SER C 67 10.65 9.96 -12.66
CA SER C 67 10.13 10.29 -14.01
C SER C 67 11.15 10.13 -15.17
N LYS C 68 10.65 10.11 -16.41
CA LYS C 68 11.48 9.91 -17.63
C LYS C 68 10.94 10.61 -18.90
N SER C 69 11.83 11.30 -19.63
CA SER C 69 11.51 11.95 -20.92
C SER C 69 12.69 11.99 -21.90
N GLY C 70 12.49 11.36 -23.06
CA GLY C 70 13.51 11.31 -24.10
C GLY C 70 14.75 10.61 -23.57
N ASN C 71 15.78 11.41 -23.29
CA ASN C 71 17.09 10.91 -22.86
C ASN C 71 17.51 11.31 -21.41
N THR C 72 16.54 11.71 -20.59
CA THR C 72 16.83 12.25 -19.25
C THR C 72 15.86 11.75 -18.16
N ALA C 73 16.44 11.22 -17.07
CA ALA C 73 15.70 10.81 -15.87
C ALA C 73 15.69 11.91 -14.81
N SER C 74 14.68 11.92 -13.96
CA SER C 74 14.54 12.96 -12.93
C SER C 74 13.97 12.46 -11.60
N LEU C 75 14.56 12.94 -10.51
CA LEU C 75 14.12 12.64 -9.15
C LEU C 75 13.58 13.89 -8.45
N THR C 76 12.45 13.72 -7.78
CA THR C 76 11.76 14.81 -7.08
C THR C 76 11.51 14.46 -5.62
N ILE C 77 12.05 15.30 -4.72
CA ILE C 77 11.86 15.14 -3.28
C ILE C 77 11.10 16.34 -2.73
N SER C 78 9.84 16.10 -2.36
CA SER C 78 8.98 17.11 -1.75
C SER C 78 8.97 16.99 -0.22
N GLY C 79 8.69 18.09 0.47
CA GLY C 79 8.60 18.12 1.94
C GLY C 79 9.90 17.75 2.63
N LEU C 80 10.95 18.50 2.30
CA LEU C 80 12.34 18.22 2.68
C LEU C 80 12.57 18.20 4.20
N GLN C 81 13.41 17.25 4.64
CA GLN C 81 13.74 17.05 6.07
C GLN C 81 15.26 17.09 6.31
N THR C 82 15.68 16.96 7.58
CA THR C 82 17.10 16.91 7.95
C THR C 82 17.78 15.58 7.58
N ASP C 83 16.98 14.51 7.56
CA ASP C 83 17.41 13.15 7.18
C ASP C 83 17.81 13.07 5.71
N ASP C 84 17.20 13.92 4.89
CA ASP C 84 17.39 13.94 3.43
C ASP C 84 18.77 14.48 2.94
N GLU C 85 19.62 14.91 3.87
CA GLU C 85 20.93 15.49 3.55
C GLU C 85 22.00 14.43 3.27
N ALA C 86 22.19 14.12 1.98
CA ALA C 86 23.08 13.04 1.51
C ALA C 86 23.52 13.15 0.05
N ASP C 87 24.20 12.10 -0.44
CA ASP C 87 24.58 11.93 -1.84
C ASP C 87 23.57 11.06 -2.59
N TYR C 88 23.26 11.43 -3.84
CA TYR C 88 22.25 10.73 -4.64
C TYR C 88 22.74 10.25 -6.01
N TYR C 89 22.37 9.01 -6.35
CA TYR C 89 22.82 8.34 -7.58
C TYR C 89 21.66 7.67 -8.32
N CYS C 90 21.70 7.76 -9.65
CA CYS C 90 20.78 7.05 -10.55
C CYS C 90 21.47 5.88 -11.25
N CYS C 91 20.70 4.84 -11.60
CA CYS C 91 21.21 3.60 -12.23
C CYS C 91 20.42 3.18 -13.47
N SER C 92 21.13 2.73 -14.50
CA SER C 92 20.51 2.29 -15.76
C SER C 92 21.18 1.11 -16.45
N TYR C 93 20.33 0.22 -16.97
CA TYR C 93 20.70 -0.87 -17.87
C TYR C 93 21.15 -0.27 -19.20
N ARG C 94 22.28 -0.75 -19.72
CA ARG C 94 22.82 -0.30 -21.00
C ARG C 94 22.87 -1.47 -21.99
N THR C 95 22.75 -1.17 -23.28
CA THR C 95 22.75 -2.18 -24.38
C THR C 95 24.02 -3.03 -24.35
N GLY C 96 23.83 -4.31 -24.07
CA GLY C 96 24.93 -5.25 -23.83
C GLY C 96 24.97 -5.73 -22.38
N ALA C 97 23.78 -5.85 -21.77
CA ALA C 97 23.55 -6.37 -20.40
C ALA C 97 24.29 -5.65 -19.25
N THR C 98 24.99 -4.57 -19.58
CA THR C 98 25.77 -3.78 -18.62
C THR C 98 24.89 -2.77 -17.89
N TYR C 99 25.37 -2.36 -16.71
CA TYR C 99 24.74 -1.33 -15.91
C TYR C 99 25.74 -0.20 -15.65
N ILE C 100 25.24 1.02 -15.47
CA ILE C 100 26.09 2.20 -15.35
C ILE C 100 25.55 3.20 -14.31
N PHE C 101 26.45 3.84 -13.57
CA PHE C 101 26.09 4.77 -12.48
C PHE C 101 26.32 6.25 -12.75
N GLY C 102 25.46 7.08 -12.16
CA GLY C 102 25.55 8.53 -12.25
C GLY C 102 26.69 9.12 -11.43
N THR C 103 26.98 10.39 -11.70
CA THR C 103 28.15 11.10 -11.14
C THR C 103 28.01 11.44 -9.65
N GLY C 104 26.78 11.68 -9.22
CA GLY C 104 26.51 11.98 -7.82
C GLY C 104 26.09 13.41 -7.59
N THR C 105 25.00 13.56 -6.85
CA THR C 105 24.45 14.86 -6.48
C THR C 105 24.39 14.96 -4.96
N ARG C 106 25.11 15.95 -4.43
CA ARG C 106 25.09 16.23 -3.01
C ARG C 106 23.94 17.17 -2.70
N VAL C 107 22.99 16.67 -1.91
CA VAL C 107 21.86 17.47 -1.48
C VAL C 107 22.18 18.11 -0.13
N THR C 108 22.11 19.44 -0.11
CA THR C 108 22.34 20.25 1.09
C THR C 108 21.02 20.88 1.51
N VAL C 109 20.56 20.54 2.71
CA VAL C 109 19.33 21.13 3.28
C VAL C 109 19.73 22.32 4.15
N LEU C 110 19.28 23.51 3.74
CA LEU C 110 19.63 24.77 4.40
C LEU C 110 18.73 25.07 5.59
N GLY C 111 19.00 26.21 6.25
CA GLY C 111 18.19 26.72 7.35
C GLY C 111 18.04 25.80 8.55
N GLN C 112 19.08 25.01 8.82
CA GLN C 112 19.11 24.10 9.96
C GLN C 112 19.60 24.85 11.22
N PRO C 113 19.28 24.33 12.43
CA PRO C 113 19.69 24.96 13.69
C PRO C 113 21.18 25.22 13.80
N LYS C 114 21.54 26.38 14.34
CA LYS C 114 22.92 26.74 14.57
C LYS C 114 23.45 26.04 15.82
N GLY C 115 24.44 25.17 15.62
CA GLY C 115 25.03 24.38 16.69
C GLY C 115 26.38 24.93 17.11
N ALA C 116 26.55 25.09 18.42
CA ALA C 116 27.82 25.51 18.99
C ALA C 116 28.77 24.32 19.15
N PRO C 117 30.07 24.49 18.79
CA PRO C 117 31.03 23.39 18.85
C PRO C 117 31.41 22.98 20.27
N SER C 118 31.19 21.71 20.59
CA SER C 118 31.66 21.12 21.84
C SER C 118 33.06 20.57 21.59
N VAL C 119 34.04 21.12 22.32
CA VAL C 119 35.46 20.79 22.14
C VAL C 119 36.12 20.12 23.35
N THR C 120 36.97 19.13 23.06
CA THR C 120 37.77 18.45 24.08
C THR C 120 39.23 18.35 23.61
N LEU C 121 40.13 18.82 24.46
CA LEU C 121 41.57 18.78 24.18
C LEU C 121 42.29 17.88 25.17
N PHE C 122 43.10 16.95 24.64
CA PHE C 122 43.83 15.95 25.43
C PHE C 122 45.36 16.19 25.46
N PRO C 123 46.02 15.98 26.63
CA PRO C 123 47.48 16.02 26.69
C PRO C 123 48.12 14.78 26.03
N PRO C 124 49.41 14.88 25.62
CA PRO C 124 50.10 13.63 25.28
C PRO C 124 50.25 12.78 26.54
N SER C 125 49.87 11.52 26.41
CA SER C 125 49.97 10.55 27.49
C SER C 125 51.42 10.41 27.95
N SER C 126 51.60 10.13 29.24
CA SER C 126 52.92 9.83 29.82
C SER C 126 53.57 8.64 29.09
N GLU C 127 52.72 7.83 28.47
CA GLU C 127 53.11 6.69 27.63
C GLU C 127 53.69 7.11 26.27
N GLU C 128 53.18 8.21 25.72
CA GLU C 128 53.69 8.75 24.44
C GLU C 128 55.03 9.47 24.62
N LEU C 129 55.19 10.13 25.77
CA LEU C 129 56.42 10.82 26.15
C LEU C 129 57.58 9.86 26.46
N GLN C 130 57.23 8.62 26.83
CA GLN C 130 58.17 7.51 27.03
C GLN C 130 58.69 6.94 25.70
N ALA C 131 57.94 7.15 24.62
CA ALA C 131 58.31 6.71 23.26
C ALA C 131 58.93 7.84 22.41
N ASN C 132 59.33 8.92 23.08
CA ASN C 132 59.90 10.14 22.47
C ASN C 132 59.02 10.81 21.40
N LYS C 133 57.71 10.84 21.68
CA LYS C 133 56.73 11.54 20.85
C LYS C 133 55.73 12.31 21.72
N ALA C 134 55.08 13.31 21.11
CA ALA C 134 54.03 14.09 21.76
C ALA C 134 53.01 14.50 20.71
N THR C 135 51.74 14.19 20.99
CA THR C 135 50.65 14.52 20.06
C THR C 135 49.43 15.08 20.79
N LEU C 136 49.09 16.32 20.46
CA LEU C 136 47.90 16.99 20.98
C LEU C 136 46.70 16.74 20.06
N VAL C 137 45.60 16.33 20.67
CA VAL C 137 44.37 15.95 19.95
C VAL C 137 43.24 16.93 20.31
N CYS C 138 42.78 17.70 19.32
CA CYS C 138 41.66 18.64 19.48
C CYS C 138 40.46 18.12 18.71
N LEU C 139 39.44 17.69 19.45
CA LEU C 139 38.26 17.05 18.87
C LEU C 139 37.04 17.95 18.95
N ILE C 140 36.48 18.26 17.79
CA ILE C 140 35.37 19.23 17.65
C ILE C 140 34.10 18.49 17.23
N SER C 141 33.01 18.71 17.96
CA SER C 141 31.73 18.02 17.70
C SER C 141 30.48 18.87 17.91
N ASP C 142 29.38 18.44 17.30
CA ASP C 142 28.03 19.02 17.42
C ASP C 142 27.87 20.47 16.92
N PHE C 143 28.43 20.75 15.75
CA PHE C 143 28.32 22.08 15.13
C PHE C 143 27.63 22.10 13.75
N TYR C 144 27.08 23.26 13.40
CA TYR C 144 26.44 23.53 12.10
C TYR C 144 26.55 25.03 11.79
N PRO C 145 26.85 25.44 10.53
CA PRO C 145 27.06 24.55 9.35
C PRO C 145 28.49 23.99 9.20
N GLY C 146 28.71 23.25 8.10
CA GLY C 146 29.95 22.52 7.85
C GLY C 146 31.13 23.31 7.30
N ALA C 147 31.41 24.45 7.93
CA ALA C 147 32.58 25.26 7.62
C ALA C 147 33.20 25.78 8.93
N VAL C 148 34.41 25.31 9.21
CA VAL C 148 35.11 25.67 10.46
C VAL C 148 36.60 25.99 10.24
N THR C 149 37.08 26.99 10.97
CA THR C 149 38.48 27.41 10.91
C THR C 149 39.16 27.06 12.24
N VAL C 150 40.29 26.36 12.13
CA VAL C 150 41.04 25.86 13.29
C VAL C 150 42.36 26.61 13.44
N ALA C 151 42.62 27.10 14.65
CA ALA C 151 43.86 27.82 14.99
C ALA C 151 44.49 27.30 16.29
N TRP C 152 45.83 27.25 16.31
CA TRP C 152 46.58 26.75 17.46
C TRP C 152 47.48 27.83 18.09
N LYS C 153 47.60 27.79 19.42
CA LYS C 153 48.40 28.77 20.17
C LYS C 153 49.29 28.11 21.25
N ALA C 154 50.55 28.54 21.29
CA ALA C 154 51.49 28.15 22.35
C ALA C 154 51.62 29.31 23.33
N ASP C 155 51.14 29.10 24.57
CA ASP C 155 50.91 30.16 25.57
C ASP C 155 49.93 31.22 25.06
N SER C 156 50.41 32.13 24.23
CA SER C 156 49.61 33.17 23.57
C SER C 156 50.11 33.51 22.16
N SER C 157 51.14 32.78 21.71
CA SER C 157 51.78 32.99 20.41
C SER C 157 51.32 31.98 19.33
N PRO C 158 51.20 32.43 18.06
CA PRO C 158 50.75 31.55 16.96
C PRO C 158 51.75 30.43 16.58
N VAL C 159 51.23 29.22 16.35
CA VAL C 159 52.01 28.09 15.84
C VAL C 159 51.39 27.63 14.51
N LYS C 160 52.21 27.54 13.46
CA LYS C 160 51.76 27.14 12.10
C LYS C 160 52.25 25.74 11.71
N ALA C 161 53.43 25.36 12.20
CA ALA C 161 54.07 24.09 11.84
C ALA C 161 53.63 22.92 12.71
N GLY C 162 53.40 21.77 12.05
CA GLY C 162 53.05 20.51 12.72
C GLY C 162 51.57 20.18 12.83
N VAL C 163 50.74 20.99 12.17
CA VAL C 163 49.27 20.88 12.27
C VAL C 163 48.69 20.06 11.11
N GLU C 164 47.82 19.11 11.46
CA GLU C 164 47.07 18.31 10.49
C GLU C 164 45.59 18.32 10.86
N THR C 165 44.75 18.73 9.91
CA THR C 165 43.31 18.92 10.15
C THR C 165 42.45 18.18 9.11
N THR C 166 41.42 17.45 9.57
CA THR C 166 40.44 16.79 8.68
C THR C 166 39.50 17.81 8.05
N THR C 167 38.89 17.42 6.93
CA THR C 167 37.70 18.10 6.43
C THR C 167 36.57 17.71 7.39
N PRO C 168 35.77 18.70 7.85
CA PRO C 168 34.59 18.42 8.68
C PRO C 168 33.66 17.40 8.03
N SER C 169 33.22 16.42 8.81
CA SER C 169 32.43 15.29 8.32
C SER C 169 31.18 15.05 9.20
N LYS C 170 30.03 14.89 8.54
CA LYS C 170 28.72 14.74 9.22
C LYS C 170 28.60 13.45 10.03
N GLN C 171 28.00 13.57 11.22
CA GLN C 171 27.97 12.50 12.23
C GLN C 171 26.60 11.81 12.30
N SER C 172 26.40 11.06 13.38
CA SER C 172 25.15 10.33 13.66
C SER C 172 23.95 11.23 14.03
N ASN C 173 24.20 12.44 14.51
CA ASN C 173 23.12 13.37 14.91
C ASN C 173 22.84 14.53 13.93
N ASN C 174 23.20 14.32 12.66
CA ASN C 174 23.07 15.30 11.55
C ASN C 174 23.87 16.61 11.67
N LYS C 175 24.60 16.76 12.77
CA LYS C 175 25.56 17.86 12.98
C LYS C 175 26.92 17.44 12.42
N TYR C 176 27.95 18.28 12.58
CA TYR C 176 29.25 18.06 11.95
C TYR C 176 30.40 17.71 12.92
N ALA C 177 31.43 17.03 12.39
CA ALA C 177 32.60 16.62 13.18
C ALA C 177 33.93 16.65 12.41
N ALA C 178 34.92 17.27 13.05
CA ALA C 178 36.31 17.33 12.55
C ALA C 178 37.30 17.09 13.69
N SER C 179 38.53 16.74 13.33
CA SER C 179 39.60 16.51 14.31
C SER C 179 40.92 17.16 13.87
N SER C 180 41.57 17.88 14.80
CA SER C 180 42.84 18.59 14.53
C SER C 180 43.99 18.08 15.41
N TYR C 181 45.13 17.79 14.76
CA TYR C 181 46.27 17.13 15.40
C TYR C 181 47.56 17.95 15.27
N LEU C 182 48.14 18.32 16.41
CA LEU C 182 49.43 19.01 16.45
C LEU C 182 50.55 18.04 16.82
N SER C 183 51.50 17.89 15.89
CA SER C 183 52.67 17.05 16.09
C SER C 183 53.79 17.85 16.75
N LEU C 184 54.28 17.35 17.87
CA LEU C 184 55.36 17.98 18.62
C LEU C 184 56.39 16.97 19.14
N THR C 185 57.48 17.51 19.68
CA THR C 185 58.45 16.73 20.43
C THR C 185 58.07 16.82 21.93
N PRO C 186 58.38 15.76 22.74
CA PRO C 186 58.17 15.83 24.21
C PRO C 186 58.90 16.98 24.91
N GLU C 187 59.95 17.50 24.27
CA GLU C 187 60.65 18.70 24.72
C GLU C 187 59.80 19.94 24.49
N GLN C 188 59.22 20.07 23.28
CA GLN C 188 58.30 21.17 22.91
C GLN C 188 57.07 21.24 23.81
N TRP C 189 56.58 20.07 24.22
CA TRP C 189 55.45 19.96 25.15
C TRP C 189 55.83 20.40 26.57
N LYS C 190 56.83 19.72 27.16
CA LYS C 190 57.27 19.98 28.54
C LYS C 190 57.93 21.35 28.74
N SER C 191 58.32 21.96 27.63
CA SER C 191 58.86 23.32 27.63
C SER C 191 57.79 24.35 27.99
N HIS C 192 56.81 24.56 27.11
CA HIS C 192 55.75 25.55 27.27
C HIS C 192 54.95 25.35 28.57
N ARG C 193 54.57 26.46 29.21
CA ARG C 193 53.74 26.44 30.42
C ARG C 193 52.34 25.87 30.16
N SER C 194 51.82 26.15 28.95
CA SER C 194 50.53 25.68 28.49
C SER C 194 50.38 25.84 26.97
N TYR C 195 49.66 24.92 26.35
CA TYR C 195 49.26 25.03 24.95
C TYR C 195 47.76 25.27 24.88
N SER C 196 47.32 25.90 23.79
CA SER C 196 45.91 26.29 23.62
C SER C 196 45.36 26.00 22.21
N CYS C 197 44.12 25.50 22.15
CA CYS C 197 43.43 25.17 20.90
C CYS C 197 42.21 26.09 20.70
N GLN C 198 42.22 26.87 19.61
CA GLN C 198 41.14 27.82 19.31
C GLN C 198 40.37 27.47 18.03
N VAL C 199 39.05 27.33 18.18
CA VAL C 199 38.16 26.93 17.07
C VAL C 199 37.24 28.10 16.69
N THR C 200 37.36 28.56 15.44
CA THR C 200 36.53 29.65 14.91
C THR C 200 35.40 29.10 14.04
N HIS C 201 34.20 29.13 14.61
CA HIS C 201 32.97 28.77 13.90
C HIS C 201 32.01 29.94 13.93
N GLU C 202 31.60 30.38 12.73
CA GLU C 202 30.77 31.58 12.50
C GLU C 202 31.42 32.84 13.10
N GLY C 203 31.17 33.06 14.40
CA GLY C 203 31.71 34.21 15.14
C GLY C 203 32.36 33.85 16.47
N SER C 204 31.76 32.90 17.19
CA SER C 204 32.25 32.44 18.50
C SER C 204 33.57 31.68 18.38
N THR C 205 34.51 32.02 19.27
CA THR C 205 35.80 31.35 19.34
C THR C 205 35.93 30.66 20.70
N VAL C 206 36.13 29.34 20.67
CA VAL C 206 36.20 28.53 21.89
C VAL C 206 37.65 28.02 22.15
N GLU C 207 38.08 28.12 23.40
CA GLU C 207 39.47 27.81 23.80
C GLU C 207 39.53 26.78 24.93
N LYS C 208 40.46 25.83 24.78
CA LYS C 208 40.81 24.87 25.83
C LYS C 208 42.32 24.89 26.09
N THR C 209 42.72 24.75 27.35
CA THR C 209 44.11 24.88 27.76
C THR C 209 44.58 23.68 28.59
N VAL C 210 45.73 23.10 28.22
CA VAL C 210 46.39 22.01 28.96
C VAL C 210 47.81 22.42 29.36
N ALA C 211 48.17 22.14 30.61
CA ALA C 211 49.50 22.42 31.17
C ALA C 211 50.25 21.12 31.52
N PRO C 212 51.58 21.07 31.29
CA PRO C 212 52.37 19.89 31.67
C PRO C 212 52.56 19.78 33.19
N THR C 213 51.95 18.73 33.77
CA THR C 213 52.10 18.40 35.20
C THR C 213 52.08 16.87 35.37
N GLU D 1 13.85 -11.06 8.00
CA GLU D 1 15.16 -10.37 8.16
C GLU D 1 16.22 -10.92 7.19
N VAL D 2 16.61 -10.10 6.22
CA VAL D 2 17.60 -10.46 5.18
C VAL D 2 18.97 -9.80 5.44
N GLN D 3 20.02 -10.61 5.31
CA GLN D 3 21.39 -10.19 5.64
C GLN D 3 22.40 -10.50 4.55
N LEU D 4 23.44 -9.66 4.48
CA LEU D 4 24.60 -9.88 3.61
C LEU D 4 25.90 -9.59 4.37
N VAL D 5 26.62 -10.66 4.73
CA VAL D 5 27.84 -10.58 5.56
C VAL D 5 29.12 -10.73 4.73
N GLU D 6 29.92 -9.67 4.72
CA GLU D 6 31.15 -9.59 3.91
C GLU D 6 32.41 -9.87 4.75
N SER D 7 33.38 -10.53 4.12
CA SER D 7 34.66 -10.85 4.73
C SER D 7 35.78 -10.93 3.69
N GLY D 8 37.03 -10.90 4.17
CA GLY D 8 38.20 -11.07 3.30
C GLY D 8 38.89 -9.80 2.90
N GLY D 9 38.41 -8.66 3.42
CA GLY D 9 39.03 -7.36 3.20
C GLY D 9 40.42 -7.26 3.80
N GLY D 10 41.09 -6.15 3.53
CA GLY D 10 42.44 -5.91 4.05
C GLY D 10 43.42 -5.49 2.99
N LEU D 11 44.70 -5.43 3.38
CA LEU D 11 45.75 -4.96 2.47
C LEU D 11 46.31 -6.06 1.58
N VAL D 12 46.49 -5.69 0.32
CA VAL D 12 47.19 -6.48 -0.69
C VAL D 12 48.30 -5.61 -1.29
N GLN D 13 49.46 -6.22 -1.54
CA GLN D 13 50.51 -5.58 -2.34
C GLN D 13 50.09 -5.52 -3.82
N PRO D 14 50.48 -4.44 -4.57
CA PRO D 14 50.02 -4.28 -5.97
C PRO D 14 50.62 -5.32 -6.92
N GLY D 15 49.74 -6.01 -7.63
CA GLY D 15 50.09 -7.21 -8.38
C GLY D 15 49.72 -8.48 -7.63
N GLY D 16 49.46 -8.35 -6.32
CA GLY D 16 49.07 -9.46 -5.46
C GLY D 16 47.58 -9.80 -5.52
N SER D 17 47.19 -10.86 -4.81
CA SER D 17 45.85 -11.43 -4.91
C SER D 17 45.04 -11.38 -3.60
N LEU D 18 43.72 -11.32 -3.75
CA LEU D 18 42.77 -11.38 -2.63
C LEU D 18 41.43 -11.94 -3.12
N ARG D 19 40.72 -12.62 -2.24
CA ARG D 19 39.40 -13.18 -2.53
C ARG D 19 38.37 -12.68 -1.50
N LEU D 20 37.28 -12.11 -2.00
CA LEU D 20 36.17 -11.62 -1.16
C LEU D 20 34.98 -12.56 -1.15
N SER D 21 34.34 -12.67 0.01
CA SER D 21 33.18 -13.53 0.20
C SER D 21 32.01 -12.74 0.79
N CYS D 22 30.81 -13.00 0.27
CA CYS D 22 29.58 -12.39 0.79
C CYS D 22 28.59 -13.50 1.18
N ALA D 23 28.31 -13.59 2.48
CA ALA D 23 27.40 -14.59 3.06
C ALA D 23 25.98 -14.05 3.16
N ALA D 24 25.00 -14.85 2.71
CA ALA D 24 23.60 -14.42 2.61
C ALA D 24 22.62 -15.31 3.39
N SER D 25 21.62 -14.67 3.99
CA SER D 25 20.51 -15.35 4.70
C SER D 25 19.24 -14.52 4.67
N GLY D 26 18.09 -15.18 4.92
CA GLY D 26 16.79 -14.50 5.01
C GLY D 26 15.92 -14.50 3.76
N PHE D 27 16.42 -15.08 2.68
CA PHE D 27 15.71 -15.20 1.39
C PHE D 27 16.29 -16.39 0.61
N THR D 28 15.70 -16.72 -0.54
CA THR D 28 16.27 -17.77 -1.41
C THR D 28 17.38 -17.15 -2.27
N PHE D 29 18.60 -17.68 -2.10
CA PHE D 29 19.83 -17.18 -2.80
C PHE D 29 19.75 -17.40 -4.31
N SER D 30 19.40 -18.62 -4.70
CA SER D 30 18.95 -18.91 -6.06
C SER D 30 17.57 -18.27 -6.26
N ASN D 31 17.24 -17.97 -7.52
CA ASN D 31 16.08 -17.13 -7.94
C ASN D 31 16.36 -15.62 -7.96
N SER D 32 17.55 -15.24 -7.50
CA SER D 32 17.99 -13.84 -7.45
C SER D 32 19.40 -13.66 -8.00
N GLY D 33 19.58 -12.68 -8.88
CA GLY D 33 20.90 -12.29 -9.39
C GLY D 33 21.66 -11.47 -8.36
N MET D 34 22.98 -11.38 -8.53
CA MET D 34 23.85 -10.72 -7.55
C MET D 34 24.92 -9.83 -8.21
N ILE D 35 25.34 -8.79 -7.49
CA ILE D 35 26.33 -7.82 -7.98
C ILE D 35 27.36 -7.38 -6.94
N TRP D 36 28.58 -7.13 -7.41
CA TRP D 36 29.61 -6.47 -6.63
C TRP D 36 29.71 -5.00 -7.05
N VAL D 37 29.88 -4.12 -6.06
CA VAL D 37 30.00 -2.66 -6.27
C VAL D 37 31.13 -2.09 -5.39
N ARG D 38 32.01 -1.28 -6.00
CA ARG D 38 33.09 -0.61 -5.27
C ARG D 38 32.95 0.92 -5.22
N GLN D 39 33.58 1.53 -4.22
CA GLN D 39 33.60 2.97 -4.07
C GLN D 39 34.98 3.44 -3.62
N ALA D 40 35.74 4.00 -4.57
CA ALA D 40 37.05 4.62 -4.30
C ALA D 40 36.88 5.78 -3.29
N PRO D 41 37.86 5.95 -2.36
CA PRO D 41 37.70 6.94 -1.27
C PRO D 41 37.36 8.35 -1.75
N GLY D 42 36.16 8.80 -1.39
CA GLY D 42 35.63 10.11 -1.78
C GLY D 42 35.15 10.23 -3.22
N LYS D 43 35.03 9.10 -3.92
CA LYS D 43 34.62 9.08 -5.32
C LYS D 43 33.20 8.54 -5.53
N GLY D 44 32.74 8.56 -6.78
CA GLY D 44 31.46 7.97 -7.17
C GLY D 44 31.49 6.46 -7.12
N LEU D 45 30.32 5.87 -6.91
CA LEU D 45 30.15 4.42 -6.96
C LEU D 45 30.33 3.92 -8.39
N GLU D 46 30.83 2.70 -8.53
CA GLU D 46 30.97 2.04 -9.84
C GLU D 46 30.65 0.54 -9.78
N TRP D 47 29.93 0.04 -10.78
CA TRP D 47 29.56 -1.38 -10.89
C TRP D 47 30.74 -2.27 -11.24
N VAL D 48 30.90 -3.35 -10.47
CA VAL D 48 31.98 -4.31 -10.70
C VAL D 48 31.48 -5.43 -11.62
N SER D 49 30.71 -6.38 -11.07
CA SER D 49 30.33 -7.58 -11.82
C SER D 49 28.91 -8.06 -11.53
N TYR D 50 28.33 -8.71 -12.54
CA TYR D 50 27.04 -9.38 -12.43
C TYR D 50 27.20 -10.89 -12.61
N ILE D 51 26.49 -11.64 -11.78
CA ILE D 51 26.28 -13.07 -11.96
C ILE D 51 24.77 -13.34 -11.88
N SER D 52 24.30 -14.28 -12.70
CA SER D 52 22.90 -14.68 -12.68
C SER D 52 22.66 -15.81 -11.68
N LEU D 53 21.38 -16.05 -11.35
CA LEU D 53 20.94 -16.95 -10.26
C LEU D 53 21.46 -18.40 -10.33
N SER D 54 21.43 -18.97 -11.54
CA SER D 54 21.98 -20.29 -11.77
C SER D 54 23.47 -20.20 -12.12
N GLY D 55 23.89 -19.00 -12.54
CA GLY D 55 25.23 -18.78 -13.09
C GLY D 55 25.16 -18.74 -14.61
N ALA D 56 26.19 -19.27 -15.27
CA ALA D 56 26.34 -19.30 -16.74
C ALA D 56 26.45 -17.92 -17.41
N ASN D 57 25.59 -16.99 -17.01
CA ASN D 57 25.63 -15.60 -17.46
C ASN D 57 26.36 -14.71 -16.46
N THR D 58 27.57 -14.30 -16.84
CA THR D 58 28.43 -13.44 -16.03
C THR D 58 28.87 -12.24 -16.86
N TYR D 59 28.67 -11.04 -16.32
CA TYR D 59 29.01 -9.80 -17.03
C TYR D 59 30.01 -8.95 -16.26
N TYR D 60 30.92 -8.34 -17.02
CA TYR D 60 32.06 -7.61 -16.47
C TYR D 60 32.21 -6.21 -17.10
N ALA D 61 32.79 -5.28 -16.33
CA ALA D 61 33.18 -3.96 -16.80
C ALA D 61 34.62 -3.97 -17.34
N ASP D 62 34.94 -3.01 -18.22
CA ASP D 62 36.20 -2.99 -18.98
C ASP D 62 37.47 -2.72 -18.14
N SER D 63 37.37 -1.79 -17.18
CA SER D 63 38.50 -1.43 -16.30
C SER D 63 38.80 -2.50 -15.25
N VAL D 64 38.22 -3.68 -15.44
CA VAL D 64 38.33 -4.81 -14.52
C VAL D 64 38.40 -6.13 -15.30
N LYS D 65 37.85 -6.12 -16.53
CA LYS D 65 37.81 -7.28 -17.44
C LYS D 65 39.13 -8.02 -17.53
N GLY D 66 39.08 -9.32 -17.24
CA GLY D 66 40.25 -10.18 -17.27
C GLY D 66 41.03 -10.30 -15.98
N ARG D 67 40.69 -9.49 -14.98
CA ARG D 67 41.41 -9.47 -13.70
C ARG D 67 40.57 -9.99 -12.54
N PHE D 68 39.25 -9.83 -12.65
CA PHE D 68 38.31 -10.21 -11.60
C PHE D 68 37.45 -11.37 -12.08
N THR D 69 37.00 -12.19 -11.14
CA THR D 69 36.19 -13.38 -11.44
C THR D 69 35.02 -13.51 -10.47
N ILE D 70 33.81 -13.60 -11.01
CA ILE D 70 32.60 -13.78 -10.20
C ILE D 70 32.14 -15.24 -10.20
N SER D 71 31.85 -15.74 -9.01
CA SER D 71 31.34 -17.08 -8.81
C SER D 71 30.41 -17.12 -7.61
N ARG D 72 29.52 -18.10 -7.62
CA ARG D 72 28.59 -18.30 -6.53
C ARG D 72 28.43 -19.79 -6.23
N ASP D 73 28.09 -20.08 -4.98
CA ASP D 73 27.70 -21.42 -4.57
C ASP D 73 26.26 -21.33 -4.09
N ASN D 74 25.36 -22.02 -4.80
CA ASN D 74 23.91 -22.01 -4.52
C ASN D 74 23.45 -22.98 -3.41
N SER D 75 24.42 -23.69 -2.83
CA SER D 75 24.19 -24.59 -1.70
C SER D 75 24.55 -23.90 -0.39
N GLN D 76 25.81 -23.42 -0.30
CA GLN D 76 26.31 -22.68 0.87
C GLN D 76 25.69 -21.28 0.99
N ASN D 77 25.07 -20.83 -0.11
CA ASN D 77 24.49 -19.49 -0.27
C ASN D 77 25.55 -18.37 -0.13
N THR D 78 26.65 -18.52 -0.86
CA THR D 78 27.77 -17.57 -0.84
C THR D 78 28.11 -17.03 -2.23
N LEU D 79 28.49 -15.76 -2.26
CA LEU D 79 29.02 -15.10 -3.44
C LEU D 79 30.51 -14.89 -3.26
N SER D 80 31.26 -15.17 -4.32
CA SER D 80 32.71 -15.04 -4.28
C SER D 80 33.22 -14.12 -5.38
N LEU D 81 34.27 -13.36 -5.05
CA LEU D 81 34.97 -12.49 -5.99
C LEU D 81 36.49 -12.66 -5.87
N GLN D 82 37.07 -13.37 -6.84
CA GLN D 82 38.52 -13.55 -6.93
C GLN D 82 39.14 -12.41 -7.74
N MET D 83 40.10 -11.72 -7.12
CA MET D 83 40.74 -10.56 -7.74
C MET D 83 42.23 -10.80 -7.92
N ASN D 84 42.69 -10.62 -9.15
CA ASN D 84 44.10 -10.78 -9.53
C ASN D 84 44.65 -9.53 -10.23
N SER D 85 45.99 -9.38 -10.23
CA SER D 85 46.73 -8.24 -10.84
C SER D 85 46.27 -6.86 -10.36
N LEU D 86 46.10 -6.73 -9.05
CA LEU D 86 45.54 -5.54 -8.42
C LEU D 86 46.42 -4.31 -8.56
N ARG D 87 45.78 -3.20 -8.94
CA ARG D 87 46.41 -1.88 -9.01
C ARG D 87 45.79 -0.96 -7.94
N VAL D 88 46.48 0.15 -7.65
CA VAL D 88 46.09 1.09 -6.57
C VAL D 88 44.75 1.79 -6.83
N GLU D 89 44.45 2.03 -8.10
CA GLU D 89 43.17 2.60 -8.55
C GLU D 89 41.93 1.77 -8.15
N ASP D 90 42.18 0.52 -7.76
CA ASP D 90 41.15 -0.40 -7.28
C ASP D 90 40.81 -0.24 -5.80
N THR D 91 41.67 0.47 -5.07
CA THR D 91 41.44 0.77 -3.65
C THR D 91 40.06 1.41 -3.51
N ALA D 92 39.19 0.67 -2.82
CA ALA D 92 37.79 1.04 -2.68
C ALA D 92 37.12 0.28 -1.55
N MET D 93 35.96 0.79 -1.11
CA MET D 93 35.07 0.06 -0.23
C MET D 93 34.17 -0.79 -1.13
N TYR D 94 34.12 -2.08 -0.83
CA TYR D 94 33.46 -3.06 -1.69
C TYR D 94 32.17 -3.60 -1.07
N TYR D 95 31.11 -3.62 -1.88
CA TYR D 95 29.76 -4.00 -1.46
C TYR D 95 29.17 -5.10 -2.34
N CYS D 96 28.62 -6.12 -1.71
CA CYS D 96 27.76 -7.08 -2.40
C CYS D 96 26.32 -6.61 -2.28
N ALA D 97 25.52 -6.88 -3.30
CA ALA D 97 24.11 -6.47 -3.33
C ALA D 97 23.20 -7.45 -4.07
N LYS D 98 22.00 -7.66 -3.50
CA LYS D 98 20.96 -8.51 -4.09
C LYS D 98 20.18 -7.77 -5.19
N GLU D 99 19.78 -8.51 -6.23
CA GLU D 99 18.96 -8.00 -7.32
C GLU D 99 17.49 -8.36 -7.13
N GLY D 100 16.62 -7.36 -7.30
CA GLY D 100 15.21 -7.60 -7.54
C GLY D 100 15.07 -7.93 -9.01
N TRP D 101 14.81 -6.91 -9.83
CA TRP D 101 14.92 -6.98 -11.28
C TRP D 101 15.33 -5.64 -11.86
N SER D 102 16.56 -5.59 -12.39
CA SER D 102 17.20 -4.35 -12.87
C SER D 102 17.40 -3.29 -11.76
N TYR D 103 16.97 -3.63 -10.54
CA TYR D 103 17.17 -2.80 -9.36
C TYR D 103 17.75 -3.63 -8.22
N PHE D 104 18.24 -2.95 -7.20
CA PHE D 104 19.06 -3.58 -6.16
C PHE D 104 18.78 -3.09 -4.74
N ASP D 105 17.81 -3.77 -4.13
CA ASP D 105 17.51 -3.68 -2.70
C ASP D 105 18.52 -4.49 -1.88
N PHE D 106 18.64 -4.16 -0.60
CA PHE D 106 19.51 -4.85 0.40
C PHE D 106 21.01 -4.91 0.06
N TRP D 107 21.83 -4.36 0.96
CA TRP D 107 23.26 -4.21 0.71
C TRP D 107 24.13 -4.71 1.86
N GLY D 108 25.34 -5.16 1.52
CA GLY D 108 26.36 -5.49 2.52
C GLY D 108 26.89 -4.24 3.19
N GLN D 109 27.42 -4.41 4.41
CA GLN D 109 27.98 -3.30 5.20
C GLN D 109 29.21 -2.65 4.57
N GLY D 110 29.96 -3.44 3.78
CA GLY D 110 31.13 -2.98 3.04
C GLY D 110 32.45 -3.45 3.61
N VAL D 111 33.24 -4.13 2.79
CA VAL D 111 34.63 -4.45 3.13
C VAL D 111 35.59 -3.61 2.30
N LEU D 112 36.52 -2.96 2.99
CA LEU D 112 37.48 -2.08 2.34
C LEU D 112 38.67 -2.90 1.83
N VAL D 113 38.88 -2.81 0.52
CA VAL D 113 40.07 -3.39 -0.11
C VAL D 113 40.98 -2.23 -0.48
N THR D 114 42.17 -2.26 0.12
CA THR D 114 43.22 -1.29 -0.17
C THR D 114 44.33 -2.02 -0.90
N VAL D 115 44.78 -1.44 -2.00
CA VAL D 115 45.88 -1.98 -2.80
C VAL D 115 47.09 -1.07 -2.64
N SER D 116 48.04 -1.48 -1.79
CA SER D 116 49.26 -0.72 -1.48
C SER D 116 50.43 -1.60 -1.01
N GLY D 117 51.64 -1.17 -1.36
CA GLY D 117 52.88 -1.93 -1.11
C GLY D 117 53.66 -1.57 0.13
N ALA D 118 53.14 -0.62 0.92
CA ALA D 118 53.69 -0.33 2.25
C ALA D 118 53.55 -1.59 3.10
N SER D 119 54.58 -1.87 3.90
CA SER D 119 54.73 -3.17 4.59
C SER D 119 53.68 -3.50 5.67
N THR D 120 52.56 -2.77 5.64
CA THR D 120 51.42 -2.87 6.58
C THR D 120 51.82 -2.54 8.03
N LYS D 121 51.84 -1.25 8.35
CA LYS D 121 52.28 -0.78 9.65
C LYS D 121 51.20 -0.99 10.72
N GLY D 122 51.51 -1.83 11.70
CA GLY D 122 50.68 -2.05 12.86
C GLY D 122 50.65 -0.81 13.73
N PRO D 123 49.43 -0.32 14.08
CA PRO D 123 49.28 0.95 14.80
C PRO D 123 49.80 0.90 16.23
N SER D 124 50.22 2.06 16.72
CA SER D 124 50.57 2.25 18.12
C SER D 124 49.38 2.84 18.86
N VAL D 125 48.96 2.16 19.92
CA VAL D 125 47.79 2.57 20.74
C VAL D 125 48.25 3.08 22.11
N PHE D 126 47.88 4.33 22.41
CA PHE D 126 48.25 4.99 23.66
C PHE D 126 47.01 5.35 24.49
N PRO D 127 47.09 5.19 25.83
CA PRO D 127 45.95 5.55 26.69
C PRO D 127 45.84 7.05 26.97
N LEU D 128 44.66 7.60 26.68
CA LEU D 128 44.36 9.02 26.92
C LEU D 128 43.56 9.16 28.23
N ALA D 129 44.26 9.61 29.28
CA ALA D 129 43.71 9.69 30.65
C ALA D 129 42.72 10.87 30.84
N PRO D 130 41.60 10.65 31.57
CA PRO D 130 40.64 11.73 31.81
C PRO D 130 41.11 12.72 32.89
N GLY D 138 30.29 14.95 37.72
CA GLY D 138 29.50 14.36 36.64
C GLY D 138 30.07 14.64 35.26
N THR D 139 30.16 13.59 34.44
CA THR D 139 30.60 13.62 33.02
C THR D 139 32.08 13.99 32.80
N ALA D 140 32.83 13.02 32.29
CA ALA D 140 34.25 13.17 31.93
C ALA D 140 34.59 12.39 30.66
N ALA D 141 35.58 12.88 29.91
CA ALA D 141 35.98 12.26 28.63
C ALA D 141 37.34 11.56 28.67
N LEU D 142 37.36 10.29 28.23
CA LEU D 142 38.58 9.50 28.02
C LEU D 142 38.52 8.76 26.67
N GLY D 143 39.70 8.35 26.17
CA GLY D 143 39.78 7.65 24.90
C GLY D 143 41.05 6.90 24.58
N CYS D 144 41.23 6.57 23.30
CA CYS D 144 42.40 5.85 22.81
C CYS D 144 42.90 6.49 21.51
N LEU D 145 44.21 6.74 21.47
CA LEU D 145 44.87 7.26 20.28
C LEU D 145 45.43 6.09 19.46
N VAL D 146 44.96 5.98 18.23
CA VAL D 146 45.43 4.96 17.29
C VAL D 146 46.40 5.63 16.32
N LYS D 147 47.69 5.58 16.67
CA LYS D 147 48.72 6.36 16.01
C LYS D 147 49.46 5.57 14.95
N ASP D 148 49.67 6.24 13.81
CA ASP D 148 50.55 5.80 12.72
C ASP D 148 50.30 4.36 12.24
N TYR D 149 49.19 4.18 11.54
CA TYR D 149 48.86 2.90 10.91
C TYR D 149 48.61 3.08 9.42
N PHE D 150 48.89 2.02 8.66
CA PHE D 150 48.57 1.92 7.25
C PHE D 150 48.15 0.47 6.98
N PRO D 151 46.96 0.24 6.41
CA PRO D 151 46.02 1.28 5.99
C PRO D 151 44.69 1.30 6.79
N GLU D 152 43.67 1.96 6.24
CA GLU D 152 42.29 1.88 6.74
C GLU D 152 41.71 0.49 6.41
N PRO D 153 40.83 -0.07 7.27
CA PRO D 153 40.25 0.60 8.43
C PRO D 153 40.80 0.12 9.78
N VAL D 154 40.44 0.88 10.83
CA VAL D 154 40.68 0.50 12.21
C VAL D 154 39.32 0.50 12.93
N THR D 155 39.01 -0.62 13.59
CA THR D 155 37.75 -0.78 14.35
C THR D 155 37.98 -0.71 15.85
N VAL D 156 37.26 0.20 16.51
CA VAL D 156 37.34 0.41 17.95
C VAL D 156 36.01 0.09 18.62
N SER D 157 36.07 -0.86 19.56
CA SER D 157 34.95 -1.18 20.45
C SER D 157 35.45 -1.06 21.89
N TRP D 158 34.55 -0.75 22.83
CA TRP D 158 34.90 -0.59 24.25
C TRP D 158 34.33 -1.70 25.13
N ASN D 159 35.18 -2.26 25.99
CA ASN D 159 34.88 -3.45 26.85
C ASN D 159 34.38 -4.71 26.09
N SER D 160 34.89 -4.88 24.86
CA SER D 160 34.50 -5.95 23.89
C SER D 160 33.07 -5.79 23.29
N GLY D 161 32.61 -4.54 23.24
CA GLY D 161 31.26 -4.21 22.80
C GLY D 161 30.30 -3.84 23.93
N ALA D 162 30.79 -3.90 25.17
CA ALA D 162 29.97 -3.67 26.38
C ALA D 162 29.58 -2.20 26.63
N LEU D 163 30.44 -1.28 26.21
CA LEU D 163 30.18 0.16 26.30
C LEU D 163 29.91 0.71 24.89
N THR D 164 28.63 1.01 24.61
CA THR D 164 28.21 1.59 23.32
C THR D 164 27.62 3.01 23.43
N SER D 165 27.26 3.44 24.64
CA SER D 165 26.72 4.78 24.89
C SER D 165 27.79 5.75 25.42
N GLY D 166 28.02 6.82 24.64
CA GLY D 166 29.08 7.80 24.91
C GLY D 166 30.22 7.78 23.88
N VAL D 167 30.41 6.62 23.26
CA VAL D 167 31.50 6.36 22.30
C VAL D 167 31.30 7.12 20.98
N HIS D 168 32.34 7.84 20.58
CA HIS D 168 32.36 8.46 19.27
C HIS D 168 33.72 8.24 18.61
N THR D 169 33.70 7.54 17.47
CA THR D 169 34.91 7.23 16.70
C THR D 169 35.09 8.28 15.58
N PHE D 170 36.23 8.97 15.63
CA PHE D 170 36.53 10.08 14.71
C PHE D 170 37.12 9.63 13.38
N PRO D 171 36.79 10.35 12.28
CA PRO D 171 37.46 10.14 11.00
C PRO D 171 38.95 10.46 11.06
N ALA D 172 39.74 9.53 10.54
CA ALA D 172 41.19 9.57 10.62
C ALA D 172 41.79 10.71 9.81
N VAL D 173 42.91 11.22 10.32
CA VAL D 173 43.72 12.18 9.59
C VAL D 173 44.60 11.43 8.60
N LEU D 174 44.91 12.10 7.50
CA LEU D 174 46.00 11.68 6.63
C LEU D 174 47.18 12.63 6.83
N GLN D 175 48.26 12.09 7.42
CA GLN D 175 49.50 12.84 7.70
C GLN D 175 50.40 12.96 6.46
N SER D 176 51.42 13.82 6.55
CA SER D 176 52.39 14.08 5.46
C SER D 176 53.24 12.86 5.12
N SER D 177 53.55 12.08 6.17
CA SER D 177 54.28 10.81 6.05
C SER D 177 53.55 9.77 5.21
N GLY D 178 52.23 9.88 5.15
CA GLY D 178 51.37 8.96 4.42
C GLY D 178 50.67 7.94 5.31
N LEU D 179 50.67 8.19 6.62
CA LEU D 179 50.05 7.28 7.61
C LEU D 179 48.84 7.92 8.30
N TYR D 180 47.81 7.11 8.54
CA TYR D 180 46.58 7.57 9.20
C TYR D 180 46.69 7.58 10.72
N SER D 181 45.90 8.44 11.34
CA SER D 181 45.74 8.48 12.79
C SER D 181 44.34 8.97 13.14
N LEU D 182 43.64 8.18 13.96
CA LEU D 182 42.35 8.57 14.53
C LEU D 182 42.39 8.52 16.05
N SER D 183 41.36 9.09 16.67
CA SER D 183 41.15 8.98 18.11
C SER D 183 39.71 8.61 18.39
N SER D 184 39.50 7.77 19.40
CA SER D 184 38.16 7.37 19.83
C SER D 184 37.91 7.85 21.26
N VAL D 185 36.86 8.64 21.44
CA VAL D 185 36.53 9.22 22.75
C VAL D 185 35.14 8.78 23.24
N VAL D 186 35.05 8.53 24.54
CA VAL D 186 33.79 8.18 25.20
C VAL D 186 33.57 9.14 26.40
N THR D 187 32.31 9.51 26.64
CA THR D 187 31.92 10.36 27.78
C THR D 187 31.13 9.57 28.85
N VAL D 188 31.71 9.45 30.06
CA VAL D 188 31.20 8.61 31.17
C VAL D 188 31.04 9.39 32.51
N PRO D 189 30.21 8.88 33.46
CA PRO D 189 30.04 9.52 34.78
C PRO D 189 31.31 9.59 35.66
N SER D 190 31.40 10.63 36.49
CA SER D 190 32.58 10.92 37.33
C SER D 190 32.78 10.01 38.54
N SER D 191 31.71 9.30 38.91
CA SER D 191 31.73 8.38 40.05
C SER D 191 32.35 7.03 39.72
N SER D 192 32.22 6.61 38.46
CA SER D 192 32.64 5.29 37.98
C SER D 192 34.16 5.12 37.74
N LEU D 193 34.94 6.19 37.96
CA LEU D 193 36.40 6.17 37.74
C LEU D 193 37.23 5.37 38.77
N GLY D 194 36.60 5.01 39.89
CA GLY D 194 37.22 4.16 40.91
C GLY D 194 36.59 2.77 41.09
N THR D 195 35.80 2.34 40.10
CA THR D 195 35.13 1.01 40.09
C THR D 195 35.22 0.32 38.72
N GLN D 196 35.02 1.11 37.66
CA GLN D 196 34.98 0.66 36.27
C GLN D 196 36.33 0.85 35.55
N THR D 197 36.94 -0.26 35.15
CA THR D 197 38.18 -0.25 34.35
C THR D 197 37.79 -0.31 32.86
N TYR D 198 38.32 0.64 32.07
CA TYR D 198 37.93 0.85 30.66
C TYR D 198 38.95 0.31 29.64
N ILE D 199 38.50 -0.62 28.79
CA ILE D 199 39.35 -1.26 27.75
C ILE D 199 38.86 -0.90 26.33
N CYS D 200 39.78 -0.49 25.45
CA CYS D 200 39.48 -0.28 24.02
C CYS D 200 40.07 -1.40 23.15
N ASN D 201 39.25 -1.95 22.27
CA ASN D 201 39.63 -3.13 21.45
C ASN D 201 39.90 -2.78 20.00
N VAL D 202 41.11 -2.29 19.77
CA VAL D 202 41.58 -1.90 18.44
C VAL D 202 41.85 -3.18 17.64
N ASN D 203 41.30 -3.21 16.42
CA ASN D 203 41.57 -4.27 15.48
C ASN D 203 41.94 -3.70 14.11
N HIS D 204 43.23 -3.73 13.80
CA HIS D 204 43.77 -3.36 12.50
C HIS D 204 44.01 -4.67 11.76
N LYS D 205 42.95 -5.17 11.13
CA LYS D 205 42.92 -6.48 10.45
C LYS D 205 44.01 -6.72 9.39
N PRO D 206 44.38 -5.70 8.57
CA PRO D 206 45.46 -5.96 7.59
C PRO D 206 46.86 -6.25 8.16
N SER D 207 47.15 -5.84 9.40
CA SER D 207 48.46 -6.10 10.04
C SER D 207 48.42 -7.09 11.24
N ASN D 208 47.35 -7.89 11.31
CA ASN D 208 47.08 -8.86 12.41
C ASN D 208 47.14 -8.30 13.84
N THR D 209 47.16 -6.98 13.92
CA THR D 209 47.31 -6.25 15.17
C THR D 209 45.97 -6.23 15.92
N LYS D 210 45.88 -7.05 16.96
CA LYS D 210 44.81 -6.96 17.96
C LYS D 210 45.41 -6.49 19.28
N VAL D 211 45.11 -5.25 19.64
CA VAL D 211 45.60 -4.65 20.88
C VAL D 211 44.42 -4.40 21.83
N ASP D 212 44.61 -4.76 23.09
CA ASP D 212 43.68 -4.44 24.17
C ASP D 212 44.44 -3.66 25.27
N LYS D 213 44.16 -2.35 25.33
CA LYS D 213 44.90 -1.40 26.18
C LYS D 213 43.98 -0.75 27.24
N ARG D 214 44.47 -0.69 28.48
CA ARG D 214 43.68 -0.21 29.64
C ARG D 214 43.81 1.30 29.92
N VAL D 215 42.67 1.97 30.14
CA VAL D 215 42.61 3.43 30.40
C VAL D 215 42.31 3.74 31.88
N GLU D 216 43.34 4.26 32.57
CA GLU D 216 43.29 4.57 34.00
C GLU D 216 43.75 6.01 34.27
N PRO D 217 43.11 6.70 35.26
CA PRO D 217 43.42 8.11 35.59
C PRO D 217 44.87 8.40 36.00
N SER E 2 -15.89 15.31 32.80
CA SER E 2 -16.66 15.36 31.53
C SER E 2 -15.78 15.57 30.28
N ALA E 3 -14.52 15.96 30.48
CA ALA E 3 -13.55 16.25 29.40
C ALA E 3 -12.31 15.34 29.39
N LEU E 4 -11.73 15.16 28.21
CA LEU E 4 -10.53 14.33 28.06
C LEU E 4 -9.28 15.15 28.37
N THR E 5 -8.49 14.66 29.33
CA THR E 5 -7.36 15.41 29.90
C THR E 5 -6.05 15.22 29.12
N GLN E 6 -5.54 16.33 28.61
CA GLN E 6 -4.22 16.38 27.96
C GLN E 6 -3.29 17.28 28.78
N PRO E 7 -1.97 17.02 28.71
CA PRO E 7 -1.02 18.05 29.14
C PRO E 7 -1.20 19.30 28.28
N PRO E 8 -1.21 20.50 28.89
CA PRO E 8 -1.43 21.74 28.12
C PRO E 8 -0.31 22.05 27.12
N SER E 9 0.92 21.73 27.50
CA SER E 9 2.10 21.94 26.66
C SER E 9 3.23 20.95 26.92
N VAL E 10 3.85 20.49 25.84
CA VAL E 10 5.09 19.69 25.88
C VAL E 10 6.13 20.33 24.96
N SER E 11 7.41 20.04 25.22
CA SER E 11 8.53 20.65 24.49
C SER E 11 9.78 19.74 24.37
N LYS E 12 10.19 19.48 23.12
CA LYS E 12 11.44 18.73 22.79
C LYS E 12 12.19 19.40 21.61
N SER E 13 13.32 18.82 21.19
CA SER E 13 14.16 19.36 20.11
C SER E 13 13.94 18.68 18.74
N LEU E 14 14.54 19.23 17.68
CA LEU E 14 14.48 18.69 16.30
C LEU E 14 15.14 17.30 16.17
N GLY E 15 14.38 16.32 15.69
CA GLY E 15 14.85 14.95 15.55
C GLY E 15 14.41 14.01 16.66
N GLN E 16 14.25 14.56 17.87
CA GLN E 16 13.78 13.81 19.06
C GLN E 16 12.31 13.38 18.94
N SER E 17 11.91 12.46 19.81
CA SER E 17 10.55 12.00 19.88
C SER E 17 9.81 12.62 21.07
N VAL E 18 8.51 12.85 20.89
CA VAL E 18 7.63 13.42 21.94
C VAL E 18 6.34 12.61 22.14
N THR E 19 5.91 12.51 23.40
CA THR E 19 4.73 11.72 23.78
C THR E 19 3.65 12.55 24.46
N ILE E 20 2.47 12.55 23.86
CA ILE E 20 1.28 13.22 24.39
C ILE E 20 0.34 12.16 24.96
N SER E 21 -0.03 12.34 26.22
CA SER E 21 -1.01 11.48 26.91
C SER E 21 -2.43 12.03 26.78
N CYS E 22 -3.41 11.14 26.70
CA CYS E 22 -4.84 11.49 26.53
C CYS E 22 -5.75 10.61 27.38
N THR E 23 -6.33 11.21 28.43
CA THR E 23 -7.03 10.47 29.49
C THR E 23 -8.54 10.76 29.59
N GLY E 24 -9.34 9.69 29.55
CA GLY E 24 -10.81 9.76 29.68
C GLY E 24 -11.37 8.82 30.73
N THR E 25 -12.58 8.31 30.48
CA THR E 25 -13.29 7.40 31.43
C THR E 25 -13.50 5.98 30.85
N SER E 26 -14.09 5.10 31.67
CA SER E 26 -14.43 3.73 31.29
C SER E 26 -15.65 3.64 30.35
N SER E 27 -16.25 4.80 30.08
CA SER E 27 -17.41 4.92 29.19
C SER E 27 -17.03 5.41 27.78
N ASP E 28 -15.75 5.73 27.57
CA ASP E 28 -15.25 6.21 26.27
C ASP E 28 -13.96 5.51 25.78
N ILE E 29 -12.81 5.86 26.35
CA ILE E 29 -11.51 5.32 25.90
C ILE E 29 -11.32 3.84 26.30
N GLY E 30 -11.67 3.52 27.54
CA GLY E 30 -11.54 2.16 28.09
C GLY E 30 -12.30 1.08 27.34
N ALA E 31 -13.45 1.46 26.78
CA ALA E 31 -14.35 0.56 26.07
C ALA E 31 -14.14 0.54 24.55
N TYR E 32 -13.79 1.69 23.98
CA TYR E 32 -13.78 1.87 22.51
C TYR E 32 -12.36 2.04 21.89
N THR E 33 -12.28 1.80 20.57
CA THR E 33 -11.10 2.07 19.72
C THR E 33 -11.50 2.94 18.50
N GLY E 34 -12.57 3.73 18.65
CA GLY E 34 -12.97 4.70 17.63
C GLY E 34 -12.22 6.01 17.84
N VAL E 35 -10.95 5.87 18.21
CA VAL E 35 -10.09 6.98 18.67
C VAL E 35 -9.39 7.61 17.47
N SER E 36 -9.37 8.94 17.45
CA SER E 36 -8.76 9.71 16.36
C SER E 36 -7.97 10.93 16.83
N TRP E 37 -6.78 11.12 16.26
CA TRP E 37 -5.89 12.24 16.58
C TRP E 37 -5.86 13.29 15.46
N TYR E 38 -5.68 14.55 15.84
CA TYR E 38 -5.81 15.67 14.91
C TYR E 38 -4.78 16.77 15.14
N GLN E 39 -4.33 17.38 14.04
CA GLN E 39 -3.36 18.49 14.04
C GLN E 39 -4.06 19.81 13.70
N GLN E 40 -3.78 20.86 14.47
CA GLN E 40 -4.24 22.22 14.15
C GLN E 40 -3.16 23.28 14.33
N HIS E 41 -2.66 23.77 13.19
CA HIS E 41 -1.89 25.00 13.14
C HIS E 41 -2.84 26.16 13.42
N SER E 42 -2.33 27.24 14.00
CA SER E 42 -3.14 28.40 14.38
C SER E 42 -3.85 29.07 13.19
N GLY E 43 -5.18 29.04 13.20
CA GLY E 43 -6.02 29.72 12.20
C GLY E 43 -6.39 28.97 10.93
N THR E 44 -6.01 27.69 10.84
CA THR E 44 -6.37 26.84 9.69
C THR E 44 -7.39 25.79 10.10
N ALA E 45 -7.86 25.03 9.11
CA ALA E 45 -8.71 23.87 9.34
C ALA E 45 -7.89 22.68 9.87
N PRO E 46 -8.41 21.96 10.90
CA PRO E 46 -7.78 20.74 11.39
C PRO E 46 -7.64 19.62 10.35
N ARG E 47 -6.63 18.77 10.53
CA ARG E 47 -6.28 17.70 9.60
C ARG E 47 -6.22 16.36 10.34
N LEU E 48 -6.82 15.33 9.74
CA LEU E 48 -6.85 13.99 10.30
C LEU E 48 -5.45 13.36 10.32
N LEU E 49 -5.09 12.77 11.46
CA LEU E 49 -3.77 12.18 11.69
C LEU E 49 -3.82 10.67 11.94
N ILE E 50 -4.41 10.27 13.07
CA ILE E 50 -4.57 8.87 13.45
C ILE E 50 -6.07 8.61 13.60
N TYR E 51 -6.49 7.40 13.23
CA TYR E 51 -7.84 6.91 13.51
C TYR E 51 -7.78 5.46 13.94
N ASP E 52 -8.86 5.01 14.60
CA ASP E 52 -8.98 3.66 15.16
C ASP E 52 -7.72 3.21 15.92
N VAL E 53 -7.37 4.01 16.94
CA VAL E 53 -6.19 3.82 17.82
C VAL E 53 -4.84 4.07 17.15
N SER E 54 -4.57 3.41 16.02
CA SER E 54 -3.23 3.35 15.45
C SER E 54 -3.11 3.57 13.94
N LYS E 55 -4.24 3.45 13.23
CA LYS E 55 -4.28 3.50 11.76
C LYS E 55 -4.02 4.90 11.19
N ARG E 56 -3.36 4.93 10.03
CA ARG E 56 -3.06 6.18 9.30
C ARG E 56 -3.79 6.23 7.95
N PRO E 57 -4.41 7.39 7.63
CA PRO E 57 -4.94 7.58 6.28
C PRO E 57 -3.83 7.96 5.30
N SER E 58 -4.15 7.93 4.01
CA SER E 58 -3.23 8.34 2.98
C SER E 58 -3.09 9.86 2.97
N GLY E 59 -1.86 10.34 3.12
CA GLY E 59 -1.54 11.76 3.17
C GLY E 59 -0.85 12.19 4.46
N VAL E 60 -0.56 11.23 5.32
CA VAL E 60 0.03 11.46 6.65
C VAL E 60 1.38 10.74 6.77
N SER E 61 2.40 11.50 7.18
CA SER E 61 3.76 10.99 7.42
C SER E 61 3.78 9.91 8.51
N ASP E 62 4.67 8.92 8.34
CA ASP E 62 4.77 7.74 9.22
C ASP E 62 5.35 8.03 10.61
N ARG E 63 6.04 9.17 10.73
CA ARG E 63 6.66 9.66 11.96
C ARG E 63 5.69 9.72 13.13
N PHE E 64 4.40 9.80 12.79
CA PHE E 64 3.28 9.81 13.72
C PHE E 64 2.78 8.37 13.96
N SER E 65 2.47 8.07 15.23
CA SER E 65 1.98 6.74 15.64
C SER E 65 1.11 6.81 16.90
N GLY E 66 0.07 5.97 16.97
CA GLY E 66 -0.91 5.97 18.07
C GLY E 66 -1.08 4.66 18.83
N SER E 67 -1.63 4.75 20.05
CA SER E 67 -1.71 3.62 21.00
C SER E 67 -2.79 3.76 22.10
N LYS E 68 -3.09 2.65 22.80
CA LYS E 68 -4.14 2.58 23.83
C LYS E 68 -3.88 1.54 24.94
N SER E 69 -4.05 1.96 26.21
CA SER E 69 -3.95 1.06 27.37
C SER E 69 -4.88 1.45 28.52
N GLY E 70 -5.77 0.53 28.89
CA GLY E 70 -6.73 0.74 29.96
C GLY E 70 -7.61 1.92 29.67
N ASN E 71 -7.35 3.04 30.34
CA ASN E 71 -8.15 4.27 30.21
C ASN E 71 -7.42 5.48 29.60
N THR E 72 -6.31 5.23 28.89
CA THR E 72 -5.45 6.31 28.36
C THR E 72 -4.93 6.06 26.93
N ALA E 73 -5.14 7.06 26.06
CA ALA E 73 -4.62 7.06 24.68
C ALA E 73 -3.31 7.84 24.61
N SER E 74 -2.47 7.50 23.63
CA SER E 74 -1.18 8.16 23.46
C SER E 74 -0.74 8.37 22.01
N LEU E 75 -0.18 9.56 21.75
CA LEU E 75 0.35 9.94 20.44
C LEU E 75 1.86 10.10 20.50
N THR E 76 2.54 9.56 19.48
CA THR E 76 4.00 9.57 19.39
C THR E 76 4.47 10.13 18.06
N ILE E 77 5.24 11.21 18.13
CA ILE E 77 5.81 11.87 16.95
C ILE E 77 7.34 11.76 16.98
N SER E 78 7.88 10.91 16.11
CA SER E 78 9.33 10.73 15.96
C SER E 78 9.88 11.58 14.81
N GLY E 79 11.17 11.94 14.90
CA GLY E 79 11.86 12.72 13.85
C GLY E 79 11.27 14.10 13.63
N LEU E 80 11.23 14.88 14.71
CA LEU E 80 10.53 16.17 14.79
C LEU E 80 11.04 17.21 13.79
N GLN E 81 10.11 18.00 13.25
CA GLN E 81 10.39 19.04 12.24
C GLN E 81 9.83 20.41 12.67
N THR E 82 10.09 21.45 11.86
CA THR E 82 9.54 22.80 12.10
C THR E 82 8.04 22.92 11.81
N ASP E 83 7.56 22.08 10.88
CA ASP E 83 6.15 21.98 10.50
C ASP E 83 5.27 21.44 11.65
N ASP E 84 5.87 20.61 12.51
CA ASP E 84 5.18 19.94 13.62
C ASP E 84 4.74 20.86 14.79
N GLU E 85 5.10 22.14 14.71
CA GLU E 85 4.81 23.12 15.76
C GLU E 85 3.36 23.64 15.70
N ALA E 86 2.48 22.99 16.48
CA ALA E 86 1.04 23.27 16.47
C ALA E 86 0.31 22.81 17.74
N ASP E 87 -1.03 22.92 17.73
CA ASP E 87 -1.91 22.40 18.78
C ASP E 87 -2.43 21.01 18.42
N TYR E 88 -2.55 20.14 19.42
CA TYR E 88 -2.97 18.74 19.20
C TYR E 88 -4.14 18.31 20.07
N TYR E 89 -5.09 17.61 19.43
CA TYR E 89 -6.33 17.16 20.07
C TYR E 89 -6.65 15.69 19.75
N CYS E 90 -7.17 14.99 20.75
CA CYS E 90 -7.68 13.62 20.61
C CYS E 90 -9.21 13.59 20.65
N CYS E 91 -9.81 12.59 19.98
CA CYS E 91 -11.27 12.42 19.87
C CYS E 91 -11.76 11.00 20.18
N SER E 92 -12.87 10.91 20.90
CA SER E 92 -13.45 9.62 21.30
C SER E 92 -14.98 9.59 21.31
N TYR E 93 -15.51 8.47 20.83
CA TYR E 93 -16.92 8.08 20.96
C TYR E 93 -17.21 7.77 22.44
N ARG E 94 -18.33 8.29 22.95
CA ARG E 94 -18.76 8.06 24.33
C ARG E 94 -20.13 7.35 24.33
N THR E 95 -20.37 6.55 25.38
CA THR E 95 -21.61 5.76 25.54
C THR E 95 -22.85 6.65 25.48
N GLY E 96 -23.65 6.46 24.43
CA GLY E 96 -24.79 7.32 24.11
C GLY E 96 -24.57 8.09 22.82
N ALA E 97 -23.87 7.45 21.86
CA ALA E 97 -23.60 7.96 20.51
C ALA E 97 -22.88 9.32 20.39
N THR E 98 -22.50 9.88 21.54
CA THR E 98 -21.84 11.18 21.63
C THR E 98 -20.34 11.06 21.39
N TYR E 99 -19.73 12.18 20.99
CA TYR E 99 -18.29 12.29 20.82
C TYR E 99 -17.74 13.43 21.70
N ILE E 100 -16.48 13.34 22.11
CA ILE E 100 -15.87 14.30 23.07
C ILE E 100 -14.39 14.62 22.73
N PHE E 101 -14.00 15.88 22.92
CA PHE E 101 -12.66 16.37 22.55
C PHE E 101 -11.72 16.65 23.73
N GLY E 102 -10.44 16.45 23.47
CA GLY E 102 -9.38 16.72 24.44
C GLY E 102 -9.12 18.20 24.65
N THR E 103 -8.39 18.50 25.72
CA THR E 103 -8.14 19.88 26.17
C THR E 103 -7.17 20.65 25.27
N GLY E 104 -6.23 19.93 24.64
CA GLY E 104 -5.27 20.55 23.73
C GLY E 104 -3.87 20.59 24.27
N THR E 105 -2.94 20.16 23.42
CA THR E 105 -1.53 20.15 23.77
C THR E 105 -0.78 20.98 22.75
N ARG E 106 -0.11 22.02 23.24
CA ARG E 106 0.73 22.87 22.41
C ARG E 106 2.14 22.28 22.32
N VAL E 107 2.50 21.85 21.12
CA VAL E 107 3.83 21.33 20.85
C VAL E 107 4.73 22.47 20.42
N THR E 108 5.81 22.65 21.18
CA THR E 108 6.82 23.65 20.88
C THR E 108 8.11 22.92 20.48
N VAL E 109 8.57 23.19 19.25
CA VAL E 109 9.84 22.62 18.74
C VAL E 109 10.95 23.63 18.98
N LEU E 110 11.91 23.25 19.83
CA LEU E 110 13.02 24.12 20.25
C LEU E 110 14.17 24.13 19.26
N GLY E 111 15.20 24.92 19.58
CA GLY E 111 16.44 25.00 18.81
C GLY E 111 16.27 25.39 17.36
N GLN E 112 15.31 26.26 17.07
CA GLN E 112 15.08 26.78 15.71
C GLN E 112 15.97 28.01 15.45
N PRO E 113 16.23 28.34 14.15
CA PRO E 113 17.10 29.48 13.80
C PRO E 113 16.65 30.80 14.43
N LYS E 114 17.62 31.57 14.90
CA LYS E 114 17.36 32.87 15.50
C LYS E 114 17.09 33.90 14.40
N GLY E 115 15.87 34.43 14.40
CA GLY E 115 15.41 35.38 13.40
C GLY E 115 15.39 36.79 13.92
N ALA E 116 16.00 37.71 13.16
CA ALA E 116 15.99 39.13 13.47
C ALA E 116 14.69 39.79 12.98
N PRO E 117 14.08 40.65 13.82
CA PRO E 117 12.79 41.29 13.46
C PRO E 117 12.91 42.33 12.36
N SER E 118 12.15 42.13 11.29
CA SER E 118 12.02 43.13 10.23
C SER E 118 10.85 44.03 10.60
N VAL E 119 11.15 45.31 10.80
CA VAL E 119 10.14 46.28 11.27
C VAL E 119 9.85 47.38 10.26
N THR E 120 8.57 47.74 10.17
CA THR E 120 8.09 48.84 9.33
C THR E 120 7.15 49.74 10.15
N LEU E 121 7.45 51.03 10.16
CA LEU E 121 6.65 52.05 10.88
C LEU E 121 6.01 53.05 9.89
N PHE E 122 4.70 53.25 10.03
CA PHE E 122 3.92 54.12 9.14
C PHE E 122 3.41 55.39 9.82
N PRO E 123 3.44 56.53 9.11
CA PRO E 123 2.83 57.75 9.64
C PRO E 123 1.30 57.67 9.59
N PRO E 124 0.60 58.49 10.42
CA PRO E 124 -0.83 58.66 10.16
C PRO E 124 -1.02 59.35 8.82
N SER E 125 -1.90 58.78 8.02
CA SER E 125 -2.26 59.33 6.72
C SER E 125 -2.86 60.73 6.87
N SER E 126 -2.62 61.57 5.86
CA SER E 126 -3.23 62.91 5.77
C SER E 126 -4.76 62.84 5.82
N GLU E 127 -5.28 61.68 5.44
CA GLU E 127 -6.70 61.32 5.49
C GLU E 127 -7.22 61.09 6.92
N GLU E 128 -6.36 60.53 7.78
CA GLU E 128 -6.71 60.31 9.20
C GLU E 128 -6.67 61.62 10.00
N LEU E 129 -5.72 62.49 9.66
CA LEU E 129 -5.58 63.83 10.26
C LEU E 129 -6.72 64.78 9.88
N GLN E 130 -7.37 64.49 8.75
CA GLN E 130 -8.60 65.16 8.31
C GLN E 130 -9.83 64.74 9.11
N ALA E 131 -9.76 63.54 9.71
CA ALA E 131 -10.85 62.99 10.53
C ALA E 131 -10.62 63.20 12.06
N ASN E 132 -9.69 64.10 12.39
CA ASN E 132 -9.28 64.42 13.77
C ASN E 132 -8.80 63.20 14.61
N LYS E 133 -8.06 62.30 13.95
CA LYS E 133 -7.41 61.15 14.60
C LYS E 133 -5.97 60.97 14.09
N ALA E 134 -5.16 60.27 14.88
CA ALA E 134 -3.80 59.92 14.51
C ALA E 134 -3.46 58.55 15.10
N THR E 135 -2.99 57.63 14.25
CA THR E 135 -2.62 56.28 14.68
C THR E 135 -1.32 55.79 14.04
N LEU E 136 -0.32 55.54 14.90
CA LEU E 136 0.96 54.99 14.49
C LEU E 136 0.93 53.47 14.55
N VAL E 137 1.37 52.86 13.46
CA VAL E 137 1.34 51.41 13.28
C VAL E 137 2.77 50.86 13.19
N CYS E 138 3.15 50.05 14.18
CA CYS E 138 4.47 49.40 14.21
C CYS E 138 4.31 47.89 13.98
N LEU E 139 4.75 47.44 12.81
CA LEU E 139 4.55 46.05 12.38
C LEU E 139 5.87 45.28 12.43
N ILE E 140 5.87 44.21 13.21
CA ILE E 140 7.06 43.41 13.48
C ILE E 140 6.89 42.02 12.87
N SER E 141 7.87 41.59 12.08
CA SER E 141 7.81 40.30 11.35
C SER E 141 9.14 39.56 11.26
N ASP E 142 9.05 38.25 11.01
CA ASP E 142 10.18 37.33 10.76
C ASP E 142 11.16 37.16 11.92
N PHE E 143 10.63 36.99 13.14
CA PHE E 143 11.46 36.77 14.32
C PHE E 143 11.22 35.43 15.03
N TYR E 144 12.24 34.99 15.78
CA TYR E 144 12.19 33.78 16.62
C TYR E 144 13.18 33.95 17.80
N PRO E 145 12.84 33.54 19.03
CA PRO E 145 11.56 32.90 19.41
C PRO E 145 10.40 33.86 19.71
N GLY E 146 9.26 33.30 20.12
CA GLY E 146 8.00 34.04 20.30
C GLY E 146 7.83 34.80 21.60
N ALA E 147 8.86 35.56 21.97
CA ALA E 147 8.83 36.47 23.11
C ALA E 147 9.48 37.79 22.70
N VAL E 148 8.69 38.85 22.69
CA VAL E 148 9.16 40.18 22.29
C VAL E 148 8.63 41.32 23.19
N THR E 149 9.50 42.28 23.46
CA THR E 149 9.18 43.45 24.27
C THR E 149 9.15 44.69 23.39
N VAL E 150 8.04 45.42 23.47
CA VAL E 150 7.79 46.60 22.63
C VAL E 150 7.83 47.88 23.47
N ALA E 151 8.63 48.84 23.03
CA ALA E 151 8.77 50.15 23.68
C ALA E 151 8.62 51.31 22.69
N TRP E 152 7.95 52.38 23.13
CA TRP E 152 7.69 53.56 22.31
C TRP E 152 8.39 54.81 22.84
N LYS E 153 8.88 55.67 21.93
CA LYS E 153 9.60 56.91 22.29
C LYS E 153 9.13 58.14 21.48
N ALA E 154 8.91 59.26 22.18
CA ALA E 154 8.64 60.56 21.56
C ALA E 154 9.90 61.43 21.62
N ASP E 155 10.46 61.72 20.44
CA ASP E 155 11.82 62.30 20.28
C ASP E 155 12.89 61.37 20.89
N SER E 156 13.03 61.43 22.21
CA SER E 156 13.94 60.58 22.98
C SER E 156 13.37 60.24 24.37
N SER E 157 12.14 60.68 24.63
CA SER E 157 11.44 60.51 25.92
C SER E 157 10.42 59.34 25.89
N PRO E 158 10.29 58.59 27.02
CA PRO E 158 9.34 57.44 27.08
C PRO E 158 7.84 57.83 27.04
N VAL E 159 7.05 57.07 26.27
CA VAL E 159 5.57 57.20 26.25
C VAL E 159 4.95 55.86 26.67
N LYS E 160 4.07 55.91 27.67
CA LYS E 160 3.40 54.73 28.21
C LYS E 160 1.92 54.67 27.83
N ALA E 161 1.29 55.84 27.71
CA ALA E 161 -0.15 55.96 27.46
C ALA E 161 -0.51 55.91 25.97
N GLY E 162 -1.58 55.18 25.67
CA GLY E 162 -2.12 55.06 24.31
C GLY E 162 -1.64 53.87 23.49
N VAL E 163 -0.89 52.98 24.13
CA VAL E 163 -0.25 51.83 23.46
C VAL E 163 -1.12 50.58 23.55
N GLU E 164 -1.34 49.93 22.41
CA GLU E 164 -2.02 48.63 22.34
C GLU E 164 -1.17 47.66 21.53
N THR E 165 -0.84 46.50 22.13
CA THR E 165 0.07 45.51 21.54
C THR E 165 -0.55 44.11 21.54
N THR E 166 -0.43 43.40 20.40
CA THR E 166 -0.86 42.00 20.27
C THR E 166 0.09 41.06 21.00
N THR E 167 -0.42 39.87 21.31
CA THR E 167 0.43 38.72 21.60
C THR E 167 1.05 38.30 20.26
N PRO E 168 2.38 38.09 20.21
CA PRO E 168 3.04 37.56 19.00
C PRO E 168 2.39 36.25 18.51
N SER E 169 2.14 36.19 17.20
CA SER E 169 1.42 35.08 16.58
C SER E 169 2.14 34.55 15.34
N LYS E 170 2.26 33.22 15.26
CA LYS E 170 3.02 32.53 14.20
C LYS E 170 2.40 32.70 12.80
N GLN E 171 3.27 32.90 11.82
CA GLN E 171 2.89 33.27 10.44
C GLN E 171 3.00 32.10 9.47
N SER E 172 2.99 32.42 8.17
CA SER E 172 3.12 31.44 7.08
C SER E 172 4.52 30.82 6.90
N ASN E 173 5.56 31.48 7.42
CA ASN E 173 6.95 31.00 7.28
C ASN E 173 7.59 30.42 8.56
N ASN E 174 6.73 29.94 9.48
CA ASN E 174 7.10 29.38 10.80
C ASN E 174 7.83 30.31 11.80
N LYS E 175 8.05 31.55 11.38
CA LYS E 175 8.57 32.61 12.27
C LYS E 175 7.36 33.34 12.90
N TYR E 176 7.63 34.39 13.68
CA TYR E 176 6.57 35.05 14.49
C TYR E 176 6.18 36.47 14.02
N ALA E 177 4.95 36.89 14.37
CA ALA E 177 4.42 38.21 14.00
C ALA E 177 3.53 38.86 15.06
N ALA E 178 3.85 40.12 15.37
CA ALA E 178 3.09 40.96 16.28
C ALA E 178 2.93 42.37 15.69
N SER E 179 1.95 43.11 16.21
CA SER E 179 1.69 44.49 15.79
C SER E 179 1.40 45.41 16.98
N SER E 180 2.01 46.60 17.00
CA SER E 180 1.87 47.58 18.10
C SER E 180 1.29 48.91 17.61
N TYR E 181 0.26 49.40 18.31
CA TYR E 181 -0.51 50.57 17.89
C TYR E 181 -0.51 51.66 18.95
N LEU E 182 0.00 52.83 18.60
CA LEU E 182 -0.03 54.00 19.47
C LEU E 182 -1.18 54.93 19.04
N SER E 183 -2.10 55.17 19.97
CA SER E 183 -3.22 56.08 19.75
C SER E 183 -2.86 57.50 20.21
N LEU E 184 -3.01 58.46 19.30
CA LEU E 184 -2.69 59.87 19.55
C LEU E 184 -3.73 60.81 18.96
N THR E 185 -3.58 62.10 19.28
CA THR E 185 -4.30 63.18 18.63
C THR E 185 -3.42 63.73 17.48
N PRO E 186 -4.03 64.27 16.39
CA PRO E 186 -3.25 64.93 15.32
C PRO E 186 -2.39 66.11 15.80
N GLU E 187 -2.76 66.71 16.93
CA GLU E 187 -1.96 67.72 17.62
C GLU E 187 -0.69 67.11 18.21
N GLN E 188 -0.84 65.99 18.93
CA GLN E 188 0.28 65.22 19.52
C GLN E 188 1.28 64.75 18.46
N TRP E 189 0.77 64.40 17.28
CA TRP E 189 1.58 64.02 16.13
C TRP E 189 2.35 65.19 15.53
N LYS E 190 1.63 66.22 15.08
CA LYS E 190 2.22 67.38 14.42
C LYS E 190 3.08 68.25 15.37
N SER E 191 2.93 68.04 16.69
CA SER E 191 3.75 68.73 17.70
C SER E 191 5.21 68.26 17.69
N HIS E 192 5.42 66.99 18.05
CA HIS E 192 6.75 66.38 18.14
C HIS E 192 7.50 66.43 16.80
N ARG E 193 8.80 66.67 16.87
CA ARG E 193 9.68 66.69 15.69
C ARG E 193 9.76 65.33 15.00
N SER E 194 9.71 64.27 15.81
CA SER E 194 9.74 62.87 15.36
C SER E 194 9.28 61.92 16.48
N TYR E 195 8.65 60.82 16.08
CA TYR E 195 8.31 59.72 17.00
C TYR E 195 9.15 58.48 16.62
N SER E 196 9.39 57.62 17.60
CA SER E 196 10.26 56.45 17.44
C SER E 196 9.69 55.16 18.06
N CYS E 197 9.83 54.05 17.34
CA CYS E 197 9.38 52.72 17.79
C CYS E 197 10.57 51.78 18.03
N GLN E 198 10.72 51.29 19.27
CA GLN E 198 11.84 50.42 19.65
C GLN E 198 11.38 49.01 20.04
N VAL E 199 11.94 48.01 19.36
CA VAL E 199 11.57 46.61 19.55
C VAL E 199 12.75 45.85 20.17
N THR E 200 12.53 45.32 21.37
CA THR E 200 13.55 44.54 22.08
C THR E 200 13.27 43.04 21.94
N HIS E 201 14.09 42.39 21.11
CA HIS E 201 14.06 40.95 20.93
C HIS E 201 15.45 40.38 21.26
N GLU E 202 15.46 39.43 22.19
CA GLU E 202 16.67 38.83 22.77
C GLU E 202 17.62 39.88 23.34
N GLY E 203 18.47 40.44 22.47
CA GLY E 203 19.42 41.48 22.85
C GLY E 203 19.39 42.70 21.95
N SER E 204 19.20 42.48 20.64
CA SER E 204 19.16 43.53 19.63
C SER E 204 17.92 44.41 19.77
N THR E 205 18.11 45.74 19.70
CA THR E 205 17.03 46.72 19.72
C THR E 205 16.99 47.49 18.40
N VAL E 206 15.87 47.40 17.69
CA VAL E 206 15.71 48.03 16.38
C VAL E 206 14.78 49.25 16.44
N GLU E 207 15.19 50.33 15.76
CA GLU E 207 14.50 51.62 15.81
C GLU E 207 14.14 52.14 14.42
N LYS E 208 12.92 52.66 14.30
CA LYS E 208 12.45 53.38 13.11
C LYS E 208 11.88 54.74 13.51
N THR E 209 12.12 55.76 12.67
CA THR E 209 11.75 57.14 12.99
C THR E 209 10.95 57.79 11.86
N VAL E 210 9.82 58.41 12.21
CA VAL E 210 8.98 59.19 11.26
C VAL E 210 8.83 60.63 11.77
N ALA E 211 8.96 61.59 10.85
CA ALA E 211 8.80 63.02 11.13
C ALA E 211 7.59 63.62 10.38
N PRO E 212 6.83 64.54 11.03
CA PRO E 212 5.70 65.18 10.34
C PRO E 212 6.15 66.17 9.26
N THR E 213 5.87 65.84 8.00
CA THR E 213 6.14 66.71 6.84
C THR E 213 5.03 66.54 5.79
N GLU F 1 -10.60 14.91 -6.44
CA GLU F 1 -10.58 16.16 -5.63
C GLU F 1 -11.91 16.40 -4.88
N VAL F 2 -11.85 16.28 -3.55
CA VAL F 2 -13.03 16.45 -2.68
C VAL F 2 -13.01 17.79 -1.94
N GLN F 3 -14.16 18.46 -1.92
CA GLN F 3 -14.31 19.82 -1.38
C GLN F 3 -15.47 20.00 -0.42
N LEU F 4 -15.29 20.92 0.53
CA LEU F 4 -16.35 21.33 1.46
C LEU F 4 -16.36 22.86 1.60
N VAL F 5 -17.38 23.48 0.99
CA VAL F 5 -17.48 24.94 0.91
C VAL F 5 -18.53 25.47 1.90
N GLU F 6 -18.07 26.29 2.86
CA GLU F 6 -18.92 26.84 3.93
C GLU F 6 -19.34 28.28 3.66
N SER F 7 -20.57 28.61 4.06
CA SER F 7 -21.13 29.97 3.91
C SER F 7 -22.14 30.27 5.02
N GLY F 8 -22.45 31.55 5.19
CA GLY F 8 -23.47 31.98 6.14
C GLY F 8 -22.95 32.52 7.47
N GLY F 9 -21.62 32.58 7.60
CA GLY F 9 -20.97 33.13 8.80
C GLY F 9 -21.24 34.62 8.98
N GLY F 10 -20.74 35.17 10.08
CA GLY F 10 -20.91 36.59 10.36
C GLY F 10 -21.49 36.86 11.73
N LEU F 11 -21.86 38.12 11.96
CA LEU F 11 -22.35 38.54 13.27
C LEU F 11 -23.84 38.34 13.45
N VAL F 12 -24.19 37.83 14.62
CA VAL F 12 -25.56 37.71 15.11
C VAL F 12 -25.62 38.40 16.46
N GLN F 13 -26.71 39.12 16.71
CA GLN F 13 -27.04 39.63 18.05
C GLN F 13 -27.43 38.45 18.96
N PRO F 14 -27.07 38.50 20.26
CA PRO F 14 -27.37 37.36 21.17
C PRO F 14 -28.87 37.17 21.43
N GLY F 15 -29.33 35.95 21.18
CA GLY F 15 -30.77 35.64 21.13
C GLY F 15 -31.26 35.58 19.70
N GLY F 16 -30.48 36.15 18.76
CA GLY F 16 -30.80 36.15 17.34
C GLY F 16 -30.44 34.85 16.65
N SER F 17 -30.79 34.77 15.37
CA SER F 17 -30.66 33.53 14.60
C SER F 17 -29.72 33.64 13.41
N LEU F 18 -29.15 32.49 13.03
CA LEU F 18 -28.29 32.35 11.86
C LEU F 18 -28.35 30.90 11.35
N ARG F 19 -28.18 30.72 10.04
CA ARG F 19 -28.15 29.40 9.40
C ARG F 19 -26.87 29.22 8.57
N LEU F 20 -26.14 28.14 8.87
CA LEU F 20 -24.91 27.80 8.15
C LEU F 20 -25.13 26.69 7.12
N SER F 21 -24.43 26.81 5.99
CA SER F 21 -24.51 25.84 4.90
C SER F 21 -23.12 25.34 4.51
N CYS F 22 -23.01 24.03 4.30
CA CYS F 22 -21.77 23.41 3.82
C CYS F 22 -22.03 22.65 2.52
N ALA F 23 -21.40 23.14 1.45
CA ALA F 23 -21.54 22.57 0.12
C ALA F 23 -20.44 21.53 -0.17
N ALA F 24 -20.83 20.38 -0.70
CA ALA F 24 -19.92 19.25 -0.92
C ALA F 24 -19.86 18.76 -2.37
N SER F 25 -18.65 18.37 -2.79
CA SER F 25 -18.40 17.79 -4.12
C SER F 25 -17.19 16.86 -4.11
N GLY F 26 -17.10 15.98 -5.12
CA GLY F 26 -15.95 15.09 -5.31
C GLY F 26 -16.06 13.68 -4.76
N PHE F 27 -17.21 13.39 -4.14
CA PHE F 27 -17.54 12.06 -3.58
C PHE F 27 -19.07 11.92 -3.52
N THR F 28 -19.56 10.74 -3.11
CA THR F 28 -21.00 10.54 -2.91
C THR F 28 -21.39 11.06 -1.52
N PHE F 29 -22.26 12.08 -1.48
CA PHE F 29 -22.74 12.76 -0.25
C PHE F 29 -23.52 11.81 0.65
N SER F 30 -24.49 11.11 0.06
CA SER F 30 -25.11 9.93 0.67
C SER F 30 -24.09 8.80 0.70
N ASN F 31 -24.25 7.87 1.64
CA ASN F 31 -23.27 6.80 1.99
C ASN F 31 -22.22 7.25 3.03
N SER F 32 -22.24 8.52 3.40
CA SER F 32 -21.31 9.09 4.37
C SER F 32 -22.06 9.95 5.38
N GLY F 33 -21.75 9.74 6.66
CA GLY F 33 -22.25 10.61 7.73
C GLY F 33 -21.49 11.93 7.78
N MET F 34 -22.06 12.93 8.47
CA MET F 34 -21.51 14.29 8.52
C MET F 34 -21.56 14.92 9.91
N ILE F 35 -20.61 15.82 10.18
CA ILE F 35 -20.51 16.49 11.48
C ILE F 35 -20.16 17.97 11.40
N TRP F 36 -20.69 18.73 12.36
CA TRP F 36 -20.30 20.11 12.60
C TRP F 36 -19.38 20.17 13.82
N VAL F 37 -18.35 21.01 13.74
CA VAL F 37 -17.36 21.19 14.81
C VAL F 37 -17.05 22.68 14.96
N ARG F 38 -17.05 23.16 16.21
CA ARG F 38 -16.68 24.55 16.51
C ARG F 38 -15.39 24.69 17.35
N GLN F 39 -14.75 25.85 17.23
CA GLN F 39 -13.56 26.19 18.00
C GLN F 39 -13.60 27.63 18.49
N ALA F 40 -13.89 27.79 19.78
CA ALA F 40 -13.87 29.09 20.46
C ALA F 40 -12.47 29.71 20.35
N PRO F 41 -12.36 31.05 20.17
CA PRO F 41 -11.06 31.67 19.93
C PRO F 41 -10.01 31.31 21.00
N GLY F 42 -8.96 30.61 20.56
CA GLY F 42 -7.87 30.15 21.42
C GLY F 42 -8.18 28.96 22.33
N LYS F 43 -9.33 28.32 22.11
CA LYS F 43 -9.78 27.19 22.93
C LYS F 43 -9.68 25.85 22.22
N GLY F 44 -10.01 24.79 22.95
CA GLY F 44 -10.10 23.44 22.41
C GLY F 44 -11.25 23.29 21.46
N LEU F 45 -11.08 22.38 20.50
CA LEU F 45 -12.16 21.98 19.58
C LEU F 45 -13.24 21.28 20.37
N GLU F 46 -14.48 21.41 19.90
CA GLU F 46 -15.62 20.69 20.46
C GLU F 46 -16.65 20.27 19.39
N TRP F 47 -17.16 19.05 19.52
CA TRP F 47 -18.15 18.48 18.60
C TRP F 47 -19.53 19.13 18.78
N VAL F 48 -20.14 19.48 17.66
CA VAL F 48 -21.47 20.08 17.67
C VAL F 48 -22.55 19.01 17.45
N SER F 49 -22.68 18.52 16.21
CA SER F 49 -23.76 17.60 15.87
C SER F 49 -23.40 16.56 14.82
N TYR F 50 -24.10 15.42 14.91
CA TYR F 50 -24.00 14.34 13.94
C TYR F 50 -25.32 14.13 13.23
N ILE F 51 -25.23 13.92 11.92
CA ILE F 51 -26.34 13.43 11.11
C ILE F 51 -25.85 12.20 10.32
N SER F 52 -26.72 11.20 10.18
CA SER F 52 -26.40 10.00 9.38
C SER F 52 -26.73 10.21 7.90
N LEU F 53 -26.20 9.32 7.05
CA LEU F 53 -26.26 9.45 5.58
C LEU F 53 -27.66 9.62 4.97
N SER F 54 -28.62 8.85 5.46
CA SER F 54 -30.01 8.97 5.04
C SER F 54 -30.74 10.00 5.89
N GLY F 55 -30.19 10.30 7.06
CA GLY F 55 -30.85 11.11 8.09
C GLY F 55 -31.44 10.21 9.15
N ALA F 56 -32.60 10.61 9.68
CA ALA F 56 -33.34 9.91 10.77
C ALA F 56 -32.59 9.82 12.10
N ASN F 57 -31.30 9.46 12.05
CA ASN F 57 -30.40 9.44 13.21
C ASN F 57 -29.60 10.74 13.33
N THR F 58 -29.99 11.57 14.28
CA THR F 58 -29.34 12.85 14.55
C THR F 58 -28.96 12.93 16.02
N TYR F 59 -27.69 13.24 16.28
CA TYR F 59 -27.17 13.30 17.65
C TYR F 59 -26.63 14.69 18.00
N TYR F 60 -26.87 15.09 19.25
CA TYR F 60 -26.55 16.44 19.73
C TYR F 60 -25.80 16.43 21.07
N ALA F 61 -25.01 17.48 21.30
CA ALA F 61 -24.34 17.70 22.58
C ALA F 61 -25.22 18.55 23.52
N ASP F 62 -24.99 18.42 24.83
CA ASP F 62 -25.85 19.02 25.87
C ASP F 62 -25.82 20.54 25.95
N SER F 63 -24.64 21.14 25.80
CA SER F 63 -24.48 22.60 25.81
C SER F 63 -24.99 23.28 24.53
N VAL F 64 -25.74 22.51 23.72
CA VAL F 64 -26.26 22.93 22.43
C VAL F 64 -27.68 22.37 22.22
N LYS F 65 -27.96 21.25 22.87
CA LYS F 65 -29.24 20.55 22.79
C LYS F 65 -30.44 21.47 22.93
N GLY F 66 -31.32 21.38 21.94
CA GLY F 66 -32.55 22.18 21.90
C GLY F 66 -32.44 23.53 21.21
N ARG F 67 -31.21 23.93 20.86
CA ARG F 67 -30.97 25.25 20.25
C ARG F 67 -30.53 25.13 18.79
N PHE F 68 -29.82 24.04 18.49
CA PHE F 68 -29.25 23.80 17.17
C PHE F 68 -30.01 22.68 16.49
N THR F 69 -30.06 22.74 15.16
CA THR F 69 -30.76 21.73 14.35
C THR F 69 -29.93 21.32 13.13
N ILE F 70 -29.69 20.02 13.00
CA ILE F 70 -28.94 19.46 11.87
C ILE F 70 -29.87 18.86 10.82
N SER F 71 -29.59 19.22 9.56
CA SER F 71 -30.34 18.72 8.43
C SER F 71 -29.42 18.63 7.21
N ARG F 72 -29.82 17.76 6.29
CA ARG F 72 -29.11 17.58 5.04
C ARG F 72 -30.09 17.40 3.87
N ASP F 73 -29.63 17.78 2.69
CA ASP F 73 -30.34 17.50 1.45
C ASP F 73 -29.43 16.62 0.59
N ASN F 74 -29.90 15.40 0.34
CA ASN F 74 -29.12 14.40 -0.39
C ASN F 74 -29.18 14.53 -1.91
N SER F 75 -29.93 15.52 -2.38
CA SER F 75 -30.04 15.83 -3.80
C SER F 75 -29.07 16.96 -4.17
N GLN F 76 -29.20 18.10 -3.49
CA GLN F 76 -28.33 19.27 -3.68
C GLN F 76 -26.91 19.03 -3.17
N ASN F 77 -26.78 17.99 -2.33
CA ASN F 77 -25.53 17.64 -1.64
C ASN F 77 -25.05 18.74 -0.66
N THR F 78 -25.95 19.20 0.19
CA THR F 78 -25.68 20.26 1.18
C THR F 78 -25.99 19.84 2.61
N LEU F 79 -25.18 20.34 3.53
CA LEU F 79 -25.44 20.19 4.95
C LEU F 79 -25.85 21.55 5.52
N SER F 80 -26.87 21.51 6.37
CA SER F 80 -27.39 22.73 6.98
C SER F 80 -27.39 22.65 8.50
N LEU F 81 -27.14 23.80 9.12
CA LEU F 81 -27.19 23.95 10.57
C LEU F 81 -27.95 25.22 10.96
N GLN F 82 -29.17 25.04 11.45
CA GLN F 82 -29.98 26.14 11.96
C GLN F 82 -29.71 26.35 13.44
N MET F 83 -29.31 27.58 13.78
CA MET F 83 -28.95 27.94 15.14
C MET F 83 -29.89 29.02 15.68
N ASN F 84 -30.47 28.72 16.83
CA ASN F 84 -31.38 29.64 17.53
C ASN F 84 -30.95 29.88 18.98
N SER F 85 -31.42 31.00 19.56
CA SER F 85 -31.11 31.42 20.95
C SER F 85 -29.60 31.49 21.28
N LEU F 86 -28.84 32.10 20.37
CA LEU F 86 -27.37 32.15 20.45
C LEU F 86 -26.84 32.95 21.64
N ARG F 87 -25.85 32.37 22.32
CA ARG F 87 -25.14 33.05 23.40
C ARG F 87 -23.70 33.30 22.97
N VAL F 88 -23.02 34.20 23.68
CA VAL F 88 -21.66 34.65 23.33
C VAL F 88 -20.63 33.52 23.43
N GLU F 89 -20.86 32.59 24.36
CA GLU F 89 -20.05 31.37 24.52
C GLU F 89 -20.01 30.48 23.26
N ASP F 90 -20.94 30.73 22.32
CA ASP F 90 -21.00 30.03 21.04
C ASP F 90 -20.08 30.62 19.99
N THR F 91 -19.56 31.82 20.24
CA THR F 91 -18.57 32.46 19.35
C THR F 91 -17.40 31.52 19.11
N ALA F 92 -17.30 31.07 17.86
CA ALA F 92 -16.33 30.07 17.45
C ALA F 92 -16.13 30.05 15.93
N MET F 93 -15.03 29.44 15.50
CA MET F 93 -14.82 29.10 14.11
C MET F 93 -15.50 27.76 13.86
N TYR F 94 -16.38 27.72 12.88
CA TYR F 94 -17.24 26.56 12.62
C TYR F 94 -16.82 25.78 11.38
N TYR F 95 -16.72 24.47 11.53
CA TYR F 95 -16.24 23.55 10.49
C TYR F 95 -17.22 22.40 10.24
N CYS F 96 -17.49 22.13 8.96
CA CYS F 96 -18.17 20.90 8.55
C CYS F 96 -17.11 19.87 8.20
N ALA F 97 -17.42 18.60 8.48
CA ALA F 97 -16.48 17.50 8.21
C ALA F 97 -17.16 16.20 7.79
N LYS F 98 -16.55 15.53 6.82
CA LYS F 98 -17.00 14.22 6.31
C LYS F 98 -16.54 13.07 7.21
N GLU F 99 -17.40 12.05 7.33
CA GLU F 99 -17.10 10.84 8.08
C GLU F 99 -16.65 9.71 7.16
N GLY F 100 -15.55 9.06 7.55
CA GLY F 100 -15.22 7.73 7.05
C GLY F 100 -16.06 6.74 7.84
N TRP F 101 -15.49 6.23 8.94
CA TRP F 101 -16.22 5.50 9.98
C TRP F 101 -15.60 5.70 11.36
N SER F 102 -16.34 6.40 12.23
CA SER F 102 -15.86 6.82 13.56
C SER F 102 -14.65 7.76 13.50
N TYR F 103 -14.18 8.05 12.27
CA TYR F 103 -13.11 8.99 12.00
C TYR F 103 -13.53 9.99 10.91
N PHE F 104 -12.77 11.08 10.79
CA PHE F 104 -13.20 12.22 9.98
C PHE F 104 -12.07 12.85 9.15
N ASP F 105 -11.93 12.32 7.95
CA ASP F 105 -11.11 12.88 6.88
C ASP F 105 -11.84 14.04 6.21
N PHE F 106 -11.07 14.94 5.57
CA PHE F 106 -11.57 16.10 4.78
C PHE F 106 -12.42 17.13 5.56
N TRP F 107 -11.95 18.38 5.57
CA TRP F 107 -12.57 19.43 6.38
C TRP F 107 -12.84 20.72 5.60
N GLY F 108 -13.88 21.44 6.02
CA GLY F 108 -14.17 22.78 5.51
C GLY F 108 -13.14 23.78 5.99
N GLN F 109 -12.97 24.86 5.25
CA GLN F 109 -12.01 25.92 5.58
C GLN F 109 -12.32 26.65 6.89
N GLY F 110 -13.61 26.70 7.24
CA GLY F 110 -14.07 27.28 8.50
C GLY F 110 -14.78 28.62 8.33
N VAL F 111 -16.02 28.68 8.82
CA VAL F 111 -16.75 29.95 8.91
C VAL F 111 -16.90 30.39 10.36
N LEU F 112 -16.50 31.64 10.60
CA LEU F 112 -16.52 32.20 11.94
C LEU F 112 -17.91 32.77 12.25
N VAL F 113 -18.52 32.19 13.28
CA VAL F 113 -19.75 32.72 13.83
C VAL F 113 -19.41 33.43 15.13
N THR F 114 -19.69 34.73 15.14
CA THR F 114 -19.50 35.55 16.33
C THR F 114 -20.88 35.93 16.84
N VAL F 115 -21.09 35.75 18.15
CA VAL F 115 -22.33 36.11 18.81
C VAL F 115 -22.06 37.33 19.71
N SER F 116 -22.45 38.51 19.21
CA SER F 116 -22.24 39.79 19.91
C SER F 116 -23.25 40.88 19.49
N GLY F 117 -23.61 41.75 20.45
CA GLY F 117 -24.63 42.78 20.26
C GLY F 117 -24.17 44.19 19.92
N ALA F 118 -22.86 44.36 19.75
CA ALA F 118 -22.30 45.60 19.21
C ALA F 118 -22.86 45.77 17.80
N SER F 119 -23.20 47.01 17.46
CA SER F 119 -24.00 47.33 16.26
C SER F 119 -23.32 47.05 14.90
N THR F 120 -22.27 46.24 14.93
CA THR F 120 -21.44 45.84 13.77
C THR F 120 -20.74 47.03 13.10
N LYS F 121 -19.59 47.41 13.66
CA LYS F 121 -18.85 48.59 13.18
C LYS F 121 -18.07 48.28 11.90
N GLY F 122 -18.45 48.98 10.82
CA GLY F 122 -17.77 48.91 9.54
C GLY F 122 -16.40 49.56 9.64
N PRO F 123 -15.34 48.84 9.23
CA PRO F 123 -13.96 49.29 9.42
C PRO F 123 -13.60 50.51 8.59
N SER F 124 -12.66 51.30 9.11
CA SER F 124 -12.07 52.41 8.39
C SER F 124 -10.76 51.93 7.77
N VAL F 125 -10.64 52.09 6.46
CA VAL F 125 -9.45 51.66 5.72
C VAL F 125 -8.66 52.87 5.23
N PHE F 126 -7.38 52.93 5.62
CA PHE F 126 -6.50 54.03 5.27
C PHE F 126 -5.31 53.56 4.43
N PRO F 127 -4.89 54.37 3.43
CA PRO F 127 -3.73 53.99 2.60
C PRO F 127 -2.37 54.27 3.26
N LEU F 128 -1.54 53.23 3.32
CA LEU F 128 -0.18 53.31 3.89
C LEU F 128 0.86 53.42 2.77
N ALA F 129 1.37 54.64 2.57
CA ALA F 129 2.27 54.97 1.45
C ALA F 129 3.71 54.46 1.65
N PRO F 130 4.34 53.93 0.56
CA PRO F 130 5.72 53.43 0.67
C PRO F 130 6.74 54.56 0.69
N GLY F 138 15.41 48.91 -5.46
CA GLY F 138 14.82 47.57 -5.36
C GLY F 138 14.19 47.31 -4.00
N THR F 139 12.98 46.74 -4.03
CA THR F 139 12.19 46.30 -2.85
C THR F 139 11.71 47.42 -1.90
N ALA F 140 10.38 47.58 -1.83
CA ALA F 140 9.71 48.55 -0.94
C ALA F 140 8.39 47.99 -0.40
N ALA F 141 8.01 48.41 0.82
CA ALA F 141 6.81 47.91 1.48
C ALA F 141 5.67 48.93 1.55
N LEU F 142 4.49 48.51 1.10
CA LEU F 142 3.26 49.28 1.25
C LEU F 142 2.12 48.38 1.72
N GLY F 143 1.06 48.99 2.27
CA GLY F 143 -0.07 48.22 2.78
C GLY F 143 -1.36 48.96 3.03
N CYS F 144 -2.24 48.34 3.82
CA CYS F 144 -3.54 48.91 4.20
C CYS F 144 -3.85 48.67 5.67
N LEU F 145 -4.26 49.75 6.34
CA LEU F 145 -4.66 49.71 7.73
C LEU F 145 -6.18 49.53 7.80
N VAL F 146 -6.59 48.44 8.45
CA VAL F 146 -8.01 48.15 8.66
C VAL F 146 -8.31 48.49 10.13
N LYS F 147 -8.78 49.71 10.34
CA LYS F 147 -8.90 50.29 11.68
C LYS F 147 -10.30 50.18 12.25
N ASP F 148 -10.35 49.81 13.53
CA ASP F 148 -11.55 49.83 14.38
C ASP F 148 -12.79 49.17 13.74
N TYR F 149 -12.75 47.83 13.70
CA TYR F 149 -13.87 47.02 13.24
C TYR F 149 -14.26 45.99 14.29
N PHE F 150 -15.56 45.65 14.30
CA PHE F 150 -16.10 44.57 15.12
C PHE F 150 -17.16 43.88 14.26
N PRO F 151 -17.07 42.56 14.05
CA PRO F 151 -16.00 41.71 14.61
C PRO F 151 -15.07 41.09 13.55
N GLU F 152 -14.35 40.04 13.94
CA GLU F 152 -13.58 39.19 13.02
C GLU F 152 -14.56 38.33 12.20
N PRO F 153 -14.27 38.01 10.93
CA PRO F 153 -12.98 38.30 10.29
C PRO F 153 -13.00 39.45 9.28
N VAL F 154 -11.81 39.87 8.87
CA VAL F 154 -11.61 40.78 7.76
C VAL F 154 -10.70 40.09 6.75
N THR F 155 -11.14 40.04 5.49
CA THR F 155 -10.39 39.42 4.39
C THR F 155 -9.79 40.46 3.45
N VAL F 156 -8.47 40.37 3.25
CA VAL F 156 -7.73 41.29 2.39
C VAL F 156 -7.10 40.52 1.22
N SER F 157 -7.45 40.97 0.02
CA SER F 157 -6.82 40.52 -1.23
C SER F 157 -6.32 41.76 -1.98
N TRP F 158 -5.25 41.60 -2.78
CA TRP F 158 -4.67 42.71 -3.54
C TRP F 158 -4.90 42.59 -5.05
N ASN F 159 -5.36 43.69 -5.65
CA ASN F 159 -5.80 43.78 -7.06
C ASN F 159 -6.90 42.77 -7.48
N SER F 160 -7.78 42.44 -6.53
CA SER F 160 -8.85 41.41 -6.64
C SER F 160 -8.35 39.94 -6.67
N GLY F 161 -7.19 39.71 -6.06
CA GLY F 161 -6.52 38.41 -6.05
C GLY F 161 -5.32 38.33 -6.99
N ALA F 162 -5.05 39.43 -7.71
CA ALA F 162 -3.98 39.52 -8.72
C ALA F 162 -2.58 39.52 -8.16
N LEU F 163 -2.41 40.11 -6.98
CA LEU F 163 -1.14 40.15 -6.30
C LEU F 163 -1.19 39.21 -5.09
N THR F 164 -0.50 38.07 -5.19
CA THR F 164 -0.43 37.07 -4.10
C THR F 164 1.00 36.84 -3.56
N SER F 165 2.02 37.31 -4.30
CA SER F 165 3.42 37.18 -3.85
C SER F 165 3.95 38.49 -3.23
N GLY F 166 4.38 38.39 -1.97
CA GLY F 166 4.81 39.54 -1.16
C GLY F 166 3.85 39.91 -0.03
N VAL F 167 2.58 39.53 -0.21
CA VAL F 167 1.47 39.85 0.71
C VAL F 167 1.58 39.05 2.02
N HIS F 168 1.52 39.78 3.13
CA HIS F 168 1.42 39.15 4.44
C HIS F 168 0.37 39.85 5.28
N THR F 169 -0.66 39.10 5.66
CA THR F 169 -1.76 39.61 6.48
C THR F 169 -1.51 39.27 7.94
N PHE F 170 -1.46 40.32 8.76
CA PHE F 170 -1.13 40.21 10.18
C PHE F 170 -2.34 39.88 11.05
N PRO F 171 -2.12 39.06 12.10
CA PRO F 171 -3.15 38.84 13.11
C PRO F 171 -3.51 40.13 13.83
N ALA F 172 -4.81 40.36 13.97
CA ALA F 172 -5.37 41.60 14.48
C ALA F 172 -5.11 41.82 15.97
N VAL F 173 -5.01 43.10 16.36
CA VAL F 173 -4.94 43.52 17.77
C VAL F 173 -6.33 43.57 18.39
N LEU F 174 -6.39 43.28 19.69
CA LEU F 174 -7.57 43.60 20.48
C LEU F 174 -7.25 44.82 21.33
N GLN F 175 -7.89 45.94 20.99
CA GLN F 175 -7.72 47.22 21.70
C GLN F 175 -8.57 47.27 22.98
N SER F 176 -8.31 48.28 23.83
CA SER F 176 -9.02 48.48 25.11
C SER F 176 -10.50 48.82 24.94
N SER F 177 -10.80 49.54 23.85
CA SER F 177 -12.17 49.88 23.44
C SER F 177 -13.03 48.65 23.15
N GLY F 178 -12.37 47.56 22.74
CA GLY F 178 -13.02 46.31 22.39
C GLY F 178 -13.12 46.08 20.89
N LEU F 179 -12.36 46.87 20.12
CA LEU F 179 -12.37 46.81 18.65
C LEU F 179 -11.04 46.31 18.09
N TYR F 180 -11.14 45.49 17.05
CA TYR F 180 -9.97 44.92 16.37
C TYR F 180 -9.36 45.88 15.36
N SER F 181 -8.06 45.70 15.12
CA SER F 181 -7.34 46.39 14.06
C SER F 181 -6.17 45.53 13.56
N LEU F 182 -6.14 45.29 12.25
CA LEU F 182 -5.01 44.62 11.60
C LEU F 182 -4.40 45.49 10.51
N SER F 183 -3.23 45.08 10.03
CA SER F 183 -2.61 45.71 8.87
C SER F 183 -2.12 44.64 7.92
N SER F 184 -2.24 44.93 6.63
CA SER F 184 -1.77 44.04 5.58
C SER F 184 -0.67 44.72 4.78
N VAL F 185 0.51 44.10 4.73
CA VAL F 185 1.67 44.65 4.02
C VAL F 185 2.15 43.74 2.89
N VAL F 186 2.57 44.38 1.80
CA VAL F 186 3.13 43.68 0.65
C VAL F 186 4.50 44.31 0.30
N THR F 187 5.43 43.48 -0.15
CA THR F 187 6.76 43.93 -0.57
C THR F 187 6.96 43.76 -2.09
N VAL F 188 7.13 44.90 -2.79
CA VAL F 188 7.18 44.98 -4.28
C VAL F 188 8.44 45.71 -4.83
N PRO F 189 8.81 45.51 -6.12
CA PRO F 189 9.97 46.20 -6.74
C PRO F 189 9.86 47.74 -6.84
N SER F 190 11.01 48.42 -6.76
CA SER F 190 11.08 49.90 -6.73
C SER F 190 10.80 50.61 -8.06
N SER F 191 10.86 49.85 -9.15
CA SER F 191 10.60 50.36 -10.51
C SER F 191 9.10 50.46 -10.85
N SER F 192 8.30 49.60 -10.25
CA SER F 192 6.85 49.48 -10.53
C SER F 192 5.95 50.55 -9.89
N LEU F 193 6.52 51.46 -9.10
CA LEU F 193 5.76 52.52 -8.39
C LEU F 193 5.21 53.65 -9.28
N GLY F 194 5.69 53.72 -10.52
CA GLY F 194 5.20 54.68 -11.52
C GLY F 194 4.48 54.08 -12.72
N THR F 195 4.07 52.82 -12.61
CA THR F 195 3.32 52.08 -13.65
C THR F 195 2.14 51.29 -13.05
N GLN F 196 2.40 50.68 -11.89
CA GLN F 196 1.47 49.78 -11.19
C GLN F 196 0.71 50.50 -10.05
N THR F 197 -0.61 50.62 -10.21
CA THR F 197 -1.49 51.18 -9.16
C THR F 197 -2.01 50.01 -8.29
N TYR F 198 -1.83 50.15 -6.97
CA TYR F 198 -2.10 49.05 -6.03
C TYR F 198 -3.41 49.20 -5.25
N ILE F 199 -4.31 48.21 -5.39
CA ILE F 199 -5.63 48.20 -4.73
C ILE F 199 -5.74 47.04 -3.72
N CYS F 200 -6.22 47.35 -2.51
CA CYS F 200 -6.54 46.34 -1.47
C CYS F 200 -8.06 46.15 -1.32
N ASN F 201 -8.52 44.90 -1.32
CA ASN F 201 -9.97 44.57 -1.30
C ASN F 201 -10.47 44.01 0.04
N VAL F 202 -10.69 44.95 0.96
CA VAL F 202 -11.19 44.65 2.31
C VAL F 202 -12.65 44.24 2.20
N ASN F 203 -12.97 43.10 2.83
CA ASN F 203 -14.35 42.64 2.96
C ASN F 203 -14.64 42.26 4.40
N HIS F 204 -15.38 43.14 5.08
CA HIS F 204 -15.88 42.90 6.42
C HIS F 204 -17.34 42.50 6.23
N LYS F 205 -17.54 41.20 5.96
CA LYS F 205 -18.84 40.61 5.63
C LYS F 205 -19.99 40.85 6.64
N PRO F 206 -19.71 40.83 7.97
CA PRO F 206 -20.82 41.10 8.92
C PRO F 206 -21.43 42.51 8.89
N SER F 207 -20.68 43.51 8.40
CA SER F 207 -21.17 44.91 8.28
C SER F 207 -21.39 45.39 6.82
N ASN F 208 -21.51 44.43 5.88
CA ASN F 208 -21.67 44.67 4.42
C ASN F 208 -20.65 45.63 3.77
N THR F 209 -19.60 45.93 4.54
CA THR F 209 -18.55 46.86 4.17
C THR F 209 -17.63 46.18 3.15
N LYS F 210 -17.81 46.55 1.89
CA LYS F 210 -16.83 46.27 0.84
C LYS F 210 -16.16 47.57 0.42
N VAL F 211 -14.90 47.72 0.81
CA VAL F 211 -14.09 48.93 0.49
C VAL F 211 -12.98 48.53 -0.50
N ASP F 212 -12.80 49.36 -1.54
CA ASP F 212 -11.66 49.26 -2.47
C ASP F 212 -10.89 50.61 -2.50
N LYS F 213 -9.71 50.61 -1.88
CA LYS F 213 -8.90 51.82 -1.60
C LYS F 213 -7.53 51.77 -2.31
N ARG F 214 -7.14 52.88 -2.97
CA ARG F 214 -5.91 52.96 -3.80
C ARG F 214 -4.66 53.41 -3.02
N VAL F 215 -3.55 52.69 -3.21
CA VAL F 215 -2.26 53.01 -2.55
C VAL F 215 -1.26 53.64 -3.51
N GLU F 216 -1.00 54.94 -3.30
CA GLU F 216 -0.12 55.76 -4.14
C GLU F 216 0.93 56.53 -3.29
N PRO F 217 2.19 56.65 -3.79
CA PRO F 217 3.30 57.31 -3.07
C PRO F 217 3.05 58.76 -2.63
#